data_1JJ8
# 
_entry.id   1JJ8 
# 
_audit_conform.dict_name       mmcif_pdbx.dic 
_audit_conform.dict_version    5.389 
_audit_conform.dict_location   http://mmcif.pdb.org/dictionaries/ascii/mmcif_pdbx.dic 
# 
loop_
_database_2.database_id 
_database_2.database_code 
_database_2.pdbx_database_accession 
_database_2.pdbx_DOI 
PDB   1JJ8         pdb_00001jj8 10.2210/pdb1jj8/pdb 
NDB   PD0229       ?            ?                   
RCSB  RCSB013835   ?            ?                   
WWPDB D_1000013835 ?            ?                   
# 
loop_
_pdbx_audit_revision_history.ordinal 
_pdbx_audit_revision_history.data_content_type 
_pdbx_audit_revision_history.major_revision 
_pdbx_audit_revision_history.minor_revision 
_pdbx_audit_revision_history.revision_date 
1 'Structure model' 1 0 2002-02-22 
2 'Structure model' 1 1 2008-04-27 
3 'Structure model' 1 2 2011-07-13 
4 'Structure model' 1 3 2015-02-04 
5 'Structure model' 1 4 2024-02-07 
6 'Structure model' 1 5 2024-04-03 
# 
_pdbx_audit_revision_details.ordinal             1 
_pdbx_audit_revision_details.revision_ordinal    1 
_pdbx_audit_revision_details.data_content_type   'Structure model' 
_pdbx_audit_revision_details.provider            repository 
_pdbx_audit_revision_details.type                'Initial release' 
_pdbx_audit_revision_details.description         ? 
_pdbx_audit_revision_details.details             ? 
# 
loop_
_pdbx_audit_revision_group.ordinal 
_pdbx_audit_revision_group.revision_ordinal 
_pdbx_audit_revision_group.data_content_type 
_pdbx_audit_revision_group.group 
1 2 'Structure model' 'Version format compliance' 
2 3 'Structure model' 'Version format compliance' 
3 4 'Structure model' 'Database references'       
4 4 'Structure model' Other                       
5 5 'Structure model' 'Data collection'           
6 5 'Structure model' 'Database references'       
7 5 'Structure model' 'Derived calculations'      
8 6 'Structure model' 'Refinement description'    
# 
loop_
_pdbx_audit_revision_category.ordinal 
_pdbx_audit_revision_category.revision_ordinal 
_pdbx_audit_revision_category.data_content_type 
_pdbx_audit_revision_category.category 
1 5 'Structure model' chem_comp_atom                
2 5 'Structure model' chem_comp_bond                
3 5 'Structure model' database_2                    
4 5 'Structure model' struct_conn                   
5 6 'Structure model' pdbx_initial_refinement_model 
# 
loop_
_pdbx_audit_revision_item.ordinal 
_pdbx_audit_revision_item.revision_ordinal 
_pdbx_audit_revision_item.data_content_type 
_pdbx_audit_revision_item.item 
1 5 'Structure model' '_database_2.pdbx_DOI'                
2 5 'Structure model' '_database_2.pdbx_database_accession' 
3 5 'Structure model' '_struct_conn.pdbx_leaving_atom_flag' 
# 
_pdbx_database_status.status_code                     REL 
_pdbx_database_status.entry_id                        1JJ8 
_pdbx_database_status.recvd_initial_deposition_date   2001-07-03 
_pdbx_database_status.deposit_site                    RCSB 
_pdbx_database_status.process_site                    RCSB 
_pdbx_database_status.status_code_sf                  REL 
_pdbx_database_status.SG_entry                        . 
_pdbx_database_status.status_code_mr                  ? 
_pdbx_database_status.status_code_cs                  ? 
_pdbx_database_status.methods_development_category    ? 
_pdbx_database_status.pdb_format_compatible           Y 
_pdbx_database_status.status_code_nmr_data            ? 
# 
loop_
_pdbx_database_related.db_name 
_pdbx_database_related.db_id 
_pdbx_database_related.details 
_pdbx_database_related.content_type 
PDB 1HCR 
;Native wild-type Hin recombinase DNA-binding domain bound to underivatized 
hixL half-site.
;
unspecified 
PDB 1IJW 'FORM1 BR18 DERIVATIVE'                                                                       unspecified 
PDB 1JJ6 'FORM1 I5 DERIVATIVE'                                                                         unspecified 
PDB 1JKO 'FORM1 A10G MUTANT'                                                                           unspecified 
PDB 1JKP 'FORM1 T11G MUTANT'                                                                           unspecified 
PDB 1JKQ 'FORM1 G9T MUTANT'                                                                            unspecified 
PDB 1JKR 'FORM1 T11C MUTANT'                                                                           unspecified 
# 
loop_
_audit_author.name 
_audit_author.pdbx_ordinal 
'Chiu, T.K.'      1 
'Sohn, C.'        2 
'Johnson, R.C.'   3 
'Dickerson, R.E.' 4 
# 
loop_
_citation.id 
_citation.title 
_citation.journal_abbrev 
_citation.journal_volume 
_citation.page_first 
_citation.page_last 
_citation.year 
_citation.journal_id_ASTM 
_citation.country 
_citation.journal_id_ISSN 
_citation.journal_id_CSD 
_citation.book_publisher 
_citation.pdbx_database_id_PubMed 
_citation.pdbx_database_id_DOI 
primary 'Testing water-mediated DNA recognition by the Hin recombinase.' 'EMBO J.' 21  801 814 2002 EMJODG UK 0261-4189 0897 ? 
11847127 10.1093/emboj/21.4.801 
1       
'How Hin Recombinase, FIS and Cations Bind DNA. Chapter 4. Water-Mediated Sequence-Specific Recognition by Hin Recombinase.' 
Thesis    ?   145 241 2001 ?      ?  ?         ?    ? ?        ?                      
2       'Hin recombinase bound to DNA: the origin of specificity in major and minor groove interactions.' Science   263 348 355 
1994 SCIEAS US 0036-8075 0038 ? 8278807  ?                      
# 
loop_
_citation_author.citation_id 
_citation_author.name 
_citation_author.ordinal 
_citation_author.identifier_ORCID 
primary 'Chiu, T.K.'      1 ? 
primary 'Sohn, C.'        2 ? 
primary 'Dickerson, R.E.' 3 ? 
primary 'Johnson, R.C.'   4 ? 
1       'Chiu, T.K.'      5 ? 
2       'Feng, J.A.'      6 ? 
2       'Johnson, R.C.'   7 ? 
2       'Dickerson, R.E.' 8 ? 
# 
loop_
_entity.id 
_entity.type 
_entity.src_method 
_entity.pdbx_description 
_entity.formula_weight 
_entity.pdbx_number_of_molecules 
_entity.pdbx_ec 
_entity.pdbx_mutation 
_entity.pdbx_fragment 
_entity.details 
1 polymer syn "5'-D(*TP*GP*(5IT)P*TP*TP*TP*TP*GP*AP*TP*AP*AP*GP*A)-3'" 4436.707 1  ? ? ?                     ? 
2 polymer syn "5'-D(*AP*TP*CP*TP*TP*AP*TP*CP*AP*AP*AP*AP*AP*C)-3'"     4231.806 1  ? ? ?                     ? 
3 polymer syn 'DNA-INVERTASE HIN'                                      6047.051 1  ? ? 'RESIDUES 139 TO 190' ? 
4 water   nat water                                                    18.015   12 ? ? ?                     ? 
# 
_entity_name_com.entity_id   3 
_entity_name_com.name        'Hin Recombinase' 
# 
loop_
_entity_poly.entity_id 
_entity_poly.type 
_entity_poly.nstd_linkage 
_entity_poly.nstd_monomer 
_entity_poly.pdbx_seq_one_letter_code 
_entity_poly.pdbx_seq_one_letter_code_can 
_entity_poly.pdbx_strand_id 
_entity_poly.pdbx_target_identifier 
1 polydeoxyribonucleotide no yes '(DT)(DG)(5IU)(DT)(DT)(DT)(DT)(DG)(DA)(DT)(DA)(DA)(DG)(DA)' TGUTTTTGATAAGA A ? 
2 polydeoxyribonucleotide no no  '(DA)(DT)(DC)(DT)(DT)(DA)(DT)(DC)(DA)(DA)(DA)(DA)(DA)(DC)'  ATCTTATCAAAAAC B ? 
3 'polypeptide(L)'        no no  GRPRAINKHEQEQISRLLEKGHPRQQLAIIFGIGVSTLYRYFPASSIKKRMN        
GRPRAINKHEQEQISRLLEKGHPRQQLAIIFGIGVSTLYRYFPASSIKKRMN C ? 
# 
_pdbx_entity_nonpoly.entity_id   4 
_pdbx_entity_nonpoly.name        water 
_pdbx_entity_nonpoly.comp_id     HOH 
# 
loop_
_entity_poly_seq.entity_id 
_entity_poly_seq.num 
_entity_poly_seq.mon_id 
_entity_poly_seq.hetero 
1 1  DT  n 
1 2  DG  n 
1 3  5IU n 
1 4  DT  n 
1 5  DT  n 
1 6  DT  n 
1 7  DT  n 
1 8  DG  n 
1 9  DA  n 
1 10 DT  n 
1 11 DA  n 
1 12 DA  n 
1 13 DG  n 
1 14 DA  n 
2 1  DA  n 
2 2  DT  n 
2 3  DC  n 
2 4  DT  n 
2 5  DT  n 
2 6  DA  n 
2 7  DT  n 
2 8  DC  n 
2 9  DA  n 
2 10 DA  n 
2 11 DA  n 
2 12 DA  n 
2 13 DA  n 
2 14 DC  n 
3 1  GLY n 
3 2  ARG n 
3 3  PRO n 
3 4  ARG n 
3 5  ALA n 
3 6  ILE n 
3 7  ASN n 
3 8  LYS n 
3 9  HIS n 
3 10 GLU n 
3 11 GLN n 
3 12 GLU n 
3 13 GLN n 
3 14 ILE n 
3 15 SER n 
3 16 ARG n 
3 17 LEU n 
3 18 LEU n 
3 19 GLU n 
3 20 LYS n 
3 21 GLY n 
3 22 HIS n 
3 23 PRO n 
3 24 ARG n 
3 25 GLN n 
3 26 GLN n 
3 27 LEU n 
3 28 ALA n 
3 29 ILE n 
3 30 ILE n 
3 31 PHE n 
3 32 GLY n 
3 33 ILE n 
3 34 GLY n 
3 35 VAL n 
3 36 SER n 
3 37 THR n 
3 38 LEU n 
3 39 TYR n 
3 40 ARG n 
3 41 TYR n 
3 42 PHE n 
3 43 PRO n 
3 44 ALA n 
3 45 SER n 
3 46 SER n 
3 47 ILE n 
3 48 LYS n 
3 49 LYS n 
3 50 ARG n 
3 51 MET n 
3 52 ASN n 
# 
_pdbx_entity_src_syn.entity_id              3 
_pdbx_entity_src_syn.pdbx_src_id            1 
_pdbx_entity_src_syn.pdbx_alt_source_flag   sample 
_pdbx_entity_src_syn.pdbx_beg_seq_num       ? 
_pdbx_entity_src_syn.pdbx_end_seq_num       ? 
_pdbx_entity_src_syn.organism_scientific    ? 
_pdbx_entity_src_syn.organism_common_name   ? 
_pdbx_entity_src_syn.ncbi_taxonomy_id       ? 
_pdbx_entity_src_syn.details                'SYNTHETIC PEPTIDE' 
# 
loop_
_chem_comp.id 
_chem_comp.type 
_chem_comp.mon_nstd_flag 
_chem_comp.name 
_chem_comp.pdbx_synonyms 
_chem_comp.formula 
_chem_comp.formula_weight 
5IU 'DNA linking'       n "5-IODO-2'-DEOXYURIDINE-5'-MONOPHOSPHATE" ? 'C9 H12 I N2 O8 P' 434.078 
ALA 'L-peptide linking' y ALANINE                                   ? 'C3 H7 N O2'       89.093  
ARG 'L-peptide linking' y ARGININE                                  ? 'C6 H15 N4 O2 1'   175.209 
ASN 'L-peptide linking' y ASPARAGINE                                ? 'C4 H8 N2 O3'      132.118 
DA  'DNA linking'       y "2'-DEOXYADENOSINE-5'-MONOPHOSPHATE"      ? 'C10 H14 N5 O6 P'  331.222 
DC  'DNA linking'       y "2'-DEOXYCYTIDINE-5'-MONOPHOSPHATE"       ? 'C9 H14 N3 O7 P'   307.197 
DG  'DNA linking'       y "2'-DEOXYGUANOSINE-5'-MONOPHOSPHATE"      ? 'C10 H14 N5 O7 P'  347.221 
DT  'DNA linking'       y "THYMIDINE-5'-MONOPHOSPHATE"              ? 'C10 H15 N2 O8 P'  322.208 
GLN 'L-peptide linking' y GLUTAMINE                                 ? 'C5 H10 N2 O3'     146.144 
GLU 'L-peptide linking' y 'GLUTAMIC ACID'                           ? 'C5 H9 N O4'       147.129 
GLY 'peptide linking'   y GLYCINE                                   ? 'C2 H5 N O2'       75.067  
HIS 'L-peptide linking' y HISTIDINE                                 ? 'C6 H10 N3 O2 1'   156.162 
HOH non-polymer         . WATER                                     ? 'H2 O'             18.015  
ILE 'L-peptide linking' y ISOLEUCINE                                ? 'C6 H13 N O2'      131.173 
LEU 'L-peptide linking' y LEUCINE                                   ? 'C6 H13 N O2'      131.173 
LYS 'L-peptide linking' y LYSINE                                    ? 'C6 H15 N2 O2 1'   147.195 
MET 'L-peptide linking' y METHIONINE                                ? 'C5 H11 N O2 S'    149.211 
PHE 'L-peptide linking' y PHENYLALANINE                             ? 'C9 H11 N O2'      165.189 
PRO 'L-peptide linking' y PROLINE                                   ? 'C5 H9 N O2'       115.130 
SER 'L-peptide linking' y SERINE                                    ? 'C3 H7 N O3'       105.093 
THR 'L-peptide linking' y THREONINE                                 ? 'C4 H9 N O3'       119.119 
TYR 'L-peptide linking' y TYROSINE                                  ? 'C9 H11 N O3'      181.189 
VAL 'L-peptide linking' y VALINE                                    ? 'C5 H11 N O2'      117.146 
# 
loop_
_pdbx_poly_seq_scheme.asym_id 
_pdbx_poly_seq_scheme.entity_id 
_pdbx_poly_seq_scheme.seq_id 
_pdbx_poly_seq_scheme.mon_id 
_pdbx_poly_seq_scheme.ndb_seq_num 
_pdbx_poly_seq_scheme.pdb_seq_num 
_pdbx_poly_seq_scheme.auth_seq_num 
_pdbx_poly_seq_scheme.pdb_mon_id 
_pdbx_poly_seq_scheme.auth_mon_id 
_pdbx_poly_seq_scheme.pdb_strand_id 
_pdbx_poly_seq_scheme.pdb_ins_code 
_pdbx_poly_seq_scheme.hetero 
A 1 1  DT  1  2   2   DT  T   A . n 
A 1 2  DG  2  3   3   DG  G   A . n 
A 1 3  5IU 3  4   4   5IU U   A . n 
A 1 4  DT  4  5   5   DT  T   A . n 
A 1 5  DT  5  6   6   DT  T   A . n 
A 1 6  DT  6  7   7   DT  T   A . n 
A 1 7  DT  7  8   8   DT  T   A . n 
A 1 8  DG  8  9   9   DG  G   A . n 
A 1 9  DA  9  10  10  DA  A   A . n 
A 1 10 DT  10 11  11  DT  T   A . n 
A 1 11 DA  11 12  12  DA  A   A . n 
A 1 12 DA  12 13  13  DA  A   A . n 
A 1 13 DG  13 14  14  DG  G   A . n 
A 1 14 DA  14 15  15  DA  A   A . n 
B 2 1  DA  1  16  16  DA  A   B . n 
B 2 2  DT  2  17  17  DT  T   B . n 
B 2 3  DC  3  18  18  DC  C   B . n 
B 2 4  DT  4  19  19  DT  T   B . n 
B 2 5  DT  5  20  20  DT  T   B . n 
B 2 6  DA  6  21  21  DA  A   B . n 
B 2 7  DT  7  22  22  DT  T   B . n 
B 2 8  DC  8  23  23  DC  C   B . n 
B 2 9  DA  9  24  24  DA  A   B . n 
B 2 10 DA  10 25  25  DA  A   B . n 
B 2 11 DA  11 26  26  DA  A   B . n 
B 2 12 DA  12 27  27  DA  A   B . n 
B 2 13 DA  13 28  28  DA  A   B . n 
B 2 14 DC  14 29  29  DC  C   B . n 
C 3 1  GLY 1  139 139 GLY GLY C . n 
C 3 2  ARG 2  140 140 ARG ARG C . n 
C 3 3  PRO 3  141 141 PRO PRO C . n 
C 3 4  ARG 4  142 142 ARG ARG C . n 
C 3 5  ALA 5  143 143 ALA ALA C . n 
C 3 6  ILE 6  144 144 ILE ILE C . n 
C 3 7  ASN 7  145 145 ASN ASN C . n 
C 3 8  LYS 8  146 146 LYS LYS C . n 
C 3 9  HIS 9  147 147 HIS HIS C . n 
C 3 10 GLU 10 148 148 GLU GLU C . n 
C 3 11 GLN 11 149 149 GLN GLN C . n 
C 3 12 GLU 12 150 150 GLU GLU C . n 
C 3 13 GLN 13 151 151 GLN GLN C . n 
C 3 14 ILE 14 152 152 ILE ILE C . n 
C 3 15 SER 15 153 153 SER SER C . n 
C 3 16 ARG 16 154 154 ARG ARG C . n 
C 3 17 LEU 17 155 155 LEU LEU C . n 
C 3 18 LEU 18 156 156 LEU LEU C . n 
C 3 19 GLU 19 157 157 GLU GLU C . n 
C 3 20 LYS 20 158 158 LYS LYS C . n 
C 3 21 GLY 21 159 159 GLY GLY C . n 
C 3 22 HIS 22 160 160 HIS HIS C . n 
C 3 23 PRO 23 161 161 PRO PRO C . n 
C 3 24 ARG 24 162 162 ARG ARG C . n 
C 3 25 GLN 25 163 163 GLN GLN C . n 
C 3 26 GLN 26 164 164 GLN GLN C . n 
C 3 27 LEU 27 165 165 LEU LEU C . n 
C 3 28 ALA 28 166 166 ALA ALA C . n 
C 3 29 ILE 29 167 167 ILE ILE C . n 
C 3 30 ILE 30 168 168 ILE ILE C . n 
C 3 31 PHE 31 169 169 PHE PHE C . n 
C 3 32 GLY 32 170 170 GLY GLY C . n 
C 3 33 ILE 33 171 171 ILE ILE C . n 
C 3 34 GLY 34 172 172 GLY GLY C . n 
C 3 35 VAL 35 173 173 VAL VAL C . n 
C 3 36 SER 36 174 174 SER SER C . n 
C 3 37 THR 37 175 175 THR THR C . n 
C 3 38 LEU 38 176 176 LEU LEU C . n 
C 3 39 TYR 39 177 177 TYR TYR C . n 
C 3 40 ARG 40 178 178 ARG ARG C . n 
C 3 41 TYR 41 179 179 TYR TYR C . n 
C 3 42 PHE 42 180 180 PHE PHE C . n 
C 3 43 PRO 43 181 181 PRO PRO C . n 
C 3 44 ALA 44 182 182 ALA ALA C . n 
C 3 45 SER 45 183 183 SER SER C . n 
C 3 46 SER 46 184 184 SER SER C . n 
C 3 47 ILE 47 185 185 ILE ILE C . n 
C 3 48 LYS 48 186 186 LYS LYS C . n 
C 3 49 LYS 49 187 187 LYS LYS C . n 
C 3 50 ARG 50 188 ?   ?   ?   C . n 
C 3 51 MET 51 189 ?   ?   ?   C . n 
C 3 52 ASN 52 190 ?   ?   ?   C . n 
# 
loop_
_pdbx_nonpoly_scheme.asym_id 
_pdbx_nonpoly_scheme.entity_id 
_pdbx_nonpoly_scheme.mon_id 
_pdbx_nonpoly_scheme.ndb_seq_num 
_pdbx_nonpoly_scheme.pdb_seq_num 
_pdbx_nonpoly_scheme.auth_seq_num 
_pdbx_nonpoly_scheme.pdb_mon_id 
_pdbx_nonpoly_scheme.auth_mon_id 
_pdbx_nonpoly_scheme.pdb_strand_id 
_pdbx_nonpoly_scheme.pdb_ins_code 
D 4 HOH 1 205 205 HOH HOH A . 
D 4 HOH 2 206 206 HOH HOH A . 
E 4 HOH 1 204 204 HOH HOH B . 
E 4 HOH 2 207 207 HOH HOH B . 
E 4 HOH 3 208 208 HOH HOH B . 
E 4 HOH 4 210 210 HOH HOH B . 
E 4 HOH 5 211 211 HOH HOH B . 
E 4 HOH 6 212 212 HOH HOH B . 
F 4 HOH 1 201 201 HOH HOH C . 
F 4 HOH 2 202 202 HOH HOH C . 
F 4 HOH 3 203 203 HOH HOH C . 
F 4 HOH 4 209 209 HOH HOH C . 
# 
loop_
_pdbx_unobs_or_zero_occ_atoms.id 
_pdbx_unobs_or_zero_occ_atoms.PDB_model_num 
_pdbx_unobs_or_zero_occ_atoms.polymer_flag 
_pdbx_unobs_or_zero_occ_atoms.occupancy_flag 
_pdbx_unobs_or_zero_occ_atoms.auth_asym_id 
_pdbx_unobs_or_zero_occ_atoms.auth_comp_id 
_pdbx_unobs_or_zero_occ_atoms.auth_seq_id 
_pdbx_unobs_or_zero_occ_atoms.PDB_ins_code 
_pdbx_unobs_or_zero_occ_atoms.auth_atom_id 
_pdbx_unobs_or_zero_occ_atoms.label_alt_id 
_pdbx_unobs_or_zero_occ_atoms.label_asym_id 
_pdbx_unobs_or_zero_occ_atoms.label_comp_id 
_pdbx_unobs_or_zero_occ_atoms.label_seq_id 
_pdbx_unobs_or_zero_occ_atoms.label_atom_id 
1  1 Y 1 A DA  15  ? "C4'" ? A DA  14 "C4'" 
2  1 Y 1 A DA  15  ? "O4'" ? A DA  14 "O4'" 
3  1 Y 1 A DA  15  ? "C3'" ? A DA  14 "C3'" 
4  1 Y 1 A DA  15  ? "O3'" ? A DA  14 "O3'" 
5  1 Y 1 A DA  15  ? "C2'" ? A DA  14 "C2'" 
6  1 Y 1 A DA  15  ? "C1'" ? A DA  14 "C1'" 
7  1 Y 1 A DA  15  ? N9    ? A DA  14 N9    
8  1 Y 1 A DA  15  ? C8    ? A DA  14 C8    
9  1 Y 1 A DA  15  ? N7    ? A DA  14 N7    
10 1 Y 1 A DA  15  ? C5    ? A DA  14 C5    
11 1 Y 1 A DA  15  ? C6    ? A DA  14 C6    
12 1 Y 1 A DA  15  ? N6    ? A DA  14 N6    
13 1 Y 1 A DA  15  ? N1    ? A DA  14 N1    
14 1 Y 1 A DA  15  ? C2    ? A DA  14 C2    
15 1 Y 1 A DA  15  ? N3    ? A DA  14 N3    
16 1 Y 1 A DA  15  ? C4    ? A DA  14 C4    
17 1 Y 1 C LYS 146 ? CB    ? C LYS 8  CB    
18 1 Y 1 C LYS 146 ? CG    ? C LYS 8  CG    
19 1 Y 1 C LYS 146 ? CD    ? C LYS 8  CD    
20 1 Y 1 C LYS 146 ? CE    ? C LYS 8  CE    
21 1 Y 1 C LYS 146 ? NZ    ? C LYS 8  NZ    
22 1 Y 1 C GLU 150 ? CG    ? C GLU 12 CG    
23 1 Y 1 C GLU 150 ? CD    ? C GLU 12 CD    
24 1 Y 1 C GLU 150 ? OE1   ? C GLU 12 OE1   
25 1 Y 1 C GLU 150 ? OE2   ? C GLU 12 OE2   
26 1 Y 1 C ARG 154 ? CD    ? C ARG 16 CD    
27 1 Y 1 C ARG 154 ? NE    ? C ARG 16 NE    
28 1 Y 1 C ARG 154 ? CZ    ? C ARG 16 CZ    
29 1 Y 1 C ARG 154 ? NH1   ? C ARG 16 NH1   
30 1 Y 1 C ARG 154 ? NH2   ? C ARG 16 NH2   
31 1 Y 1 C LYS 158 ? CG    ? C LYS 20 CG    
32 1 Y 1 C LYS 158 ? CD    ? C LYS 20 CD    
33 1 Y 1 C LYS 158 ? CE    ? C LYS 20 CE    
34 1 Y 1 C LYS 158 ? NZ    ? C LYS 20 NZ    
35 1 Y 1 C LYS 187 ? CB    ? C LYS 49 CB    
36 1 Y 1 C LYS 187 ? CG    ? C LYS 49 CG    
37 1 Y 1 C LYS 187 ? CD    ? C LYS 49 CD    
38 1 Y 1 C LYS 187 ? CE    ? C LYS 49 CE    
39 1 Y 1 C LYS 187 ? NZ    ? C LYS 49 NZ    
# 
loop_
_software.name 
_software.classification 
_software.version 
_software.citation_id 
_software.pdbx_ordinal 
SOLVE     phasing          . ? 1 
CNS       refinement       . ? 2 
DENZO     'data reduction' . ? 3 
SCALEPACK 'data scaling'   . ? 4 
# 
_cell.entry_id           1JJ8 
_cell.length_a           66.328 
_cell.length_b           68.693 
_cell.length_c           62.136 
_cell.angle_alpha        90.00 
_cell.angle_beta         90.00 
_cell.angle_gamma        90.00 
_cell.Z_PDB              8 
_cell.pdbx_unique_axis   ? 
_cell.length_a_esd       ? 
_cell.length_b_esd       ? 
_cell.length_c_esd       ? 
_cell.angle_alpha_esd    ? 
_cell.angle_beta_esd     ? 
_cell.angle_gamma_esd    ? 
# 
_symmetry.entry_id                         1JJ8 
_symmetry.space_group_name_H-M             'C 2 2 21' 
_symmetry.pdbx_full_space_group_name_H-M   ? 
_symmetry.cell_setting                     ? 
_symmetry.Int_Tables_number                20 
_symmetry.space_group_name_Hall            ? 
# 
_exptl.entry_id          1JJ8 
_exptl.method            'X-RAY DIFFRACTION' 
_exptl.crystals_number   1 
# 
_exptl_crystal.id                    1 
_exptl_crystal.density_meas          ? 
_exptl_crystal.density_Matthews      2.423 
_exptl_crystal.density_percent_sol   47.27 
_exptl_crystal.description           ? 
_exptl_crystal.F_000                 ? 
_exptl_crystal.preparation           ? 
# 
_exptl_crystal_grow.crystal_id      1 
_exptl_crystal_grow.method          'VAPOR DIFFUSION, HANGING DROP' 
_exptl_crystal_grow.temp            ? 
_exptl_crystal_grow.temp_details    ? 
_exptl_crystal_grow.pH              4.60 
_exptl_crystal_grow.pdbx_details    
;0.08 MM DNA, 0.04 MM HIN, 25 MM NA ACETATE (PH 4.6), 
25 MM MGCL2, 8 MM NACL, 6.3% V/V PEG400, AND 1.25 MM NA CACODYLATE. 
RESERVOIR SOLUTION CONTAINS 100 MM NA ACETATE (PH 4.6), 100 MM MGCL2, 
AND 25% PEG400. CONCENTRATION OF PEG400 IN RESERVOIR SOLUTION WAS 
INCREASED IN 5% INCREMENTS TO 35%. CONDITIONS FOR NATIVE ARE THE SAME 
EXCEPT THE CONCENTRATION OF MGCL2 IS 5 TIMES SMALLER., pH 4.60, VAPOR DIFFUSION, HANGING DROP
;
_exptl_crystal_grow.pdbx_pH_range   ? 
# 
loop_
_exptl_crystal_grow_comp.crystal_id 
_exptl_crystal_grow_comp.id 
_exptl_crystal_grow_comp.sol_id 
_exptl_crystal_grow_comp.name 
_exptl_crystal_grow_comp.conc 
_exptl_crystal_grow_comp.volume 
_exptl_crystal_grow_comp.details 
1 1  1 DNA                 ? ? ? 
1 2  1 HIN                 ? ? ? 
1 3  1 'sodium acetate'    ? ? ? 
1 4  1 MgCl2               ? ? ? 
1 5  1 NaCl                ? ? ? 
1 6  1 'PEG 400'           ? ? ? 
1 7  1 'sodium cacodylate' ? ? ? 
1 8  2 'sodium acetate'    ? ? ? 
1 9  2 MgCl2               ? ? ? 
1 10 2 'PEG 400'           ? ? ? 
# 
_diffrn.id                     1 
_diffrn.ambient_temp           100.0 
_diffrn.ambient_temp_details   ? 
_diffrn.crystal_id             1 
# 
_diffrn_detector.diffrn_id              1 
_diffrn_detector.detector               'IMAGE PLATE' 
_diffrn_detector.type                   RIGAKU 
_diffrn_detector.pdbx_collection_date   1995-09-01 
_diffrn_detector.details                ? 
# 
_diffrn_radiation.diffrn_id                        1 
_diffrn_radiation.wavelength_id                    1 
_diffrn_radiation.pdbx_monochromatic_or_laue_m_l   M 
_diffrn_radiation.monochromator                    ? 
_diffrn_radiation.pdbx_diffrn_protocol             'SINGLE WAVELENGTH' 
_diffrn_radiation.pdbx_scattering_type             x-ray 
# 
_diffrn_radiation_wavelength.id           1 
_diffrn_radiation_wavelength.wavelength   1.543 
_diffrn_radiation_wavelength.wt           1.0 
# 
_diffrn_source.diffrn_id                   1 
_diffrn_source.source                      'ROTATING ANODE' 
_diffrn_source.type                        ? 
_diffrn_source.pdbx_synchrotron_site       ? 
_diffrn_source.pdbx_synchrotron_beamline   ? 
_diffrn_source.pdbx_wavelength             1.543 
_diffrn_source.pdbx_wavelength_list        ? 
# 
_reflns.entry_id                     1JJ8 
_reflns.observed_criterion_sigma_I   1.000 
_reflns.observed_criterion_sigma_F   ? 
_reflns.d_resolution_low             25.0 
_reflns.d_resolution_high            2.75 
_reflns.number_obs                   3765 
_reflns.number_all                   ? 
_reflns.percent_possible_obs         96.49 
_reflns.pdbx_Rmerge_I_obs            ? 
_reflns.pdbx_Rsym_value              0.081 
_reflns.pdbx_netI_over_sigmaI        19.6 
_reflns.B_iso_Wilson_estimate        44.00 
_reflns.pdbx_redundancy              15.000 
_reflns.R_free_details               ? 
_reflns.pdbx_ordinal                 1 
_reflns.pdbx_diffrn_id               1 
_reflns.pdbx_chi_squared             ? 
_reflns.pdbx_scaling_rejects         ? 
# 
_reflns_shell.d_res_high             2.75 
_reflns_shell.d_res_low              2.87 
_reflns_shell.percent_possible_all   91.64 
_reflns_shell.Rmerge_I_obs           ? 
_reflns_shell.pdbx_Rsym_value        0.267 
_reflns_shell.meanI_over_sigI_obs    4.5 
_reflns_shell.pdbx_redundancy        4.2 
_reflns_shell.percent_possible_obs   ? 
_reflns_shell.number_unique_all      ? 
_reflns_shell.pdbx_ordinal           1 
_reflns_shell.pdbx_diffrn_id         1 
_reflns_shell.number_measured_all    ? 
_reflns_shell.number_measured_obs    ? 
_reflns_shell.number_unique_obs      ? 
_reflns_shell.pdbx_chi_squared       ? 
# 
_refine.entry_id                                 1JJ8 
_refine.ls_number_reflns_obs                     3765 
_refine.ls_number_reflns_all                     ? 
_refine.pdbx_ls_sigma_I                          ? 
_refine.pdbx_ls_sigma_F                          0.000 
_refine.pdbx_data_cutoff_high_absF               ? 
_refine.pdbx_data_cutoff_low_absF                ? 
_refine.ls_d_res_low                             25.00 
_refine.ls_d_res_high                            2.75 
_refine.ls_percent_reflns_obs                    96.49 
_refine.ls_R_factor_obs                          0.2134 
_refine.ls_R_factor_all                          ? 
_refine.ls_R_factor_R_work                       0.2134 
_refine.ls_R_factor_R_free                       0.2771 
_refine.ls_R_factor_R_free_error                 ? 
_refine.ls_R_factor_R_free_error_details         ? 
_refine.ls_percent_reflns_R_free                 9.46 
_refine.ls_number_reflns_R_free                  369 
_refine.ls_number_parameters                     ? 
_refine.ls_number_restraints                     ? 
_refine.occupancy_min                            ? 
_refine.occupancy_max                            ? 
_refine.B_iso_mean                               45.00 
_refine.aniso_B[1][1]                            9.450 
_refine.aniso_B[2][2]                            -5.107 
_refine.aniso_B[3][3]                            -4.343 
_refine.aniso_B[1][2]                            0.00000 
_refine.aniso_B[1][3]                            0.00000 
_refine.aniso_B[2][3]                            0.00000 
_refine.solvent_model_details                    ? 
_refine.solvent_model_param_ksol                 0.28 
_refine.solvent_model_param_bsol                 18.88 
_refine.pdbx_ls_cross_valid_method               ? 
_refine.details                                  ? 
_refine.pdbx_starting_model                      'SIRAS PHASES' 
_refine.pdbx_method_to_determine_struct          SIRAS 
_refine.pdbx_isotropic_thermal_model             ANISOTROPIC_FIXED_ISOTROPIC 
_refine.pdbx_stereochemistry_target_values       MLF 
_refine.pdbx_stereochem_target_val_spec_case     ? 
_refine.pdbx_R_Free_selection_details            RANDOM 
_refine.pdbx_overall_ESU_R_Free                  ? 
_refine.overall_SU_B                             ? 
_refine.ls_redundancy_reflns_obs                 ? 
_refine.correlation_coeff_Fo_to_Fc               ? 
_refine.overall_SU_R_Cruickshank_DPI             ? 
_refine.overall_SU_R_free                        ? 
_refine.overall_SU_ML                            ? 
_refine.pdbx_overall_ESU_R                       ? 
_refine.pdbx_data_cutoff_high_rms_absF           10000.00 
_refine.correlation_coeff_Fo_to_Fc_free          ? 
_refine.pdbx_solvent_vdw_probe_radii             ? 
_refine.pdbx_solvent_ion_probe_radii             ? 
_refine.pdbx_solvent_shrinkage_radii             ? 
_refine.pdbx_refine_id                           'X-RAY DIFFRACTION' 
_refine.pdbx_diffrn_id                           1 
_refine.pdbx_overall_phase_error                 ? 
_refine.ls_wR_factor_R_free                      ? 
_refine.ls_wR_factor_R_work                      ? 
_refine.overall_FOM_free_R_set                   ? 
_refine.overall_FOM_work_R_set                   ? 
_refine.pdbx_TLS_residual_ADP_flag               ? 
_refine.pdbx_overall_SU_R_free_Cruickshank_DPI   ? 
_refine.pdbx_overall_SU_R_Blow_DPI               ? 
_refine.pdbx_overall_SU_R_free_Blow_DPI          ? 
# 
_refine_analyze.entry_id                        1JJ8 
_refine_analyze.Luzzati_coordinate_error_obs    0.36 
_refine_analyze.Luzzati_sigma_a_obs             0.53 
_refine_analyze.Luzzati_d_res_low_obs           5.00 
_refine_analyze.Luzzati_coordinate_error_free   0.46 
_refine_analyze.Luzzati_sigma_a_free            0.60 
_refine_analyze.Luzzati_d_res_low_free          ? 
_refine_analyze.number_disordered_residues      ? 
_refine_analyze.occupancy_sum_hydrogen          ? 
_refine_analyze.occupancy_sum_non_hydrogen      ? 
_refine_analyze.pdbx_refine_id                  'X-RAY DIFFRACTION' 
# 
_refine_hist.pdbx_refine_id                   'X-RAY DIFFRACTION' 
_refine_hist.cycle_id                         LAST 
_refine_hist.pdbx_number_atoms_protein        375 
_refine_hist.pdbx_number_atoms_nucleic_acid   552 
_refine_hist.pdbx_number_atoms_ligand         0 
_refine_hist.number_atoms_solvent             12 
_refine_hist.number_atoms_total               939 
_refine_hist.d_res_high                       2.75 
_refine_hist.d_res_low                        25.00 
# 
loop_
_refine_ls_restr.type 
_refine_ls_restr.dev_ideal 
_refine_ls_restr.dev_ideal_target 
_refine_ls_restr.weight 
_refine_ls_restr.number 
_refine_ls_restr.pdbx_refine_id 
_refine_ls_restr.pdbx_restraint_function 
c_bond_d                0.009 ?    ? ? 'X-RAY DIFFRACTION' ? 
c_bond_d_na             ?     ?    ? ? 'X-RAY DIFFRACTION' ? 
c_bond_d_prot           ?     ?    ? ? 'X-RAY DIFFRACTION' ? 
c_angle_d               ?     ?    ? ? 'X-RAY DIFFRACTION' ? 
c_angle_d_na            ?     ?    ? ? 'X-RAY DIFFRACTION' ? 
c_angle_d_prot          ?     ?    ? ? 'X-RAY DIFFRACTION' ? 
c_angle_deg             1.30  ?    ? ? 'X-RAY DIFFRACTION' ? 
c_angle_deg_na          ?     ?    ? ? 'X-RAY DIFFRACTION' ? 
c_angle_deg_prot        ?     ?    ? ? 'X-RAY DIFFRACTION' ? 
c_dihedral_angle_d      19.41 ?    ? ? 'X-RAY DIFFRACTION' ? 
c_dihedral_angle_d_na   ?     ?    ? ? 'X-RAY DIFFRACTION' ? 
c_dihedral_angle_d_prot ?     ?    ? ? 'X-RAY DIFFRACTION' ? 
c_improper_angle_d      1.45  ?    ? ? 'X-RAY DIFFRACTION' ? 
c_improper_angle_d_na   ?     ?    ? ? 'X-RAY DIFFRACTION' ? 
c_improper_angle_d_prot ?     ?    ? ? 'X-RAY DIFFRACTION' ? 
c_mcbond_it             1.49  1.50 ? ? 'X-RAY DIFFRACTION' ? 
c_mcangle_it            2.45  2.00 ? ? 'X-RAY DIFFRACTION' ? 
c_scbond_it             2.32  2.00 ? ? 'X-RAY DIFFRACTION' ? 
c_scangle_it            3.63  2.05 ? ? 'X-RAY DIFFRACTION' ? 
# 
_refine_ls_shell.pdbx_total_number_of_bins_used   8 
_refine_ls_shell.d_res_high                       2.75 
_refine_ls_shell.d_res_low                        2.87 
_refine_ls_shell.number_reflns_R_work             394 
_refine_ls_shell.R_factor_R_work                  0.3529 
_refine_ls_shell.percent_reflns_obs               91.64 
_refine_ls_shell.R_factor_R_free                  0.5136 
_refine_ls_shell.R_factor_R_free_error            ? 
_refine_ls_shell.percent_reflns_R_free            9.39 
_refine_ls_shell.number_reflns_R_free             45 
_refine_ls_shell.redundancy_reflns_obs            ? 
_refine_ls_shell.pdbx_refine_id                   'X-RAY DIFFRACTION' 
_refine_ls_shell.number_reflns_all                ? 
_refine_ls_shell.number_reflns_obs                ? 
_refine_ls_shell.R_factor_all                     ? 
# 
loop_
_pdbx_xplor_file.serial_no 
_pdbx_xplor_file.param_file 
_pdbx_xplor_file.topol_file 
_pdbx_xplor_file.pdbx_refine_id 
1 PROTEIN_REP.PARAM PROTEIN.TOP 'X-RAY DIFFRACTION' 
2 DNA-RNA_REP.PARAM DNA-RNA.TOP 'X-RAY DIFFRACTION' 
3 WATER_REP.PARAM   WATER.TOP   'X-RAY DIFFRACTION' 
# 
_struct.entry_id                  1JJ8 
_struct.title                     'Testing the Water-Mediated HIN Recombinase DNA Recognition by Systematic Mutations' 
_struct.pdbx_model_details        ? 
_struct.pdbx_CASP_flag            ? 
_struct.pdbx_model_type_details   ? 
# 
_struct_keywords.entry_id        1JJ8 
_struct_keywords.pdbx_keywords   'DNA BINDING PROTEIN/DNA' 
_struct_keywords.text            
'WATER-MEDIATED RECOGNITION, PROTEIN-DNA COMPLEX, HIN RECOMBINASE, I4 FORM 2, DNA BINDING PROTEIN-DNA COMPLEX' 
# 
loop_
_struct_asym.id 
_struct_asym.pdbx_blank_PDB_chainid_flag 
_struct_asym.pdbx_modified 
_struct_asym.entity_id 
_struct_asym.details 
A N N 1 ? 
B N N 2 ? 
C N N 3 ? 
D N N 4 ? 
E N N 4 ? 
F N N 4 ? 
# 
loop_
_struct_ref.id 
_struct_ref.db_name 
_struct_ref.db_code 
_struct_ref.entity_id 
_struct_ref.pdbx_seq_one_letter_code 
_struct_ref.pdbx_align_begin 
_struct_ref.pdbx_db_accession 
_struct_ref.pdbx_db_isoform 
1 UNP HIN_SALTY 3 GRPRAINKHEQEQISRLLEKGHPRQQLAIIFGIGVSTLYRYFPASSIKKRMN 139 P03013 ? 
2 PDB 1JJ8      1 ?                                                    ?   1JJ8   ? 
3 PDB 1JJ8      2 ?                                                    ?   1JJ8   ? 
# 
loop_
_struct_ref_seq.align_id 
_struct_ref_seq.ref_id 
_struct_ref_seq.pdbx_PDB_id_code 
_struct_ref_seq.pdbx_strand_id 
_struct_ref_seq.seq_align_beg 
_struct_ref_seq.pdbx_seq_align_beg_ins_code 
_struct_ref_seq.seq_align_end 
_struct_ref_seq.pdbx_seq_align_end_ins_code 
_struct_ref_seq.pdbx_db_accession 
_struct_ref_seq.db_align_beg 
_struct_ref_seq.pdbx_db_align_beg_ins_code 
_struct_ref_seq.db_align_end 
_struct_ref_seq.pdbx_db_align_end_ins_code 
_struct_ref_seq.pdbx_auth_seq_align_beg 
_struct_ref_seq.pdbx_auth_seq_align_end 
1 1 1JJ8 C 1 ? 52 ? P03013 139 ? 190 ? 139 190 
2 2 1JJ8 A 1 ? 14 ? 1JJ8   2   ? 15  ? 2   15  
3 3 1JJ8 B 1 ? 14 ? 1JJ8   16  ? 29  ? 16  29  
# 
_pdbx_struct_assembly.id                   1 
_pdbx_struct_assembly.details              author_defined_assembly 
_pdbx_struct_assembly.method_details       ? 
_pdbx_struct_assembly.oligomeric_details   trimeric 
_pdbx_struct_assembly.oligomeric_count     3 
# 
_pdbx_struct_assembly_gen.assembly_id       1 
_pdbx_struct_assembly_gen.oper_expression   1 
_pdbx_struct_assembly_gen.asym_id_list      A,B,C,D,E,F 
# 
_pdbx_struct_oper_list.id                   1 
_pdbx_struct_oper_list.type                 'identity operation' 
_pdbx_struct_oper_list.name                 1_555 
_pdbx_struct_oper_list.symmetry_operation   x,y,z 
_pdbx_struct_oper_list.matrix[1][1]         1.0000000000 
_pdbx_struct_oper_list.matrix[1][2]         0.0000000000 
_pdbx_struct_oper_list.matrix[1][3]         0.0000000000 
_pdbx_struct_oper_list.vector[1]            0.0000000000 
_pdbx_struct_oper_list.matrix[2][1]         0.0000000000 
_pdbx_struct_oper_list.matrix[2][2]         1.0000000000 
_pdbx_struct_oper_list.matrix[2][3]         0.0000000000 
_pdbx_struct_oper_list.vector[2]            0.0000000000 
_pdbx_struct_oper_list.matrix[3][1]         0.0000000000 
_pdbx_struct_oper_list.matrix[3][2]         0.0000000000 
_pdbx_struct_oper_list.matrix[3][3]         1.0000000000 
_pdbx_struct_oper_list.vector[3]            0.0000000000 
# 
_struct_biol.id                    1 
_struct_biol.pdbx_parent_biol_id   ? 
_struct_biol.details               ? 
# 
loop_
_struct_conf.conf_type_id 
_struct_conf.id 
_struct_conf.pdbx_PDB_helix_id 
_struct_conf.beg_label_comp_id 
_struct_conf.beg_label_asym_id 
_struct_conf.beg_label_seq_id 
_struct_conf.pdbx_beg_PDB_ins_code 
_struct_conf.end_label_comp_id 
_struct_conf.end_label_asym_id 
_struct_conf.end_label_seq_id 
_struct_conf.pdbx_end_PDB_ins_code 
_struct_conf.beg_auth_comp_id 
_struct_conf.beg_auth_asym_id 
_struct_conf.beg_auth_seq_id 
_struct_conf.end_auth_comp_id 
_struct_conf.end_auth_asym_id 
_struct_conf.end_auth_seq_id 
_struct_conf.pdbx_PDB_helix_class 
_struct_conf.details 
_struct_conf.pdbx_PDB_helix_length 
HELX_P HELX_P1 1 ASN C 7  ? GLU C 19 ? ASN C 145 GLU C 157 1 ? 13 
HELX_P HELX_P2 2 PRO C 23 ? GLY C 32 ? PRO C 161 GLY C 170 1 ? 10 
HELX_P HELX_P3 3 GLY C 34 ? PHE C 42 ? GLY C 172 PHE C 180 1 ? 9  
HELX_P HELX_P4 4 PRO C 43 ? ILE C 47 ? PRO C 181 ILE C 185 5 ? 5  
# 
_struct_conf_type.id          HELX_P 
_struct_conf_type.criteria    ? 
_struct_conf_type.reference   ? 
# 
loop_
_struct_conn.id 
_struct_conn.conn_type_id 
_struct_conn.pdbx_leaving_atom_flag 
_struct_conn.pdbx_PDB_id 
_struct_conn.ptnr1_label_asym_id 
_struct_conn.ptnr1_label_comp_id 
_struct_conn.ptnr1_label_seq_id 
_struct_conn.ptnr1_label_atom_id 
_struct_conn.pdbx_ptnr1_label_alt_id 
_struct_conn.pdbx_ptnr1_PDB_ins_code 
_struct_conn.pdbx_ptnr1_standard_comp_id 
_struct_conn.ptnr1_symmetry 
_struct_conn.ptnr2_label_asym_id 
_struct_conn.ptnr2_label_comp_id 
_struct_conn.ptnr2_label_seq_id 
_struct_conn.ptnr2_label_atom_id 
_struct_conn.pdbx_ptnr2_label_alt_id 
_struct_conn.pdbx_ptnr2_PDB_ins_code 
_struct_conn.ptnr1_auth_asym_id 
_struct_conn.ptnr1_auth_comp_id 
_struct_conn.ptnr1_auth_seq_id 
_struct_conn.ptnr2_auth_asym_id 
_struct_conn.ptnr2_auth_comp_id 
_struct_conn.ptnr2_auth_seq_id 
_struct_conn.ptnr2_symmetry 
_struct_conn.pdbx_ptnr3_label_atom_id 
_struct_conn.pdbx_ptnr3_label_seq_id 
_struct_conn.pdbx_ptnr3_label_comp_id 
_struct_conn.pdbx_ptnr3_label_asym_id 
_struct_conn.pdbx_ptnr3_label_alt_id 
_struct_conn.pdbx_ptnr3_PDB_ins_code 
_struct_conn.details 
_struct_conn.pdbx_dist_value 
_struct_conn.pdbx_value_order 
_struct_conn.pdbx_role 
covale1  covale both ? A DG  2  "O3'" ? ? ? 1_555 A 5IU 3  P  ? ? A DG  3  A 5IU 4  1_555 ? ? ? ? ? ? ?            1.616 ? ? 
covale2  covale both ? A 5IU 3  "O3'" ? ? ? 1_555 A DT  4  P  ? ? A 5IU 4  A DT  5  1_555 ? ? ? ? ? ? ?            1.809 ? ? 
hydrog1  hydrog ?    ? A DG  2  N1    ? ? ? 1_555 B DC  14 N3 ? ? A DG  3  B DC  29 1_555 ? ? ? ? ? ? WATSON-CRICK ?     ? ? 
hydrog2  hydrog ?    ? A DG  2  N2    ? ? ? 1_555 B DC  14 O2 ? ? A DG  3  B DC  29 1_555 ? ? ? ? ? ? WATSON-CRICK ?     ? ? 
hydrog3  hydrog ?    ? A DG  2  O6    ? ? ? 1_555 B DC  14 N4 ? ? A DG  3  B DC  29 1_555 ? ? ? ? ? ? WATSON-CRICK ?     ? ? 
hydrog4  hydrog ?    ? A 5IU 3  N3    ? ? ? 1_555 B DA  13 N1 ? ? A 5IU 4  B DA  28 1_555 ? ? ? ? ? ? WATSON-CRICK ?     ? ? 
hydrog5  hydrog ?    ? A 5IU 3  O4    ? ? ? 1_555 B DA  13 N6 ? ? A 5IU 4  B DA  28 1_555 ? ? ? ? ? ? WATSON-CRICK ?     ? ? 
hydrog6  hydrog ?    ? A DT  4  N3    ? ? ? 1_555 B DA  12 N1 ? ? A DT  5  B DA  27 1_555 ? ? ? ? ? ? WATSON-CRICK ?     ? ? 
hydrog7  hydrog ?    ? A DT  4  O4    ? ? ? 1_555 B DA  12 N6 ? ? A DT  5  B DA  27 1_555 ? ? ? ? ? ? WATSON-CRICK ?     ? ? 
hydrog8  hydrog ?    ? A DT  5  N3    ? ? ? 1_555 B DA  11 N1 ? ? A DT  6  B DA  26 1_555 ? ? ? ? ? ? WATSON-CRICK ?     ? ? 
hydrog9  hydrog ?    ? A DT  5  O4    ? ? ? 1_555 B DA  11 N6 ? ? A DT  6  B DA  26 1_555 ? ? ? ? ? ? WATSON-CRICK ?     ? ? 
hydrog10 hydrog ?    ? A DT  6  N3    ? ? ? 1_555 B DA  10 N1 ? ? A DT  7  B DA  25 1_555 ? ? ? ? ? ? WATSON-CRICK ?     ? ? 
hydrog11 hydrog ?    ? A DT  6  O4    ? ? ? 1_555 B DA  10 N6 ? ? A DT  7  B DA  25 1_555 ? ? ? ? ? ? WATSON-CRICK ?     ? ? 
hydrog12 hydrog ?    ? A DT  7  N3    ? ? ? 1_555 B DA  9  N1 ? ? A DT  8  B DA  24 1_555 ? ? ? ? ? ? WATSON-CRICK ?     ? ? 
hydrog13 hydrog ?    ? A DT  7  O4    ? ? ? 1_555 B DA  9  N6 ? ? A DT  8  B DA  24 1_555 ? ? ? ? ? ? WATSON-CRICK ?     ? ? 
hydrog14 hydrog ?    ? A DG  8  N1    ? ? ? 1_555 B DC  8  N3 ? ? A DG  9  B DC  23 1_555 ? ? ? ? ? ? WATSON-CRICK ?     ? ? 
hydrog15 hydrog ?    ? A DG  8  N2    ? ? ? 1_555 B DC  8  O2 ? ? A DG  9  B DC  23 1_555 ? ? ? ? ? ? WATSON-CRICK ?     ? ? 
hydrog16 hydrog ?    ? A DG  8  O6    ? ? ? 1_555 B DC  8  N4 ? ? A DG  9  B DC  23 1_555 ? ? ? ? ? ? WATSON-CRICK ?     ? ? 
hydrog17 hydrog ?    ? A DA  9  N1    ? ? ? 1_555 B DT  7  N3 ? ? A DA  10 B DT  22 1_555 ? ? ? ? ? ? WATSON-CRICK ?     ? ? 
hydrog18 hydrog ?    ? A DA  9  N6    ? ? ? 1_555 B DT  7  O4 ? ? A DA  10 B DT  22 1_555 ? ? ? ? ? ? WATSON-CRICK ?     ? ? 
hydrog19 hydrog ?    ? A DT  10 N3    ? ? ? 1_555 B DA  6  N1 ? ? A DT  11 B DA  21 1_555 ? ? ? ? ? ? WATSON-CRICK ?     ? ? 
hydrog20 hydrog ?    ? A DT  10 O4    ? ? ? 1_555 B DA  6  N6 ? ? A DT  11 B DA  21 1_555 ? ? ? ? ? ? WATSON-CRICK ?     ? ? 
hydrog21 hydrog ?    ? A DA  11 N1    ? ? ? 1_555 B DT  5  N3 ? ? A DA  12 B DT  20 1_555 ? ? ? ? ? ? WATSON-CRICK ?     ? ? 
hydrog22 hydrog ?    ? A DA  11 N6    ? ? ? 1_555 B DT  5  O4 ? ? A DA  12 B DT  20 1_555 ? ? ? ? ? ? WATSON-CRICK ?     ? ? 
hydrog23 hydrog ?    ? A DA  12 N1    ? ? ? 1_555 B DT  4  N3 ? ? A DA  13 B DT  19 1_555 ? ? ? ? ? ? WATSON-CRICK ?     ? ? 
hydrog24 hydrog ?    ? A DA  12 N6    ? ? ? 1_555 B DT  4  O4 ? ? A DA  13 B DT  19 1_555 ? ? ? ? ? ? WATSON-CRICK ?     ? ? 
hydrog25 hydrog ?    ? A DG  13 N1    ? ? ? 1_555 B DC  3  N3 ? ? A DG  14 B DC  18 1_555 ? ? ? ? ? ? WATSON-CRICK ?     ? ? 
hydrog26 hydrog ?    ? A DG  13 N2    ? ? ? 1_555 B DC  3  O2 ? ? A DG  14 B DC  18 1_555 ? ? ? ? ? ? WATSON-CRICK ?     ? ? 
hydrog27 hydrog ?    ? A DG  13 O6    ? ? ? 1_555 B DC  3  N4 ? ? A DG  14 B DC  18 1_555 ? ? ? ? ? ? WATSON-CRICK ?     ? ? 
# 
loop_
_struct_conn_type.id 
_struct_conn_type.criteria 
_struct_conn_type.reference 
covale ? ? 
hydrog ? ? 
# 
_pdbx_validate_rmsd_bond.id                        1 
_pdbx_validate_rmsd_bond.PDB_model_num             1 
_pdbx_validate_rmsd_bond.auth_atom_id_1            "O3'" 
_pdbx_validate_rmsd_bond.auth_asym_id_1            A 
_pdbx_validate_rmsd_bond.auth_comp_id_1            5IU 
_pdbx_validate_rmsd_bond.auth_seq_id_1             4 
_pdbx_validate_rmsd_bond.PDB_ins_code_1            ? 
_pdbx_validate_rmsd_bond.label_alt_id_1            ? 
_pdbx_validate_rmsd_bond.auth_atom_id_2            P 
_pdbx_validate_rmsd_bond.auth_asym_id_2            A 
_pdbx_validate_rmsd_bond.auth_comp_id_2            DT 
_pdbx_validate_rmsd_bond.auth_seq_id_2             5 
_pdbx_validate_rmsd_bond.PDB_ins_code_2            ? 
_pdbx_validate_rmsd_bond.label_alt_id_2            ? 
_pdbx_validate_rmsd_bond.bond_value                1.809 
_pdbx_validate_rmsd_bond.bond_target_value         1.607 
_pdbx_validate_rmsd_bond.bond_deviation            0.202 
_pdbx_validate_rmsd_bond.bond_standard_deviation   0.012 
_pdbx_validate_rmsd_bond.linker_flag               Y 
# 
loop_
_pdbx_validate_rmsd_angle.id 
_pdbx_validate_rmsd_angle.PDB_model_num 
_pdbx_validate_rmsd_angle.auth_atom_id_1 
_pdbx_validate_rmsd_angle.auth_asym_id_1 
_pdbx_validate_rmsd_angle.auth_comp_id_1 
_pdbx_validate_rmsd_angle.auth_seq_id_1 
_pdbx_validate_rmsd_angle.PDB_ins_code_1 
_pdbx_validate_rmsd_angle.label_alt_id_1 
_pdbx_validate_rmsd_angle.auth_atom_id_2 
_pdbx_validate_rmsd_angle.auth_asym_id_2 
_pdbx_validate_rmsd_angle.auth_comp_id_2 
_pdbx_validate_rmsd_angle.auth_seq_id_2 
_pdbx_validate_rmsd_angle.PDB_ins_code_2 
_pdbx_validate_rmsd_angle.label_alt_id_2 
_pdbx_validate_rmsd_angle.auth_atom_id_3 
_pdbx_validate_rmsd_angle.auth_asym_id_3 
_pdbx_validate_rmsd_angle.auth_comp_id_3 
_pdbx_validate_rmsd_angle.auth_seq_id_3 
_pdbx_validate_rmsd_angle.PDB_ins_code_3 
_pdbx_validate_rmsd_angle.label_alt_id_3 
_pdbx_validate_rmsd_angle.angle_value 
_pdbx_validate_rmsd_angle.angle_target_value 
_pdbx_validate_rmsd_angle.angle_deviation 
_pdbx_validate_rmsd_angle.angle_standard_deviation 
_pdbx_validate_rmsd_angle.linker_flag 
1 1 "O3'" A 5IU 4  ? ? P     A DT 5  ? ? "O5'" A DT 5  ? ? 91.33  104.00 -12.67 1.90 Y 
2 1 "O5'" A DT  5  ? ? P     A DT 5  ? ? OP2   A DT 5  ? ? 120.27 110.70 9.57   1.20 N 
3 1 "O4'" B DA  28 ? ? "C1'" B DA 28 ? ? N9    B DA 28 ? ? 110.16 108.30 1.86   0.30 N 
# 
loop_
_pdbx_validate_torsion.id 
_pdbx_validate_torsion.PDB_model_num 
_pdbx_validate_torsion.auth_comp_id 
_pdbx_validate_torsion.auth_asym_id 
_pdbx_validate_torsion.auth_seq_id 
_pdbx_validate_torsion.PDB_ins_code 
_pdbx_validate_torsion.label_alt_id 
_pdbx_validate_torsion.phi 
_pdbx_validate_torsion.psi 
1 1 GLU C 157 ? ? -103.47 63.58 
2 1 LYS C 158 ? ? -169.06 -1.92 
3 1 LYS C 186 ? ? -53.33  -5.15 
# 
loop_
_pdbx_validate_planes.id 
_pdbx_validate_planes.PDB_model_num 
_pdbx_validate_planes.auth_comp_id 
_pdbx_validate_planes.auth_asym_id 
_pdbx_validate_planes.auth_seq_id 
_pdbx_validate_planes.PDB_ins_code 
_pdbx_validate_planes.label_alt_id 
_pdbx_validate_planes.rmsd 
_pdbx_validate_planes.type 
1 1 DA B 25 ? ? 0.064 'SIDE CHAIN' 
2 1 DA B 28 ? ? 0.075 'SIDE CHAIN' 
# 
_pdbx_validate_polymer_linkage.id               1 
_pdbx_validate_polymer_linkage.PDB_model_num    1 
_pdbx_validate_polymer_linkage.auth_atom_id_1   "O3'" 
_pdbx_validate_polymer_linkage.auth_asym_id_1   A 
_pdbx_validate_polymer_linkage.auth_comp_id_1   5IU 
_pdbx_validate_polymer_linkage.auth_seq_id_1    4 
_pdbx_validate_polymer_linkage.PDB_ins_code_1   ? 
_pdbx_validate_polymer_linkage.label_alt_id_1   ? 
_pdbx_validate_polymer_linkage.auth_atom_id_2   P 
_pdbx_validate_polymer_linkage.auth_asym_id_2   A 
_pdbx_validate_polymer_linkage.auth_comp_id_2   DT 
_pdbx_validate_polymer_linkage.auth_seq_id_2    5 
_pdbx_validate_polymer_linkage.PDB_ins_code_2   ? 
_pdbx_validate_polymer_linkage.label_alt_id_2   ? 
_pdbx_validate_polymer_linkage.dist             1.81 
# 
_pdbx_struct_mod_residue.id               1 
_pdbx_struct_mod_residue.label_asym_id    A 
_pdbx_struct_mod_residue.label_comp_id    5IU 
_pdbx_struct_mod_residue.label_seq_id     3 
_pdbx_struct_mod_residue.auth_asym_id     A 
_pdbx_struct_mod_residue.auth_comp_id     5IU 
_pdbx_struct_mod_residue.auth_seq_id      4 
_pdbx_struct_mod_residue.PDB_ins_code     ? 
_pdbx_struct_mod_residue.parent_comp_id   DU 
_pdbx_struct_mod_residue.details          "5-IODO-2'-DEOXYURIDINE-5'-MONOPHOSPHATE" 
# 
_pdbx_struct_special_symmetry.id              1 
_pdbx_struct_special_symmetry.PDB_model_num   1 
_pdbx_struct_special_symmetry.auth_asym_id    B 
_pdbx_struct_special_symmetry.auth_comp_id    HOH 
_pdbx_struct_special_symmetry.auth_seq_id     212 
_pdbx_struct_special_symmetry.PDB_ins_code    ? 
_pdbx_struct_special_symmetry.label_asym_id   E 
_pdbx_struct_special_symmetry.label_comp_id   HOH 
_pdbx_struct_special_symmetry.label_seq_id    . 
# 
loop_
_pdbx_unobs_or_zero_occ_residues.id 
_pdbx_unobs_or_zero_occ_residues.PDB_model_num 
_pdbx_unobs_or_zero_occ_residues.polymer_flag 
_pdbx_unobs_or_zero_occ_residues.occupancy_flag 
_pdbx_unobs_or_zero_occ_residues.auth_asym_id 
_pdbx_unobs_or_zero_occ_residues.auth_comp_id 
_pdbx_unobs_or_zero_occ_residues.auth_seq_id 
_pdbx_unobs_or_zero_occ_residues.PDB_ins_code 
_pdbx_unobs_or_zero_occ_residues.label_asym_id 
_pdbx_unobs_or_zero_occ_residues.label_comp_id 
_pdbx_unobs_or_zero_occ_residues.label_seq_id 
1 1 Y 1 C ARG 188 ? C ARG 50 
2 1 Y 1 C MET 189 ? C MET 51 
3 1 Y 1 C ASN 190 ? C ASN 52 
# 
loop_
_chem_comp_atom.comp_id 
_chem_comp_atom.atom_id 
_chem_comp_atom.type_symbol 
_chem_comp_atom.pdbx_aromatic_flag 
_chem_comp_atom.pdbx_stereo_config 
_chem_comp_atom.pdbx_ordinal 
5IU N1     N N N 1   
5IU C2     C N N 2   
5IU N3     N N N 3   
5IU C4     C N N 4   
5IU C5     C N N 5   
5IU C6     C N N 6   
5IU O2     O N N 7   
5IU O4     O N N 8   
5IU I5     I N N 9   
5IU "C1'"  C N R 10  
5IU "C2'"  C N N 11  
5IU "C3'"  C N S 12  
5IU "C4'"  C N R 13  
5IU "O3'"  O N N 14  
5IU "O4'"  O N N 15  
5IU "C5'"  C N N 16  
5IU "O5'"  O N N 17  
5IU P      P N N 18  
5IU OP1    O N N 19  
5IU OP2    O N N 20  
5IU OP3    O N N 21  
5IU HN3    H N N 22  
5IU H6     H N N 23  
5IU "H1'"  H N N 24  
5IU "H2'"  H N N 25  
5IU "H2''" H N N 26  
5IU "H3'"  H N N 27  
5IU "H4'"  H N N 28  
5IU "HO3'" H N N 29  
5IU "H5'"  H N N 30  
5IU "H5''" H N N 31  
5IU HOP2   H N N 32  
5IU HOP3   H N N 33  
ALA N      N N N 34  
ALA CA     C N S 35  
ALA C      C N N 36  
ALA O      O N N 37  
ALA CB     C N N 38  
ALA OXT    O N N 39  
ALA H      H N N 40  
ALA H2     H N N 41  
ALA HA     H N N 42  
ALA HB1    H N N 43  
ALA HB2    H N N 44  
ALA HB3    H N N 45  
ALA HXT    H N N 46  
ARG N      N N N 47  
ARG CA     C N S 48  
ARG C      C N N 49  
ARG O      O N N 50  
ARG CB     C N N 51  
ARG CG     C N N 52  
ARG CD     C N N 53  
ARG NE     N N N 54  
ARG CZ     C N N 55  
ARG NH1    N N N 56  
ARG NH2    N N N 57  
ARG OXT    O N N 58  
ARG H      H N N 59  
ARG H2     H N N 60  
ARG HA     H N N 61  
ARG HB2    H N N 62  
ARG HB3    H N N 63  
ARG HG2    H N N 64  
ARG HG3    H N N 65  
ARG HD2    H N N 66  
ARG HD3    H N N 67  
ARG HE     H N N 68  
ARG HH11   H N N 69  
ARG HH12   H N N 70  
ARG HH21   H N N 71  
ARG HH22   H N N 72  
ARG HXT    H N N 73  
ASN N      N N N 74  
ASN CA     C N S 75  
ASN C      C N N 76  
ASN O      O N N 77  
ASN CB     C N N 78  
ASN CG     C N N 79  
ASN OD1    O N N 80  
ASN ND2    N N N 81  
ASN OXT    O N N 82  
ASN H      H N N 83  
ASN H2     H N N 84  
ASN HA     H N N 85  
ASN HB2    H N N 86  
ASN HB3    H N N 87  
ASN HD21   H N N 88  
ASN HD22   H N N 89  
ASN HXT    H N N 90  
DA  OP3    O N N 91  
DA  P      P N N 92  
DA  OP1    O N N 93  
DA  OP2    O N N 94  
DA  "O5'"  O N N 95  
DA  "C5'"  C N N 96  
DA  "C4'"  C N R 97  
DA  "O4'"  O N N 98  
DA  "C3'"  C N S 99  
DA  "O3'"  O N N 100 
DA  "C2'"  C N N 101 
DA  "C1'"  C N R 102 
DA  N9     N Y N 103 
DA  C8     C Y N 104 
DA  N7     N Y N 105 
DA  C5     C Y N 106 
DA  C6     C Y N 107 
DA  N6     N N N 108 
DA  N1     N Y N 109 
DA  C2     C Y N 110 
DA  N3     N Y N 111 
DA  C4     C Y N 112 
DA  HOP3   H N N 113 
DA  HOP2   H N N 114 
DA  "H5'"  H N N 115 
DA  "H5''" H N N 116 
DA  "H4'"  H N N 117 
DA  "H3'"  H N N 118 
DA  "HO3'" H N N 119 
DA  "H2'"  H N N 120 
DA  "H2''" H N N 121 
DA  "H1'"  H N N 122 
DA  H8     H N N 123 
DA  H61    H N N 124 
DA  H62    H N N 125 
DA  H2     H N N 126 
DC  OP3    O N N 127 
DC  P      P N N 128 
DC  OP1    O N N 129 
DC  OP2    O N N 130 
DC  "O5'"  O N N 131 
DC  "C5'"  C N N 132 
DC  "C4'"  C N R 133 
DC  "O4'"  O N N 134 
DC  "C3'"  C N S 135 
DC  "O3'"  O N N 136 
DC  "C2'"  C N N 137 
DC  "C1'"  C N R 138 
DC  N1     N N N 139 
DC  C2     C N N 140 
DC  O2     O N N 141 
DC  N3     N N N 142 
DC  C4     C N N 143 
DC  N4     N N N 144 
DC  C5     C N N 145 
DC  C6     C N N 146 
DC  HOP3   H N N 147 
DC  HOP2   H N N 148 
DC  "H5'"  H N N 149 
DC  "H5''" H N N 150 
DC  "H4'"  H N N 151 
DC  "H3'"  H N N 152 
DC  "HO3'" H N N 153 
DC  "H2'"  H N N 154 
DC  "H2''" H N N 155 
DC  "H1'"  H N N 156 
DC  H41    H N N 157 
DC  H42    H N N 158 
DC  H5     H N N 159 
DC  H6     H N N 160 
DG  OP3    O N N 161 
DG  P      P N N 162 
DG  OP1    O N N 163 
DG  OP2    O N N 164 
DG  "O5'"  O N N 165 
DG  "C5'"  C N N 166 
DG  "C4'"  C N R 167 
DG  "O4'"  O N N 168 
DG  "C3'"  C N S 169 
DG  "O3'"  O N N 170 
DG  "C2'"  C N N 171 
DG  "C1'"  C N R 172 
DG  N9     N Y N 173 
DG  C8     C Y N 174 
DG  N7     N Y N 175 
DG  C5     C Y N 176 
DG  C6     C N N 177 
DG  O6     O N N 178 
DG  N1     N N N 179 
DG  C2     C N N 180 
DG  N2     N N N 181 
DG  N3     N N N 182 
DG  C4     C Y N 183 
DG  HOP3   H N N 184 
DG  HOP2   H N N 185 
DG  "H5'"  H N N 186 
DG  "H5''" H N N 187 
DG  "H4'"  H N N 188 
DG  "H3'"  H N N 189 
DG  "HO3'" H N N 190 
DG  "H2'"  H N N 191 
DG  "H2''" H N N 192 
DG  "H1'"  H N N 193 
DG  H8     H N N 194 
DG  H1     H N N 195 
DG  H21    H N N 196 
DG  H22    H N N 197 
DT  OP3    O N N 198 
DT  P      P N N 199 
DT  OP1    O N N 200 
DT  OP2    O N N 201 
DT  "O5'"  O N N 202 
DT  "C5'"  C N N 203 
DT  "C4'"  C N R 204 
DT  "O4'"  O N N 205 
DT  "C3'"  C N S 206 
DT  "O3'"  O N N 207 
DT  "C2'"  C N N 208 
DT  "C1'"  C N R 209 
DT  N1     N N N 210 
DT  C2     C N N 211 
DT  O2     O N N 212 
DT  N3     N N N 213 
DT  C4     C N N 214 
DT  O4     O N N 215 
DT  C5     C N N 216 
DT  C7     C N N 217 
DT  C6     C N N 218 
DT  HOP3   H N N 219 
DT  HOP2   H N N 220 
DT  "H5'"  H N N 221 
DT  "H5''" H N N 222 
DT  "H4'"  H N N 223 
DT  "H3'"  H N N 224 
DT  "HO3'" H N N 225 
DT  "H2'"  H N N 226 
DT  "H2''" H N N 227 
DT  "H1'"  H N N 228 
DT  H3     H N N 229 
DT  H71    H N N 230 
DT  H72    H N N 231 
DT  H73    H N N 232 
DT  H6     H N N 233 
GLN N      N N N 234 
GLN CA     C N S 235 
GLN C      C N N 236 
GLN O      O N N 237 
GLN CB     C N N 238 
GLN CG     C N N 239 
GLN CD     C N N 240 
GLN OE1    O N N 241 
GLN NE2    N N N 242 
GLN OXT    O N N 243 
GLN H      H N N 244 
GLN H2     H N N 245 
GLN HA     H N N 246 
GLN HB2    H N N 247 
GLN HB3    H N N 248 
GLN HG2    H N N 249 
GLN HG3    H N N 250 
GLN HE21   H N N 251 
GLN HE22   H N N 252 
GLN HXT    H N N 253 
GLU N      N N N 254 
GLU CA     C N S 255 
GLU C      C N N 256 
GLU O      O N N 257 
GLU CB     C N N 258 
GLU CG     C N N 259 
GLU CD     C N N 260 
GLU OE1    O N N 261 
GLU OE2    O N N 262 
GLU OXT    O N N 263 
GLU H      H N N 264 
GLU H2     H N N 265 
GLU HA     H N N 266 
GLU HB2    H N N 267 
GLU HB3    H N N 268 
GLU HG2    H N N 269 
GLU HG3    H N N 270 
GLU HE2    H N N 271 
GLU HXT    H N N 272 
GLY N      N N N 273 
GLY CA     C N N 274 
GLY C      C N N 275 
GLY O      O N N 276 
GLY OXT    O N N 277 
GLY H      H N N 278 
GLY H2     H N N 279 
GLY HA2    H N N 280 
GLY HA3    H N N 281 
GLY HXT    H N N 282 
HIS N      N N N 283 
HIS CA     C N S 284 
HIS C      C N N 285 
HIS O      O N N 286 
HIS CB     C N N 287 
HIS CG     C Y N 288 
HIS ND1    N Y N 289 
HIS CD2    C Y N 290 
HIS CE1    C Y N 291 
HIS NE2    N Y N 292 
HIS OXT    O N N 293 
HIS H      H N N 294 
HIS H2     H N N 295 
HIS HA     H N N 296 
HIS HB2    H N N 297 
HIS HB3    H N N 298 
HIS HD1    H N N 299 
HIS HD2    H N N 300 
HIS HE1    H N N 301 
HIS HE2    H N N 302 
HIS HXT    H N N 303 
HOH O      O N N 304 
HOH H1     H N N 305 
HOH H2     H N N 306 
ILE N      N N N 307 
ILE CA     C N S 308 
ILE C      C N N 309 
ILE O      O N N 310 
ILE CB     C N S 311 
ILE CG1    C N N 312 
ILE CG2    C N N 313 
ILE CD1    C N N 314 
ILE OXT    O N N 315 
ILE H      H N N 316 
ILE H2     H N N 317 
ILE HA     H N N 318 
ILE HB     H N N 319 
ILE HG12   H N N 320 
ILE HG13   H N N 321 
ILE HG21   H N N 322 
ILE HG22   H N N 323 
ILE HG23   H N N 324 
ILE HD11   H N N 325 
ILE HD12   H N N 326 
ILE HD13   H N N 327 
ILE HXT    H N N 328 
LEU N      N N N 329 
LEU CA     C N S 330 
LEU C      C N N 331 
LEU O      O N N 332 
LEU CB     C N N 333 
LEU CG     C N N 334 
LEU CD1    C N N 335 
LEU CD2    C N N 336 
LEU OXT    O N N 337 
LEU H      H N N 338 
LEU H2     H N N 339 
LEU HA     H N N 340 
LEU HB2    H N N 341 
LEU HB3    H N N 342 
LEU HG     H N N 343 
LEU HD11   H N N 344 
LEU HD12   H N N 345 
LEU HD13   H N N 346 
LEU HD21   H N N 347 
LEU HD22   H N N 348 
LEU HD23   H N N 349 
LEU HXT    H N N 350 
LYS N      N N N 351 
LYS CA     C N S 352 
LYS C      C N N 353 
LYS O      O N N 354 
LYS CB     C N N 355 
LYS CG     C N N 356 
LYS CD     C N N 357 
LYS CE     C N N 358 
LYS NZ     N N N 359 
LYS OXT    O N N 360 
LYS H      H N N 361 
LYS H2     H N N 362 
LYS HA     H N N 363 
LYS HB2    H N N 364 
LYS HB3    H N N 365 
LYS HG2    H N N 366 
LYS HG3    H N N 367 
LYS HD2    H N N 368 
LYS HD3    H N N 369 
LYS HE2    H N N 370 
LYS HE3    H N N 371 
LYS HZ1    H N N 372 
LYS HZ2    H N N 373 
LYS HZ3    H N N 374 
LYS HXT    H N N 375 
MET N      N N N 376 
MET CA     C N S 377 
MET C      C N N 378 
MET O      O N N 379 
MET CB     C N N 380 
MET CG     C N N 381 
MET SD     S N N 382 
MET CE     C N N 383 
MET OXT    O N N 384 
MET H      H N N 385 
MET H2     H N N 386 
MET HA     H N N 387 
MET HB2    H N N 388 
MET HB3    H N N 389 
MET HG2    H N N 390 
MET HG3    H N N 391 
MET HE1    H N N 392 
MET HE2    H N N 393 
MET HE3    H N N 394 
MET HXT    H N N 395 
PHE N      N N N 396 
PHE CA     C N S 397 
PHE C      C N N 398 
PHE O      O N N 399 
PHE CB     C N N 400 
PHE CG     C Y N 401 
PHE CD1    C Y N 402 
PHE CD2    C Y N 403 
PHE CE1    C Y N 404 
PHE CE2    C Y N 405 
PHE CZ     C Y N 406 
PHE OXT    O N N 407 
PHE H      H N N 408 
PHE H2     H N N 409 
PHE HA     H N N 410 
PHE HB2    H N N 411 
PHE HB3    H N N 412 
PHE HD1    H N N 413 
PHE HD2    H N N 414 
PHE HE1    H N N 415 
PHE HE2    H N N 416 
PHE HZ     H N N 417 
PHE HXT    H N N 418 
PRO N      N N N 419 
PRO CA     C N S 420 
PRO C      C N N 421 
PRO O      O N N 422 
PRO CB     C N N 423 
PRO CG     C N N 424 
PRO CD     C N N 425 
PRO OXT    O N N 426 
PRO H      H N N 427 
PRO HA     H N N 428 
PRO HB2    H N N 429 
PRO HB3    H N N 430 
PRO HG2    H N N 431 
PRO HG3    H N N 432 
PRO HD2    H N N 433 
PRO HD3    H N N 434 
PRO HXT    H N N 435 
SER N      N N N 436 
SER CA     C N S 437 
SER C      C N N 438 
SER O      O N N 439 
SER CB     C N N 440 
SER OG     O N N 441 
SER OXT    O N N 442 
SER H      H N N 443 
SER H2     H N N 444 
SER HA     H N N 445 
SER HB2    H N N 446 
SER HB3    H N N 447 
SER HG     H N N 448 
SER HXT    H N N 449 
THR N      N N N 450 
THR CA     C N S 451 
THR C      C N N 452 
THR O      O N N 453 
THR CB     C N R 454 
THR OG1    O N N 455 
THR CG2    C N N 456 
THR OXT    O N N 457 
THR H      H N N 458 
THR H2     H N N 459 
THR HA     H N N 460 
THR HB     H N N 461 
THR HG1    H N N 462 
THR HG21   H N N 463 
THR HG22   H N N 464 
THR HG23   H N N 465 
THR HXT    H N N 466 
TYR N      N N N 467 
TYR CA     C N S 468 
TYR C      C N N 469 
TYR O      O N N 470 
TYR CB     C N N 471 
TYR CG     C Y N 472 
TYR CD1    C Y N 473 
TYR CD2    C Y N 474 
TYR CE1    C Y N 475 
TYR CE2    C Y N 476 
TYR CZ     C Y N 477 
TYR OH     O N N 478 
TYR OXT    O N N 479 
TYR H      H N N 480 
TYR H2     H N N 481 
TYR HA     H N N 482 
TYR HB2    H N N 483 
TYR HB3    H N N 484 
TYR HD1    H N N 485 
TYR HD2    H N N 486 
TYR HE1    H N N 487 
TYR HE2    H N N 488 
TYR HH     H N N 489 
TYR HXT    H N N 490 
VAL N      N N N 491 
VAL CA     C N S 492 
VAL C      C N N 493 
VAL O      O N N 494 
VAL CB     C N N 495 
VAL CG1    C N N 496 
VAL CG2    C N N 497 
VAL OXT    O N N 498 
VAL H      H N N 499 
VAL H2     H N N 500 
VAL HA     H N N 501 
VAL HB     H N N 502 
VAL HG11   H N N 503 
VAL HG12   H N N 504 
VAL HG13   H N N 505 
VAL HG21   H N N 506 
VAL HG22   H N N 507 
VAL HG23   H N N 508 
VAL HXT    H N N 509 
# 
loop_
_chem_comp_bond.comp_id 
_chem_comp_bond.atom_id_1 
_chem_comp_bond.atom_id_2 
_chem_comp_bond.value_order 
_chem_comp_bond.pdbx_aromatic_flag 
_chem_comp_bond.pdbx_stereo_config 
_chem_comp_bond.pdbx_ordinal 
5IU N1    C2     sing N N 1   
5IU N1    C6     sing N N 2   
5IU N1    "C1'"  sing N N 3   
5IU C2    N3     sing N N 4   
5IU C2    O2     doub N N 5   
5IU N3    C4     sing N N 6   
5IU N3    HN3    sing N N 7   
5IU C4    C5     sing N N 8   
5IU C4    O4     doub N N 9   
5IU C5    C6     doub N N 10  
5IU C5    I5     sing N N 11  
5IU C6    H6     sing N N 12  
5IU "C1'" "C2'"  sing N N 13  
5IU "C1'" "O4'"  sing N N 14  
5IU "C1'" "H1'"  sing N N 15  
5IU "C2'" "C3'"  sing N N 16  
5IU "C2'" "H2'"  sing N N 17  
5IU "C2'" "H2''" sing N N 18  
5IU "C3'" "C4'"  sing N N 19  
5IU "C3'" "O3'"  sing N N 20  
5IU "C3'" "H3'"  sing N N 21  
5IU "C4'" "O4'"  sing N N 22  
5IU "C4'" "C5'"  sing N N 23  
5IU "C4'" "H4'"  sing N N 24  
5IU "O3'" "HO3'" sing N N 25  
5IU "C5'" "O5'"  sing N N 26  
5IU "C5'" "H5'"  sing N N 27  
5IU "C5'" "H5''" sing N N 28  
5IU "O5'" P      sing N N 29  
5IU P     OP1    doub N N 30  
5IU P     OP2    sing N N 31  
5IU P     OP3    sing N N 32  
5IU OP2   HOP2   sing N N 33  
5IU OP3   HOP3   sing N N 34  
ALA N     CA     sing N N 35  
ALA N     H      sing N N 36  
ALA N     H2     sing N N 37  
ALA CA    C      sing N N 38  
ALA CA    CB     sing N N 39  
ALA CA    HA     sing N N 40  
ALA C     O      doub N N 41  
ALA C     OXT    sing N N 42  
ALA CB    HB1    sing N N 43  
ALA CB    HB2    sing N N 44  
ALA CB    HB3    sing N N 45  
ALA OXT   HXT    sing N N 46  
ARG N     CA     sing N N 47  
ARG N     H      sing N N 48  
ARG N     H2     sing N N 49  
ARG CA    C      sing N N 50  
ARG CA    CB     sing N N 51  
ARG CA    HA     sing N N 52  
ARG C     O      doub N N 53  
ARG C     OXT    sing N N 54  
ARG CB    CG     sing N N 55  
ARG CB    HB2    sing N N 56  
ARG CB    HB3    sing N N 57  
ARG CG    CD     sing N N 58  
ARG CG    HG2    sing N N 59  
ARG CG    HG3    sing N N 60  
ARG CD    NE     sing N N 61  
ARG CD    HD2    sing N N 62  
ARG CD    HD3    sing N N 63  
ARG NE    CZ     sing N N 64  
ARG NE    HE     sing N N 65  
ARG CZ    NH1    sing N N 66  
ARG CZ    NH2    doub N N 67  
ARG NH1   HH11   sing N N 68  
ARG NH1   HH12   sing N N 69  
ARG NH2   HH21   sing N N 70  
ARG NH2   HH22   sing N N 71  
ARG OXT   HXT    sing N N 72  
ASN N     CA     sing N N 73  
ASN N     H      sing N N 74  
ASN N     H2     sing N N 75  
ASN CA    C      sing N N 76  
ASN CA    CB     sing N N 77  
ASN CA    HA     sing N N 78  
ASN C     O      doub N N 79  
ASN C     OXT    sing N N 80  
ASN CB    CG     sing N N 81  
ASN CB    HB2    sing N N 82  
ASN CB    HB3    sing N N 83  
ASN CG    OD1    doub N N 84  
ASN CG    ND2    sing N N 85  
ASN ND2   HD21   sing N N 86  
ASN ND2   HD22   sing N N 87  
ASN OXT   HXT    sing N N 88  
DA  OP3   P      sing N N 89  
DA  OP3   HOP3   sing N N 90  
DA  P     OP1    doub N N 91  
DA  P     OP2    sing N N 92  
DA  P     "O5'"  sing N N 93  
DA  OP2   HOP2   sing N N 94  
DA  "O5'" "C5'"  sing N N 95  
DA  "C5'" "C4'"  sing N N 96  
DA  "C5'" "H5'"  sing N N 97  
DA  "C5'" "H5''" sing N N 98  
DA  "C4'" "O4'"  sing N N 99  
DA  "C4'" "C3'"  sing N N 100 
DA  "C4'" "H4'"  sing N N 101 
DA  "O4'" "C1'"  sing N N 102 
DA  "C3'" "O3'"  sing N N 103 
DA  "C3'" "C2'"  sing N N 104 
DA  "C3'" "H3'"  sing N N 105 
DA  "O3'" "HO3'" sing N N 106 
DA  "C2'" "C1'"  sing N N 107 
DA  "C2'" "H2'"  sing N N 108 
DA  "C2'" "H2''" sing N N 109 
DA  "C1'" N9     sing N N 110 
DA  "C1'" "H1'"  sing N N 111 
DA  N9    C8     sing Y N 112 
DA  N9    C4     sing Y N 113 
DA  C8    N7     doub Y N 114 
DA  C8    H8     sing N N 115 
DA  N7    C5     sing Y N 116 
DA  C5    C6     sing Y N 117 
DA  C5    C4     doub Y N 118 
DA  C6    N6     sing N N 119 
DA  C6    N1     doub Y N 120 
DA  N6    H61    sing N N 121 
DA  N6    H62    sing N N 122 
DA  N1    C2     sing Y N 123 
DA  C2    N3     doub Y N 124 
DA  C2    H2     sing N N 125 
DA  N3    C4     sing Y N 126 
DC  OP3   P      sing N N 127 
DC  OP3   HOP3   sing N N 128 
DC  P     OP1    doub N N 129 
DC  P     OP2    sing N N 130 
DC  P     "O5'"  sing N N 131 
DC  OP2   HOP2   sing N N 132 
DC  "O5'" "C5'"  sing N N 133 
DC  "C5'" "C4'"  sing N N 134 
DC  "C5'" "H5'"  sing N N 135 
DC  "C5'" "H5''" sing N N 136 
DC  "C4'" "O4'"  sing N N 137 
DC  "C4'" "C3'"  sing N N 138 
DC  "C4'" "H4'"  sing N N 139 
DC  "O4'" "C1'"  sing N N 140 
DC  "C3'" "O3'"  sing N N 141 
DC  "C3'" "C2'"  sing N N 142 
DC  "C3'" "H3'"  sing N N 143 
DC  "O3'" "HO3'" sing N N 144 
DC  "C2'" "C1'"  sing N N 145 
DC  "C2'" "H2'"  sing N N 146 
DC  "C2'" "H2''" sing N N 147 
DC  "C1'" N1     sing N N 148 
DC  "C1'" "H1'"  sing N N 149 
DC  N1    C2     sing N N 150 
DC  N1    C6     sing N N 151 
DC  C2    O2     doub N N 152 
DC  C2    N3     sing N N 153 
DC  N3    C4     doub N N 154 
DC  C4    N4     sing N N 155 
DC  C4    C5     sing N N 156 
DC  N4    H41    sing N N 157 
DC  N4    H42    sing N N 158 
DC  C5    C6     doub N N 159 
DC  C5    H5     sing N N 160 
DC  C6    H6     sing N N 161 
DG  OP3   P      sing N N 162 
DG  OP3   HOP3   sing N N 163 
DG  P     OP1    doub N N 164 
DG  P     OP2    sing N N 165 
DG  P     "O5'"  sing N N 166 
DG  OP2   HOP2   sing N N 167 
DG  "O5'" "C5'"  sing N N 168 
DG  "C5'" "C4'"  sing N N 169 
DG  "C5'" "H5'"  sing N N 170 
DG  "C5'" "H5''" sing N N 171 
DG  "C4'" "O4'"  sing N N 172 
DG  "C4'" "C3'"  sing N N 173 
DG  "C4'" "H4'"  sing N N 174 
DG  "O4'" "C1'"  sing N N 175 
DG  "C3'" "O3'"  sing N N 176 
DG  "C3'" "C2'"  sing N N 177 
DG  "C3'" "H3'"  sing N N 178 
DG  "O3'" "HO3'" sing N N 179 
DG  "C2'" "C1'"  sing N N 180 
DG  "C2'" "H2'"  sing N N 181 
DG  "C2'" "H2''" sing N N 182 
DG  "C1'" N9     sing N N 183 
DG  "C1'" "H1'"  sing N N 184 
DG  N9    C8     sing Y N 185 
DG  N9    C4     sing Y N 186 
DG  C8    N7     doub Y N 187 
DG  C8    H8     sing N N 188 
DG  N7    C5     sing Y N 189 
DG  C5    C6     sing N N 190 
DG  C5    C4     doub Y N 191 
DG  C6    O6     doub N N 192 
DG  C6    N1     sing N N 193 
DG  N1    C2     sing N N 194 
DG  N1    H1     sing N N 195 
DG  C2    N2     sing N N 196 
DG  C2    N3     doub N N 197 
DG  N2    H21    sing N N 198 
DG  N2    H22    sing N N 199 
DG  N3    C4     sing N N 200 
DT  OP3   P      sing N N 201 
DT  OP3   HOP3   sing N N 202 
DT  P     OP1    doub N N 203 
DT  P     OP2    sing N N 204 
DT  P     "O5'"  sing N N 205 
DT  OP2   HOP2   sing N N 206 
DT  "O5'" "C5'"  sing N N 207 
DT  "C5'" "C4'"  sing N N 208 
DT  "C5'" "H5'"  sing N N 209 
DT  "C5'" "H5''" sing N N 210 
DT  "C4'" "O4'"  sing N N 211 
DT  "C4'" "C3'"  sing N N 212 
DT  "C4'" "H4'"  sing N N 213 
DT  "O4'" "C1'"  sing N N 214 
DT  "C3'" "O3'"  sing N N 215 
DT  "C3'" "C2'"  sing N N 216 
DT  "C3'" "H3'"  sing N N 217 
DT  "O3'" "HO3'" sing N N 218 
DT  "C2'" "C1'"  sing N N 219 
DT  "C2'" "H2'"  sing N N 220 
DT  "C2'" "H2''" sing N N 221 
DT  "C1'" N1     sing N N 222 
DT  "C1'" "H1'"  sing N N 223 
DT  N1    C2     sing N N 224 
DT  N1    C6     sing N N 225 
DT  C2    O2     doub N N 226 
DT  C2    N3     sing N N 227 
DT  N3    C4     sing N N 228 
DT  N3    H3     sing N N 229 
DT  C4    O4     doub N N 230 
DT  C4    C5     sing N N 231 
DT  C5    C7     sing N N 232 
DT  C5    C6     doub N N 233 
DT  C7    H71    sing N N 234 
DT  C7    H72    sing N N 235 
DT  C7    H73    sing N N 236 
DT  C6    H6     sing N N 237 
GLN N     CA     sing N N 238 
GLN N     H      sing N N 239 
GLN N     H2     sing N N 240 
GLN CA    C      sing N N 241 
GLN CA    CB     sing N N 242 
GLN CA    HA     sing N N 243 
GLN C     O      doub N N 244 
GLN C     OXT    sing N N 245 
GLN CB    CG     sing N N 246 
GLN CB    HB2    sing N N 247 
GLN CB    HB3    sing N N 248 
GLN CG    CD     sing N N 249 
GLN CG    HG2    sing N N 250 
GLN CG    HG3    sing N N 251 
GLN CD    OE1    doub N N 252 
GLN CD    NE2    sing N N 253 
GLN NE2   HE21   sing N N 254 
GLN NE2   HE22   sing N N 255 
GLN OXT   HXT    sing N N 256 
GLU N     CA     sing N N 257 
GLU N     H      sing N N 258 
GLU N     H2     sing N N 259 
GLU CA    C      sing N N 260 
GLU CA    CB     sing N N 261 
GLU CA    HA     sing N N 262 
GLU C     O      doub N N 263 
GLU C     OXT    sing N N 264 
GLU CB    CG     sing N N 265 
GLU CB    HB2    sing N N 266 
GLU CB    HB3    sing N N 267 
GLU CG    CD     sing N N 268 
GLU CG    HG2    sing N N 269 
GLU CG    HG3    sing N N 270 
GLU CD    OE1    doub N N 271 
GLU CD    OE2    sing N N 272 
GLU OE2   HE2    sing N N 273 
GLU OXT   HXT    sing N N 274 
GLY N     CA     sing N N 275 
GLY N     H      sing N N 276 
GLY N     H2     sing N N 277 
GLY CA    C      sing N N 278 
GLY CA    HA2    sing N N 279 
GLY CA    HA3    sing N N 280 
GLY C     O      doub N N 281 
GLY C     OXT    sing N N 282 
GLY OXT   HXT    sing N N 283 
HIS N     CA     sing N N 284 
HIS N     H      sing N N 285 
HIS N     H2     sing N N 286 
HIS CA    C      sing N N 287 
HIS CA    CB     sing N N 288 
HIS CA    HA     sing N N 289 
HIS C     O      doub N N 290 
HIS C     OXT    sing N N 291 
HIS CB    CG     sing N N 292 
HIS CB    HB2    sing N N 293 
HIS CB    HB3    sing N N 294 
HIS CG    ND1    sing Y N 295 
HIS CG    CD2    doub Y N 296 
HIS ND1   CE1    doub Y N 297 
HIS ND1   HD1    sing N N 298 
HIS CD2   NE2    sing Y N 299 
HIS CD2   HD2    sing N N 300 
HIS CE1   NE2    sing Y N 301 
HIS CE1   HE1    sing N N 302 
HIS NE2   HE2    sing N N 303 
HIS OXT   HXT    sing N N 304 
HOH O     H1     sing N N 305 
HOH O     H2     sing N N 306 
ILE N     CA     sing N N 307 
ILE N     H      sing N N 308 
ILE N     H2     sing N N 309 
ILE CA    C      sing N N 310 
ILE CA    CB     sing N N 311 
ILE CA    HA     sing N N 312 
ILE C     O      doub N N 313 
ILE C     OXT    sing N N 314 
ILE CB    CG1    sing N N 315 
ILE CB    CG2    sing N N 316 
ILE CB    HB     sing N N 317 
ILE CG1   CD1    sing N N 318 
ILE CG1   HG12   sing N N 319 
ILE CG1   HG13   sing N N 320 
ILE CG2   HG21   sing N N 321 
ILE CG2   HG22   sing N N 322 
ILE CG2   HG23   sing N N 323 
ILE CD1   HD11   sing N N 324 
ILE CD1   HD12   sing N N 325 
ILE CD1   HD13   sing N N 326 
ILE OXT   HXT    sing N N 327 
LEU N     CA     sing N N 328 
LEU N     H      sing N N 329 
LEU N     H2     sing N N 330 
LEU CA    C      sing N N 331 
LEU CA    CB     sing N N 332 
LEU CA    HA     sing N N 333 
LEU C     O      doub N N 334 
LEU C     OXT    sing N N 335 
LEU CB    CG     sing N N 336 
LEU CB    HB2    sing N N 337 
LEU CB    HB3    sing N N 338 
LEU CG    CD1    sing N N 339 
LEU CG    CD2    sing N N 340 
LEU CG    HG     sing N N 341 
LEU CD1   HD11   sing N N 342 
LEU CD1   HD12   sing N N 343 
LEU CD1   HD13   sing N N 344 
LEU CD2   HD21   sing N N 345 
LEU CD2   HD22   sing N N 346 
LEU CD2   HD23   sing N N 347 
LEU OXT   HXT    sing N N 348 
LYS N     CA     sing N N 349 
LYS N     H      sing N N 350 
LYS N     H2     sing N N 351 
LYS CA    C      sing N N 352 
LYS CA    CB     sing N N 353 
LYS CA    HA     sing N N 354 
LYS C     O      doub N N 355 
LYS C     OXT    sing N N 356 
LYS CB    CG     sing N N 357 
LYS CB    HB2    sing N N 358 
LYS CB    HB3    sing N N 359 
LYS CG    CD     sing N N 360 
LYS CG    HG2    sing N N 361 
LYS CG    HG3    sing N N 362 
LYS CD    CE     sing N N 363 
LYS CD    HD2    sing N N 364 
LYS CD    HD3    sing N N 365 
LYS CE    NZ     sing N N 366 
LYS CE    HE2    sing N N 367 
LYS CE    HE3    sing N N 368 
LYS NZ    HZ1    sing N N 369 
LYS NZ    HZ2    sing N N 370 
LYS NZ    HZ3    sing N N 371 
LYS OXT   HXT    sing N N 372 
MET N     CA     sing N N 373 
MET N     H      sing N N 374 
MET N     H2     sing N N 375 
MET CA    C      sing N N 376 
MET CA    CB     sing N N 377 
MET CA    HA     sing N N 378 
MET C     O      doub N N 379 
MET C     OXT    sing N N 380 
MET CB    CG     sing N N 381 
MET CB    HB2    sing N N 382 
MET CB    HB3    sing N N 383 
MET CG    SD     sing N N 384 
MET CG    HG2    sing N N 385 
MET CG    HG3    sing N N 386 
MET SD    CE     sing N N 387 
MET CE    HE1    sing N N 388 
MET CE    HE2    sing N N 389 
MET CE    HE3    sing N N 390 
MET OXT   HXT    sing N N 391 
PHE N     CA     sing N N 392 
PHE N     H      sing N N 393 
PHE N     H2     sing N N 394 
PHE CA    C      sing N N 395 
PHE CA    CB     sing N N 396 
PHE CA    HA     sing N N 397 
PHE C     O      doub N N 398 
PHE C     OXT    sing N N 399 
PHE CB    CG     sing N N 400 
PHE CB    HB2    sing N N 401 
PHE CB    HB3    sing N N 402 
PHE CG    CD1    doub Y N 403 
PHE CG    CD2    sing Y N 404 
PHE CD1   CE1    sing Y N 405 
PHE CD1   HD1    sing N N 406 
PHE CD2   CE2    doub Y N 407 
PHE CD2   HD2    sing N N 408 
PHE CE1   CZ     doub Y N 409 
PHE CE1   HE1    sing N N 410 
PHE CE2   CZ     sing Y N 411 
PHE CE2   HE2    sing N N 412 
PHE CZ    HZ     sing N N 413 
PHE OXT   HXT    sing N N 414 
PRO N     CA     sing N N 415 
PRO N     CD     sing N N 416 
PRO N     H      sing N N 417 
PRO CA    C      sing N N 418 
PRO CA    CB     sing N N 419 
PRO CA    HA     sing N N 420 
PRO C     O      doub N N 421 
PRO C     OXT    sing N N 422 
PRO CB    CG     sing N N 423 
PRO CB    HB2    sing N N 424 
PRO CB    HB3    sing N N 425 
PRO CG    CD     sing N N 426 
PRO CG    HG2    sing N N 427 
PRO CG    HG3    sing N N 428 
PRO CD    HD2    sing N N 429 
PRO CD    HD3    sing N N 430 
PRO OXT   HXT    sing N N 431 
SER N     CA     sing N N 432 
SER N     H      sing N N 433 
SER N     H2     sing N N 434 
SER CA    C      sing N N 435 
SER CA    CB     sing N N 436 
SER CA    HA     sing N N 437 
SER C     O      doub N N 438 
SER C     OXT    sing N N 439 
SER CB    OG     sing N N 440 
SER CB    HB2    sing N N 441 
SER CB    HB3    sing N N 442 
SER OG    HG     sing N N 443 
SER OXT   HXT    sing N N 444 
THR N     CA     sing N N 445 
THR N     H      sing N N 446 
THR N     H2     sing N N 447 
THR CA    C      sing N N 448 
THR CA    CB     sing N N 449 
THR CA    HA     sing N N 450 
THR C     O      doub N N 451 
THR C     OXT    sing N N 452 
THR CB    OG1    sing N N 453 
THR CB    CG2    sing N N 454 
THR CB    HB     sing N N 455 
THR OG1   HG1    sing N N 456 
THR CG2   HG21   sing N N 457 
THR CG2   HG22   sing N N 458 
THR CG2   HG23   sing N N 459 
THR OXT   HXT    sing N N 460 
TYR N     CA     sing N N 461 
TYR N     H      sing N N 462 
TYR N     H2     sing N N 463 
TYR CA    C      sing N N 464 
TYR CA    CB     sing N N 465 
TYR CA    HA     sing N N 466 
TYR C     O      doub N N 467 
TYR C     OXT    sing N N 468 
TYR CB    CG     sing N N 469 
TYR CB    HB2    sing N N 470 
TYR CB    HB3    sing N N 471 
TYR CG    CD1    doub Y N 472 
TYR CG    CD2    sing Y N 473 
TYR CD1   CE1    sing Y N 474 
TYR CD1   HD1    sing N N 475 
TYR CD2   CE2    doub Y N 476 
TYR CD2   HD2    sing N N 477 
TYR CE1   CZ     doub Y N 478 
TYR CE1   HE1    sing N N 479 
TYR CE2   CZ     sing Y N 480 
TYR CE2   HE2    sing N N 481 
TYR CZ    OH     sing N N 482 
TYR OH    HH     sing N N 483 
TYR OXT   HXT    sing N N 484 
VAL N     CA     sing N N 485 
VAL N     H      sing N N 486 
VAL N     H2     sing N N 487 
VAL CA    C      sing N N 488 
VAL CA    CB     sing N N 489 
VAL CA    HA     sing N N 490 
VAL C     O      doub N N 491 
VAL C     OXT    sing N N 492 
VAL CB    CG1    sing N N 493 
VAL CB    CG2    sing N N 494 
VAL CB    HB     sing N N 495 
VAL CG1   HG11   sing N N 496 
VAL CG1   HG12   sing N N 497 
VAL CG1   HG13   sing N N 498 
VAL CG2   HG21   sing N N 499 
VAL CG2   HG22   sing N N 500 
VAL CG2   HG23   sing N N 501 
VAL OXT   HXT    sing N N 502 
# 
loop_
_ndb_struct_conf_na.entry_id 
_ndb_struct_conf_na.feature 
1JJ8 'double helix'        
1JJ8 'b-form double helix' 
# 
loop_
_ndb_struct_na_base_pair.model_number 
_ndb_struct_na_base_pair.i_label_asym_id 
_ndb_struct_na_base_pair.i_label_comp_id 
_ndb_struct_na_base_pair.i_label_seq_id 
_ndb_struct_na_base_pair.i_symmetry 
_ndb_struct_na_base_pair.j_label_asym_id 
_ndb_struct_na_base_pair.j_label_comp_id 
_ndb_struct_na_base_pair.j_label_seq_id 
_ndb_struct_na_base_pair.j_symmetry 
_ndb_struct_na_base_pair.shear 
_ndb_struct_na_base_pair.stretch 
_ndb_struct_na_base_pair.stagger 
_ndb_struct_na_base_pair.buckle 
_ndb_struct_na_base_pair.propeller 
_ndb_struct_na_base_pair.opening 
_ndb_struct_na_base_pair.pair_number 
_ndb_struct_na_base_pair.pair_name 
_ndb_struct_na_base_pair.i_auth_asym_id 
_ndb_struct_na_base_pair.i_auth_seq_id 
_ndb_struct_na_base_pair.i_PDB_ins_code 
_ndb_struct_na_base_pair.j_auth_asym_id 
_ndb_struct_na_base_pair.j_auth_seq_id 
_ndb_struct_na_base_pair.j_PDB_ins_code 
_ndb_struct_na_base_pair.hbond_type_28 
_ndb_struct_na_base_pair.hbond_type_12 
1 A DG  2  1_555 B DC 14 1_555 0.297  -0.109 -0.500 -14.683 -9.559  2.557  1  A_DG3:DC29_B  A 3  ? B 29 ? 19 1 
1 A 5IU 3  1_555 B DA 13 1_555 0.725  0.123  -0.128 -3.727  -0.701  -6.744 2  A_5IU4:DA28_B A 4  ? B 28 ? 20 1 
1 A DT  4  1_555 B DA 12 1_555 -0.175 -0.278 -0.010 -7.007  -11.966 1.218  3  A_DT5:DA27_B  A 5  ? B 27 ? 20 1 
1 A DT  5  1_555 B DA 11 1_555 -0.062 -0.085 -0.130 -2.100  -23.330 0.544  4  A_DT6:DA26_B  A 6  ? B 26 ? 20 1 
1 A DT  6  1_555 B DA 10 1_555 -0.139 -0.298 -0.057 -11.183 -14.275 -9.120 5  A_DT7:DA25_B  A 7  ? B 25 ? 20 1 
1 A DT  7  1_555 B DA 9  1_555 0.217  -0.070 -0.137 -7.404  -17.312 -5.587 6  A_DT8:DA24_B  A 8  ? B 24 ? 20 1 
1 A DG  8  1_555 B DC 8  1_555 -0.359 -0.354 -0.486 -6.581  -5.072  0.284  7  A_DG9:DC23_B  A 9  ? B 23 ? 19 1 
1 A DA  9  1_555 B DT 7  1_555 0.118  -0.262 -0.050 5.705   -14.048 -2.913 8  A_DA10:DT22_B A 10 ? B 22 ? 20 1 
1 A DT  10 1_555 B DA 6  1_555 0.238  -0.209 -0.067 7.273   -11.070 0.573  9  A_DT11:DA21_B A 11 ? B 21 ? 20 1 
1 A DA  11 1_555 B DT 5  1_555 0.097  -0.227 -0.223 -3.703  -15.375 -2.907 10 A_DA12:DT20_B A 12 ? B 20 ? 20 1 
1 A DA  12 1_555 B DT 4  1_555 0.018  0.001  0.272  5.019   -12.572 6.340  11 A_DA13:DT19_B A 13 ? B 19 ? 20 1 
1 A DG  13 1_555 B DC 3  1_555 0.122  0.271  -0.019 5.209   -19.653 5.982  12 A_DG14:DC18_B A 14 ? B 18 ? 19 1 
# 
loop_
_ndb_struct_na_base_pair_step.model_number 
_ndb_struct_na_base_pair_step.i_label_asym_id_1 
_ndb_struct_na_base_pair_step.i_label_comp_id_1 
_ndb_struct_na_base_pair_step.i_label_seq_id_1 
_ndb_struct_na_base_pair_step.i_symmetry_1 
_ndb_struct_na_base_pair_step.j_label_asym_id_1 
_ndb_struct_na_base_pair_step.j_label_comp_id_1 
_ndb_struct_na_base_pair_step.j_label_seq_id_1 
_ndb_struct_na_base_pair_step.j_symmetry_1 
_ndb_struct_na_base_pair_step.i_label_asym_id_2 
_ndb_struct_na_base_pair_step.i_label_comp_id_2 
_ndb_struct_na_base_pair_step.i_label_seq_id_2 
_ndb_struct_na_base_pair_step.i_symmetry_2 
_ndb_struct_na_base_pair_step.j_label_asym_id_2 
_ndb_struct_na_base_pair_step.j_label_comp_id_2 
_ndb_struct_na_base_pair_step.j_label_seq_id_2 
_ndb_struct_na_base_pair_step.j_symmetry_2 
_ndb_struct_na_base_pair_step.shift 
_ndb_struct_na_base_pair_step.slide 
_ndb_struct_na_base_pair_step.rise 
_ndb_struct_na_base_pair_step.tilt 
_ndb_struct_na_base_pair_step.roll 
_ndb_struct_na_base_pair_step.twist 
_ndb_struct_na_base_pair_step.x_displacement 
_ndb_struct_na_base_pair_step.y_displacement 
_ndb_struct_na_base_pair_step.helical_rise 
_ndb_struct_na_base_pair_step.inclination 
_ndb_struct_na_base_pair_step.tip 
_ndb_struct_na_base_pair_step.helical_twist 
_ndb_struct_na_base_pair_step.step_number 
_ndb_struct_na_base_pair_step.step_name 
_ndb_struct_na_base_pair_step.i_auth_asym_id_1 
_ndb_struct_na_base_pair_step.i_auth_seq_id_1 
_ndb_struct_na_base_pair_step.i_PDB_ins_code_1 
_ndb_struct_na_base_pair_step.j_auth_asym_id_1 
_ndb_struct_na_base_pair_step.j_auth_seq_id_1 
_ndb_struct_na_base_pair_step.j_PDB_ins_code_1 
_ndb_struct_na_base_pair_step.i_auth_asym_id_2 
_ndb_struct_na_base_pair_step.i_auth_seq_id_2 
_ndb_struct_na_base_pair_step.i_PDB_ins_code_2 
_ndb_struct_na_base_pair_step.j_auth_asym_id_2 
_ndb_struct_na_base_pair_step.j_auth_seq_id_2 
_ndb_struct_na_base_pair_step.j_PDB_ins_code_2 
1 A DG  2  1_555 B DC 14 1_555 A 5IU 3  1_555 B DA 13 1_555 -0.626 -1.007 3.123 0.186  -1.379 35.471 -1.458 1.053  3.156 -2.262 
-0.306 35.498 1  AA_DG35IU4:DA28DC29_BB  A 3  ? B 29 ? A 4  ? B 28 ? 
1 A 5IU 3  1_555 B DA 13 1_555 A DT  4  1_555 B DA 12 1_555 -0.258 -0.567 3.231 2.811  1.318  30.124 -1.346 1.051  3.167 2.528  
-5.390 30.280 2  AA_5IU4DT5:DA27DA28_BB  A 4  ? B 28 ? A 5  ? B 27 ? 
1 A DT  4  1_555 B DA 12 1_555 A DT  5  1_555 B DA 11 1_555 -0.054 0.010  3.159 2.762  3.979  34.018 -0.585 0.509  3.126 6.759  
-4.692 34.351 3  AA_DT5DT6:DA26DA27_BB   A 5  ? B 27 ? A 6  ? B 26 ? 
1 A DT  5  1_555 B DA 11 1_555 A DT  6  1_555 B DA 10 1_555 0.177  -0.015 3.515 0.643  -0.701 37.408 0.076  -0.185 3.518 -1.093 
-1.002 37.419 4  AA_DT6DT7:DA25DA26_BB   A 6  ? B 26 ? A 7  ? B 25 ? 
1 A DT  6  1_555 B DA 10 1_555 A DT  7  1_555 B DA 9  1_555 -0.686 -0.484 3.127 -1.362 0.418  34.800 -0.870 0.948  3.145 0.698  
2.276  34.828 5  AA_DT7DT8:DA24DA25_BB   A 7  ? B 25 ? A 8  ? B 24 ? 
1 A DT  7  1_555 B DA 9  1_555 A DG  8  1_555 B DC 8  1_555 0.976  1.173  3.391 2.954  3.613  33.925 1.386  -1.161 3.563 6.156  
-5.034 34.235 6  AA_DT8DG9:DC23DA24_BB   A 8  ? B 24 ? A 9  ? B 23 ? 
1 A DG  8  1_555 B DC 8  1_555 A DA  9  1_555 B DT 7  1_555 -1.116 0.992  3.089 -8.281 0.796  38.284 1.387  0.689  3.270 1.196  
12.448 39.144 7  AA_DG9DA10:DT22DC23_BB  A 9  ? B 23 ? A 10 ? B 22 ? 
1 A DA  9  1_555 B DT 7  1_555 A DT  10 1_555 B DA 6  1_555 0.254  -0.752 3.277 1.619  2.824  29.619 -2.049 -0.159 3.202 5.503  
-3.155 29.793 8  AA_DA10DT11:DA21DT22_BB A 10 ? B 22 ? A 11 ? B 21 ? 
1 A DT  10 1_555 B DA 6  1_555 A DA  11 1_555 B DT 5  1_555 -0.564 0.763  3.654 -1.928 4.993  39.305 0.463  0.576  3.742 7.382  
2.850  39.654 9  AA_DT11DA12:DT20DA21_BB A 11 ? B 21 ? A 12 ? B 20 ? 
1 A DA  11 1_555 B DT 5  1_555 A DA  12 1_555 B DT 4  1_555 0.371  -0.062 2.936 -1.957 -2.326 34.754 0.212  -0.884 2.909 -3.885 
3.269  34.883 10 AA_DA12DA13:DT19DT20_BB A 12 ? B 20 ? A 13 ? B 19 ? 
1 A DA  12 1_555 B DT 4  1_555 A DG  13 1_555 B DC 3  1_555 -0.117 -0.332 3.346 1.887  6.691  33.501 -1.635 0.500  3.210 11.455 
-3.231 34.194 11 AA_DA13DG14:DC18DT19_BB A 13 ? B 19 ? A 14 ? B 18 ? 
# 
_pdbx_initial_refinement_model.accession_code   ? 
_pdbx_initial_refinement_model.id               1 
_pdbx_initial_refinement_model.entity_id_list   ? 
_pdbx_initial_refinement_model.type             'experimental model' 
_pdbx_initial_refinement_model.source_name      Other 
_pdbx_initial_refinement_model.details          'SIRAS PHASES' 
# 
_atom_sites.entry_id                    1JJ8 
_atom_sites.fract_transf_matrix[1][1]   0.00796685 
_atom_sites.fract_transf_matrix[1][2]   -0.00801907 
_atom_sites.fract_transf_matrix[1][3]   0.00997696 
_atom_sites.fract_transf_matrix[2][1]   0.01202448 
_atom_sites.fract_transf_matrix[2][2]   0.00730958 
_atom_sites.fract_transf_matrix[2][3]   -0.00372670 
_atom_sites.fract_transf_matrix[3][1]   -0.00315629 
_atom_sites.fract_transf_matrix[3][2]   0.01097429 
_atom_sites.fract_transf_matrix[3][3]   0.01134105 
_atom_sites.fract_transf_vector[1]      0.277484 
_atom_sites.fract_transf_vector[2]      0.358685 
_atom_sites.fract_transf_vector[3]      0.353646 
# 
loop_
_atom_type.symbol 
C 
I 
N 
O 
P 
# 
loop_
_atom_site.group_PDB 
_atom_site.id 
_atom_site.type_symbol 
_atom_site.label_atom_id 
_atom_site.label_alt_id 
_atom_site.label_comp_id 
_atom_site.label_asym_id 
_atom_site.label_entity_id 
_atom_site.label_seq_id 
_atom_site.pdbx_PDB_ins_code 
_atom_site.Cartn_x 
_atom_site.Cartn_y 
_atom_site.Cartn_z 
_atom_site.occupancy 
_atom_site.B_iso_or_equiv 
_atom_site.pdbx_formal_charge 
_atom_site.auth_seq_id 
_atom_site.auth_comp_id 
_atom_site.auth_asym_id 
_atom_site.auth_atom_id 
_atom_site.pdbx_PDB_model_num 
ATOM   1   O "O5'" . DT  A 1 1  ? -38.485 6.609   -3.692  1.00 42.48 ? 2   DT  A "O5'" 1 
ATOM   2   C "C5'" . DT  A 1 1  ? -37.207 6.046   -3.611  1.00 38.86 ? 2   DT  A "C5'" 1 
ATOM   3   C "C4'" . DT  A 1 1  ? -37.018 5.278   -4.891  1.00 38.20 ? 2   DT  A "C4'" 1 
ATOM   4   O "O4'" . DT  A 1 1  ? -38.073 5.593   -5.820  1.00 38.58 ? 2   DT  A "O4'" 1 
ATOM   5   C "C3'" . DT  A 1 1  ? -35.723 5.558   -5.637  1.00 39.04 ? 2   DT  A "C3'" 1 
ATOM   6   O "O3'" . DT  A 1 1  ? -35.409 4.365   -6.328  1.00 42.48 ? 2   DT  A "O3'" 1 
ATOM   7   C "C2'" . DT  A 1 1  ? -36.123 6.632   -6.632  1.00 36.95 ? 2   DT  A "C2'" 1 
ATOM   8   C "C1'" . DT  A 1 1  ? -37.548 6.235   -6.978  1.00 37.41 ? 2   DT  A "C1'" 1 
ATOM   9   N N1    . DT  A 1 1  ? -38.426 7.376   -7.252  1.00 36.76 ? 2   DT  A N1    1 
ATOM   10  C C2    . DT  A 1 1  ? -38.585 7.855   -8.536  1.00 36.80 ? 2   DT  A C2    1 
ATOM   11  O O2    . DT  A 1 1  ? -37.994 7.399   -9.510  1.00 38.53 ? 2   DT  A O2    1 
ATOM   12  N N3    . DT  A 1 1  ? -39.470 8.907   -8.634  1.00 35.42 ? 2   DT  A N3    1 
ATOM   13  C C4    . DT  A 1 1  ? -40.168 9.511   -7.601  1.00 34.06 ? 2   DT  A C4    1 
ATOM   14  O O4    . DT  A 1 1  ? -40.924 10.442  -7.839  1.00 35.10 ? 2   DT  A O4    1 
ATOM   15  C C5    . DT  A 1 1  ? -39.932 8.963   -6.294  1.00 33.29 ? 2   DT  A C5    1 
ATOM   16  C C7    . DT  A 1 1  ? -40.628 9.553   -5.110  1.00 30.50 ? 2   DT  A C7    1 
ATOM   17  C C6    . DT  A 1 1  ? -39.092 7.941   -6.189  1.00 34.74 ? 2   DT  A C6    1 
ATOM   18  P P     . DG  A 1 2  ? -33.903 4.014   -6.664  1.00 46.64 ? 3   DG  A P     1 
ATOM   19  O OP1   . DG  A 1 2  ? -33.913 2.583   -6.998  1.00 49.04 ? 3   DG  A OP1   1 
ATOM   20  O OP2   . DG  A 1 2  ? -33.078 4.504   -5.542  1.00 47.34 ? 3   DG  A OP2   1 
ATOM   21  O "O5'" . DG  A 1 2  ? -33.609 4.796   -8.010  1.00 41.60 ? 3   DG  A "O5'" 1 
ATOM   22  C "C5'" . DG  A 1 2  ? -33.109 6.109   -8.003  1.00 40.84 ? 3   DG  A "C5'" 1 
ATOM   23  C "C4'" . DG  A 1 2  ? -32.485 6.392   -9.344  1.00 39.87 ? 3   DG  A "C4'" 1 
ATOM   24  O "O4'" . DG  A 1 2  ? -32.046 7.763   -9.323  1.00 39.16 ? 3   DG  A "O4'" 1 
ATOM   25  C "C3'" . DG  A 1 2  ? -31.263 5.529   -9.636  1.00 40.36 ? 3   DG  A "C3'" 1 
ATOM   26  O "O3'" . DG  A 1 2  ? -31.341 4.871   -10.888 1.00 45.05 ? 3   DG  A "O3'" 1 
ATOM   27  C "C2'" . DG  A 1 2  ? -30.089 6.484   -9.633  1.00 38.95 ? 3   DG  A "C2'" 1 
ATOM   28  C "C1'" . DG  A 1 2  ? -30.656 7.886   -9.511  1.00 37.93 ? 3   DG  A "C1'" 1 
ATOM   29  N N9    . DG  A 1 2  ? -30.111 8.485   -8.300  1.00 36.80 ? 3   DG  A N9    1 
ATOM   30  C C8    . DG  A 1 2  ? -30.672 8.498   -7.047  1.00 35.60 ? 3   DG  A C8    1 
ATOM   31  N N7    . DG  A 1 2  ? -29.879 9.000   -6.140  1.00 34.98 ? 3   DG  A N7    1 
ATOM   32  C C5    . DG  A 1 2  ? -28.742 9.369   -6.849  1.00 35.38 ? 3   DG  A C5    1 
ATOM   33  C C6    . DG  A 1 2  ? -27.530 9.959   -6.411  1.00 34.79 ? 3   DG  A C6    1 
ATOM   34  O O6    . DG  A 1 2  ? -27.212 10.337  -5.272  1.00 35.38 ? 3   DG  A O6    1 
ATOM   35  N N1    . DG  A 1 2  ? -26.635 10.107  -7.458  1.00 33.98 ? 3   DG  A N1    1 
ATOM   36  C C2    . DG  A 1 2  ? -26.877 9.760   -8.756  1.00 33.65 ? 3   DG  A C2    1 
ATOM   37  N N2    . DG  A 1 2  ? -25.879 9.950   -9.612  1.00 34.46 ? 3   DG  A N2    1 
ATOM   38  N N3    . DG  A 1 2  ? -28.005 9.255   -9.185  1.00 34.95 ? 3   DG  A N3    1 
ATOM   39  C C4    . DG  A 1 2  ? -28.884 9.075   -8.183  1.00 36.04 ? 3   DG  A C4    1 
HETATM 40  N N1    . 5IU A 1 3  ? -26.043 5.957   -9.532  1.00 39.53 ? 4   5IU A N1    1 
HETATM 41  C C2    . 5IU A 1 3  ? -25.038 6.665   -8.949  1.00 38.37 ? 4   5IU A C2    1 
HETATM 42  N N3    . 5IU A 1 3  ? -25.199 6.900   -7.615  1.00 38.74 ? 4   5IU A N3    1 
HETATM 43  C C4    . 5IU A 1 3  ? -26.247 6.507   -6.819  1.00 39.89 ? 4   5IU A C4    1 
HETATM 44  C C5    . 5IU A 1 3  ? -27.293 5.751   -7.495  1.00 40.19 ? 4   5IU A C5    1 
HETATM 45  C C6    . 5IU A 1 3  ? -27.136 5.511   -8.807  1.00 39.16 ? 4   5IU A C6    1 
HETATM 46  O O2    . 5IU A 1 3  ? -24.070 7.066   -9.577  1.00 38.66 ? 4   5IU A O2    1 
HETATM 47  O O4    . 5IU A 1 3  ? -26.237 6.805   -5.631  1.00 39.15 ? 4   5IU A O4    1 
HETATM 48  I I5    . 5IU A 1 3  ? -28.625 5.217   -6.673  1.00 46.75 ? 4   5IU A I5    1 
HETATM 49  C "C1'" . 5IU A 1 3  ? -25.868 5.732   -10.975 1.00 41.52 ? 4   5IU A "C1'" 1 
HETATM 50  C "C2'" . 5IU A 1 3  ? -26.026 4.317   -11.501 1.00 40.95 ? 4   5IU A "C2'" 1 
HETATM 51  C "C3'" . 5IU A 1 3  ? -26.485 4.582   -12.926 1.00 42.04 ? 4   5IU A "C3'" 1 
HETATM 52  C "C4'" . 5IU A 1 3  ? -27.364 5.807   -12.769 1.00 43.46 ? 4   5IU A "C4'" 1 
HETATM 53  O "O3'" . 5IU A 1 3  ? -25.409 4.943   -13.783 1.00 41.06 ? 4   5IU A "O3'" 1 
HETATM 54  O "O4'" . 5IU A 1 3  ? -26.830 6.520   -11.640 1.00 44.76 ? 4   5IU A "O4'" 1 
HETATM 55  C "C5'" . 5IU A 1 3  ? -28.810 5.473   -12.510 1.00 45.59 ? 4   5IU A "C5'" 1 
HETATM 56  O "O5'" . 5IU A 1 3  ? -28.906 4.532   -11.462 1.00 45.12 ? 4   5IU A "O5'" 1 
HETATM 57  P P     . 5IU A 1 3  ? -30.259 3.729   -11.259 1.00 47.65 ? 4   5IU A P     1 
HETATM 58  O OP1   . 5IU A 1 3  ? -30.652 3.237   -12.603 1.00 49.60 ? 4   5IU A OP1   1 
HETATM 59  O OP2   . 5IU A 1 3  ? -30.103 2.760   -10.131 1.00 45.83 ? 4   5IU A OP2   1 
ATOM   60  P P     . DT  A 1 4  ? -24.286 3.682   -14.433 1.00 44.33 ? 5   DT  A P     1 
ATOM   61  O OP1   . DT  A 1 4  ? -24.159 4.222   -15.854 1.00 41.41 ? 5   DT  A OP1   1 
ATOM   62  O OP2   . DT  A 1 4  ? -24.919 2.357   -14.132 1.00 41.00 ? 5   DT  A OP2   1 
ATOM   63  O "O5'" . DT  A 1 4  ? -23.091 4.227   -13.528 1.00 43.13 ? 5   DT  A "O5'" 1 
ATOM   64  C "C5'" . DT  A 1 4  ? -22.493 5.424   -13.887 1.00 42.71 ? 5   DT  A "C5'" 1 
ATOM   65  C "C4'" . DT  A 1 4  ? -21.232 5.717   -13.111 1.00 42.46 ? 5   DT  A "C4'" 1 
ATOM   66  O "O4'" . DT  A 1 4  ? -21.547 5.904   -11.710 1.00 37.69 ? 5   DT  A "O4'" 1 
ATOM   67  C "C3'" . DT  A 1 4  ? -20.168 4.620   -13.173 1.00 42.44 ? 5   DT  A "C3'" 1 
ATOM   68  O "O3'" . DT  A 1 4  ? -18.886 5.204   -13.445 1.00 44.83 ? 5   DT  A "O3'" 1 
ATOM   69  C "C2'" . DT  A 1 4  ? -20.235 3.985   -11.791 1.00 38.65 ? 5   DT  A "C2'" 1 
ATOM   70  C "C1'" . DT  A 1 4  ? -20.660 5.147   -10.919 1.00 35.01 ? 5   DT  A "C1'" 1 
ATOM   71  N N1    . DT  A 1 4  ? -21.358 4.822   -9.662  1.00 32.90 ? 5   DT  A N1    1 
ATOM   72  C C2    . DT  A 1 4  ? -20.885 5.391   -8.490  1.00 31.97 ? 5   DT  A C2    1 
ATOM   73  O O2    . DT  A 1 4  ? -19.860 6.059   -8.426  1.00 32.81 ? 5   DT  A O2    1 
ATOM   74  N N3    . DT  A 1 4  ? -21.648 5.135   -7.387  1.00 30.99 ? 5   DT  A N3    1 
ATOM   75  C C4    . DT  A 1 4  ? -22.771 4.354   -7.319  1.00 30.59 ? 5   DT  A C4    1 
ATOM   76  O O4    . DT  A 1 4  ? -23.348 4.223   -6.260  1.00 32.56 ? 5   DT  A O4    1 
ATOM   77  C C5    . DT  A 1 4  ? -23.177 3.737   -8.549  1.00 31.01 ? 5   DT  A C5    1 
ATOM   78  C C7    . DT  A 1 4  ? -24.357 2.817   -8.535  1.00 30.37 ? 5   DT  A C7    1 
ATOM   79  C C6    . DT  A 1 4  ? -22.464 4.007   -9.656  1.00 31.73 ? 5   DT  A C6    1 
ATOM   80  P P     . DT  A 1 5  ? -17.634 4.264   -13.830 1.00 46.51 ? 6   DT  A P     1 
ATOM   81  O OP1   . DT  A 1 5  ? -16.802 4.977   -14.840 1.00 44.24 ? 6   DT  A OP1   1 
ATOM   82  O OP2   . DT  A 1 5  ? -18.101 2.877   -14.098 1.00 45.12 ? 6   DT  A OP2   1 
ATOM   83  O "O5'" . DT  A 1 5  ? -16.781 4.264   -12.496 1.00 44.49 ? 6   DT  A "O5'" 1 
ATOM   84  C "C5'" . DT  A 1 5  ? -16.337 5.498   -11.983 1.00 44.96 ? 6   DT  A "C5'" 1 
ATOM   85  C "C4'" . DT  A 1 5  ? -15.718 5.314   -10.625 1.00 44.05 ? 6   DT  A "C4'" 1 
ATOM   86  O "O4'" . DT  A 1 5  ? -16.735 5.052   -9.631  1.00 45.99 ? 6   DT  A "O4'" 1 
ATOM   87  C "C3'" . DT  A 1 5  ? -14.702 4.176   -10.534 1.00 42.18 ? 6   DT  A "C3'" 1 
ATOM   88  O "O3'" . DT  A 1 5  ? -13.540 4.687   -9.885  1.00 40.85 ? 6   DT  A "O3'" 1 
ATOM   89  C "C2'" . DT  A 1 5  ? -15.409 3.128   -9.685  1.00 40.87 ? 6   DT  A "C2'" 1 
ATOM   90  C "C1'" . DT  A 1 5  ? -16.307 3.985   -8.806  1.00 42.72 ? 6   DT  A "C1'" 1 
ATOM   91  N N1    . DT  A 1 5  ? -17.504 3.339   -8.214  1.00 40.09 ? 6   DT  A N1    1 
ATOM   92  C C2    . DT  A 1 5  ? -17.835 3.711   -6.936  1.00 38.93 ? 6   DT  A C2    1 
ATOM   93  O O2    . DT  A 1 5  ? -17.228 4.561   -6.325  1.00 40.99 ? 6   DT  A O2    1 
ATOM   94  N N3    . DT  A 1 5  ? -18.905 3.060   -6.402  1.00 36.50 ? 6   DT  A N3    1 
ATOM   95  C C4    . DT  A 1 5  ? -19.681 2.100   -7.009  1.00 36.12 ? 6   DT  A C4    1 
ATOM   96  O O4    . DT  A 1 5  ? -20.616 1.592   -6.392  1.00 35.29 ? 6   DT  A O4    1 
ATOM   97  C C5    . DT  A 1 5  ? -19.300 1.770   -8.367  1.00 36.61 ? 6   DT  A C5    1 
ATOM   98  C C7    . DT  A 1 5  ? -20.097 0.747   -9.110  1.00 35.33 ? 6   DT  A C7    1 
ATOM   99  C C6    . DT  A 1 5  ? -18.243 2.399   -8.896  1.00 38.65 ? 6   DT  A C6    1 
ATOM   100 P P     . DT  A 1 6  ? -12.157 3.894   -9.984  1.00 40.99 ? 7   DT  A P     1 
ATOM   101 O OP1   . DT  A 1 6  ? -11.118 4.851   -10.449 1.00 37.78 ? 7   DT  A OP1   1 
ATOM   102 O OP2   . DT  A 1 6  ? -12.421 2.629   -10.743 1.00 38.44 ? 7   DT  A OP2   1 
ATOM   103 O "O5'" . DT  A 1 6  ? -11.824 3.588   -8.462  1.00 37.55 ? 7   DT  A "O5'" 1 
ATOM   104 C "C5'" . DT  A 1 6  ? -11.829 4.658   -7.541  1.00 35.75 ? 7   DT  A "C5'" 1 
ATOM   105 C "C4'" . DT  A 1 6  ? -12.264 4.199   -6.175  1.00 32.76 ? 7   DT  A "C4'" 1 
ATOM   106 O "O4'" . DT  A 1 6  ? -13.623 3.683   -6.174  1.00 32.10 ? 7   DT  A "O4'" 1 
ATOM   107 C "C3'" . DT  A 1 6  ? -11.389 3.120   -5.547  1.00 33.16 ? 7   DT  A "C3'" 1 
ATOM   108 O "O3'" . DT  A 1 6  ? -10.920 3.592   -4.298  1.00 33.75 ? 7   DT  A "O3'" 1 
ATOM   109 C "C2'" . DT  A 1 6  ? -12.360 1.986   -5.289  1.00 35.47 ? 7   DT  A "C2'" 1 
ATOM   110 C "C1'" . DT  A 1 6  ? -13.676 2.719   -5.154  1.00 34.09 ? 7   DT  A "C1'" 1 
ATOM   111 N N1    . DT  A 1 6  ? -14.872 1.858   -5.332  1.00 35.68 ? 7   DT  A N1    1 
ATOM   112 C C2    . DT  A 1 6  ? -15.756 1.743   -4.266  1.00 35.52 ? 7   DT  A C2    1 
ATOM   113 O O2    . DT  A 1 6  ? -15.643 2.371   -3.219  1.00 36.28 ? 7   DT  A O2    1 
ATOM   114 N N3    . DT  A 1 6  ? -16.784 0.853   -4.468  1.00 33.37 ? 7   DT  A N3    1 
ATOM   115 C C4    . DT  A 1 6  ? -17.018 0.089   -5.587  1.00 33.02 ? 7   DT  A C4    1 
ATOM   116 O O4    . DT  A 1 6  ? -17.977 -0.669  -5.619  1.00 32.71 ? 7   DT  A O4    1 
ATOM   117 C C5    . DT  A 1 6  ? -16.071 0.263   -6.664  1.00 34.02 ? 7   DT  A C5    1 
ATOM   118 C C7    . DT  A 1 6  ? -16.233 -0.562  -7.905  1.00 32.77 ? 7   DT  A C7    1 
ATOM   119 C C6    . DT  A 1 6  ? -15.072 1.150   -6.496  1.00 35.11 ? 7   DT  A C6    1 
ATOM   120 P P     . DT  A 1 7  ? -9.680  2.875   -3.577  1.00 36.32 ? 8   DT  A P     1 
ATOM   121 O OP1   . DT  A 1 7  ? -8.394  3.561   -3.870  1.00 35.71 ? 8   DT  A OP1   1 
ATOM   122 O OP2   . DT  A 1 7  ? -9.781  1.409   -3.735  1.00 37.70 ? 8   DT  A OP2   1 
ATOM   123 O "O5'" . DT  A 1 7  ? -10.028 3.196   -2.076  1.00 36.15 ? 8   DT  A "O5'" 1 
ATOM   124 C "C5'" . DT  A 1 7  ? -11.098 4.063   -1.794  1.00 34.59 ? 8   DT  A "C5'" 1 
ATOM   125 C "C4'" . DT  A 1 7  ? -11.847 3.565   -0.586  1.00 36.19 ? 8   DT  A "C4'" 1 
ATOM   126 O "O4'" . DT  A 1 7  ? -13.004 2.781   -0.946  1.00 35.81 ? 8   DT  A "O4'" 1 
ATOM   127 C "C3'" . DT  A 1 7  ? -11.012 2.718   0.367   1.00 35.28 ? 8   DT  A "C3'" 1 
ATOM   128 O "O3'" . DT  A 1 7  ? -11.203 3.228   1.679   1.00 34.43 ? 8   DT  A "O3'" 1 
ATOM   129 C "C2'" . DT  A 1 7  ? -11.588 1.320   0.196   1.00 34.82 ? 8   DT  A "C2'" 1 
ATOM   130 C "C1'" . DT  A 1 7  ? -13.033 1.592   -0.193  1.00 37.14 ? 8   DT  A "C1'" 1 
ATOM   131 N N1    . DT  A 1 7  ? -13.661 0.567   -1.048  1.00 39.19 ? 8   DT  A N1    1 
ATOM   132 C C2    . DT  A 1 7  ? -14.843 -0.004  -0.640  1.00 38.90 ? 8   DT  A C2    1 
ATOM   133 O O2    . DT  A 1 7  ? -15.382 0.267   0.427   1.00 39.08 ? 8   DT  A O2    1 
ATOM   134 N N3    . DT  A 1 7  ? -15.368 -0.912  -1.529  1.00 38.47 ? 8   DT  A N3    1 
ATOM   135 C C4    . DT  A 1 7  ? -14.821 -1.307  -2.745  1.00 38.90 ? 8   DT  A C4    1 
ATOM   136 O O4    . DT  A 1 7  ? -15.404 -2.138  -3.452  1.00 40.33 ? 8   DT  A O4    1 
ATOM   137 C C5    . DT  A 1 7  ? -13.572 -0.693  -3.085  1.00 38.54 ? 8   DT  A C5    1 
ATOM   138 C C7    . DT  A 1 7  ? -12.886 -1.095  -4.349  1.00 36.18 ? 8   DT  A C7    1 
ATOM   139 C C6    . DT  A 1 7  ? -13.068 0.210   -2.242  1.00 39.68 ? 8   DT  A C6    1 
ATOM   140 P P     . DG  A 1 8  ? -10.118 2.936   2.806   1.00 34.54 ? 9   DG  A P     1 
ATOM   141 O OP1   . DG  A 1 8  ? -10.038 4.091   3.728   1.00 36.80 ? 9   DG  A OP1   1 
ATOM   142 O OP2   . DG  A 1 8  ? -8.896  2.455   2.132   1.00 35.44 ? 9   DG  A OP2   1 
ATOM   143 O "O5'" . DG  A 1 8  ? -10.803 1.756   3.616   1.00 32.45 ? 9   DG  A "O5'" 1 
ATOM   144 C "C5'" . DG  A 1 8  ? -12.108 1.912   4.148   1.00 29.25 ? 9   DG  A "C5'" 1 
ATOM   145 C "C4'" . DG  A 1 8  ? -12.622 0.580   4.633   1.00 32.15 ? 9   DG  A "C4'" 1 
ATOM   146 O "O4'" . DG  A 1 8  ? -13.107 -0.224  3.531   1.00 33.99 ? 9   DG  A "O4'" 1 
ATOM   147 C "C3'" . DG  A 1 8  ? -11.576 -0.280  5.336   1.00 32.80 ? 9   DG  A "C3'" 1 
ATOM   148 O "O3'" . DG  A 1 8  ? -12.232 -1.020  6.359   1.00 33.18 ? 9   DG  A "O3'" 1 
ATOM   149 C "C2'" . DG  A 1 8  ? -11.139 -1.232  4.235   1.00 32.17 ? 9   DG  A "C2'" 1 
ATOM   150 C "C1'" . DG  A 1 8  ? -12.456 -1.478  3.538   1.00 29.73 ? 9   DG  A "C1'" 1 
ATOM   151 N N9    . DG  A 1 8  ? -12.386 -1.948  2.159   1.00 30.30 ? 9   DG  A N9    1 
ATOM   152 C C8    . DG  A 1 8  ? -11.376 -1.754  1.235   1.00 30.86 ? 9   DG  A C8    1 
ATOM   153 N N7    . DG  A 1 8  ? -11.619 -2.329  0.084   1.00 30.61 ? 9   DG  A N7    1 
ATOM   154 C C5    . DG  A 1 8  ? -12.857 -2.937  0.259   1.00 29.48 ? 9   DG  A C5    1 
ATOM   155 C C6    . DG  A 1 8  ? -13.621 -3.724  -0.621  1.00 30.20 ? 9   DG  A C6    1 
ATOM   156 O O6    . DG  A 1 8  ? -13.350 -4.070  -1.765  1.00 33.51 ? 9   DG  A O6    1 
ATOM   157 N N1    . DG  A 1 8  ? -14.814 -4.137  -0.043  1.00 29.91 ? 9   DG  A N1    1 
ATOM   158 C C2    . DG  A 1 8  ? -15.209 -3.844  1.233   1.00 29.09 ? 9   DG  A C2    1 
ATOM   159 N N2    . DG  A 1 8  ? -16.373 -4.357  1.618   1.00 29.13 ? 9   DG  A N2    1 
ATOM   160 N N3    . DG  A 1 8  ? -14.506 -3.110  2.073   1.00 29.21 ? 9   DG  A N3    1 
ATOM   161 C C4    . DG  A 1 8  ? -13.347 -2.696  1.527   1.00 29.89 ? 9   DG  A C4    1 
ATOM   162 P P     . DA  A 1 9  ? -11.482 -1.307  7.752   1.00 39.21 ? 10  DA  A P     1 
ATOM   163 O OP1   . DA  A 1 9  ? -11.571 -0.066  8.575   1.00 37.10 ? 10  DA  A OP1   1 
ATOM   164 O OP2   . DA  A 1 9  ? -10.141 -1.914  7.491   1.00 40.49 ? 10  DA  A OP2   1 
ATOM   165 O "O5'" . DA  A 1 9  ? -12.436 -2.405  8.410   1.00 40.56 ? 10  DA  A "O5'" 1 
ATOM   166 C "C5'" . DA  A 1 9  ? -13.798 -2.069  8.686   1.00 42.26 ? 10  DA  A "C5'" 1 
ATOM   167 C "C4'" . DA  A 1 9  ? -14.716 -3.229  8.389   1.00 39.94 ? 10  DA  A "C4'" 1 
ATOM   168 O "O4'" . DA  A 1 9  ? -14.689 -3.566  6.979   1.00 37.91 ? 10  DA  A "O4'" 1 
ATOM   169 C "C3'" . DA  A 1 9  ? -14.390 -4.512  9.147   1.00 41.74 ? 10  DA  A "C3'" 1 
ATOM   170 O "O3'" . DA  A 1 9  ? -15.620 -5.095  9.601   1.00 47.33 ? 10  DA  A "O3'" 1 
ATOM   171 C "C2'" . DA  A 1 9  ? -13.709 -5.376  8.100   1.00 38.82 ? 10  DA  A "C2'" 1 
ATOM   172 C "C1'" . DA  A 1 9  ? -14.382 -4.938  6.807   1.00 36.04 ? 10  DA  A "C1'" 1 
ATOM   173 N N9    . DA  A 1 9  ? -13.524 -5.049  5.631   1.00 35.08 ? 10  DA  A N9    1 
ATOM   174 C C8    . DA  A 1 9  ? -12.263 -4.527  5.464   1.00 34.55 ? 10  DA  A C8    1 
ATOM   175 N N7    . DA  A 1 9  ? -11.732 -4.787  4.291   1.00 33.85 ? 10  DA  A N7    1 
ATOM   176 C C5    . DA  A 1 9  ? -12.707 -5.526  3.643   1.00 35.70 ? 10  DA  A C5    1 
ATOM   177 C C6    . DA  A 1 9  ? -12.758 -6.101  2.360   1.00 36.47 ? 10  DA  A C6    1 
ATOM   178 N N6    . DA  A 1 9  ? -11.762 -6.021  1.473   1.00 36.05 ? 10  DA  A N6    1 
ATOM   179 N N1    . DA  A 1 9  ? -13.884 -6.774  2.017   1.00 37.18 ? 10  DA  A N1    1 
ATOM   180 C C2    . DA  A 1 9  ? -14.878 -6.860  2.922   1.00 37.50 ? 10  DA  A C2    1 
ATOM   181 N N3    . DA  A 1 9  ? -14.941 -6.362  4.161   1.00 36.39 ? 10  DA  A N3    1 
ATOM   182 C C4    . DA  A 1 9  ? -13.816 -5.699  4.460   1.00 35.49 ? 10  DA  A C4    1 
ATOM   183 P P     . DT  A 1 10 ? -15.590 -6.403  10.535  1.00 47.94 ? 11  DT  A P     1 
ATOM   184 O OP1   . DT  A 1 10 ? -16.909 -6.483  11.225  1.00 46.46 ? 11  DT  A OP1   1 
ATOM   185 O OP2   . DT  A 1 10 ? -14.336 -6.381  11.343  1.00 47.36 ? 11  DT  A OP2   1 
ATOM   186 O "O5'" . DT  A 1 10 ? -15.510 -7.573  9.466   1.00 44.79 ? 11  DT  A "O5'" 1 
ATOM   187 C "C5'" . DT  A 1 10 ? -16.551 -7.748  8.522   1.00 45.30 ? 11  DT  A "C5'" 1 
ATOM   188 C "C4'" . DT  A 1 10 ? -16.370 -9.063  7.812   1.00 48.14 ? 11  DT  A "C4'" 1 
ATOM   189 O "O4'" . DT  A 1 10 ? -15.536 -8.931  6.634   1.00 46.83 ? 11  DT  A "O4'" 1 
ATOM   190 C "C3'" . DT  A 1 10 ? -15.713 -10.134 8.685   1.00 50.40 ? 11  DT  A "C3'" 1 
ATOM   191 O "O3'" . DT  A 1 10 ? -16.352 -11.376 8.396   1.00 54.89 ? 11  DT  A "O3'" 1 
ATOM   192 C "C2'" . DT  A 1 10 ? -14.279 -10.163 8.176   1.00 46.36 ? 11  DT  A "C2'" 1 
ATOM   193 C "C1'" . DT  A 1 10 ? -14.489 -9.888  6.695   1.00 45.63 ? 11  DT  A "C1'" 1 
ATOM   194 N N1    . DT  A 1 10 ? -13.323 -9.347  5.965   1.00 44.12 ? 11  DT  A N1    1 
ATOM   195 C C2    . DT  A 1 10 ? -13.214 -9.653  4.628   1.00 43.06 ? 11  DT  A C2    1 
ATOM   196 O O2    . DT  A 1 10 ? -14.069 -10.275 4.015   1.00 45.12 ? 11  DT  A O2    1 
ATOM   197 N N3    . DT  A 1 10 ? -12.070 -9.188  4.027   1.00 40.99 ? 11  DT  A N3    1 
ATOM   198 C C4    . DT  A 1 10 ? -11.072 -8.434  4.608   1.00 41.42 ? 11  DT  A C4    1 
ATOM   199 O O4    . DT  A 1 10 ? -10.099 -8.106  3.951   1.00 42.30 ? 11  DT  A O4    1 
ATOM   200 C C5    . DT  A 1 10 ? -11.279 -8.096  5.992   1.00 42.02 ? 11  DT  A C5    1 
ATOM   201 C C7    . DT  A 1 10 ? -10.282 -7.219  6.679   1.00 40.25 ? 11  DT  A C7    1 
ATOM   202 C C6    . DT  A 1 10 ? -12.373 -8.575  6.601   1.00 43.34 ? 11  DT  A C6    1 
ATOM   203 P P     . DA  A 1 11 ? -16.567 -12.476 9.549   1.00 57.47 ? 12  DA  A P     1 
ATOM   204 O OP1   . DA  A 1 11 ? -17.726 -12.029 10.374  1.00 55.71 ? 12  DA  A OP1   1 
ATOM   205 O OP2   . DA  A 1 11 ? -15.273 -12.790 10.213  1.00 56.05 ? 12  DA  A OP2   1 
ATOM   206 O "O5'" . DA  A 1 11 ? -16.971 -13.722 8.644   1.00 56.60 ? 12  DA  A "O5'" 1 
ATOM   207 C "C5'" . DA  A 1 11 ? -17.797 -13.521 7.495   1.00 57.15 ? 12  DA  A "C5'" 1 
ATOM   208 C "C4'" . DA  A 1 11 ? -17.302 -14.343 6.326   1.00 58.16 ? 12  DA  A "C4'" 1 
ATOM   209 O "O4'" . DA  A 1 11 ? -16.147 -13.735 5.702   1.00 56.23 ? 12  DA  A "O4'" 1 
ATOM   210 C "C3'" . DA  A 1 11 ? -16.900 -15.776 6.663   1.00 60.95 ? 12  DA  A "C3'" 1 
ATOM   211 O "O3'" . DA  A 1 11 ? -17.358 -16.640 5.611   1.00 66.80 ? 12  DA  A "O3'" 1 
ATOM   212 C "C2'" . DA  A 1 11 ? -15.383 -15.696 6.731   1.00 59.00 ? 12  DA  A "C2'" 1 
ATOM   213 C "C1'" . DA  A 1 11 ? -15.067 -14.661 5.660   1.00 55.86 ? 12  DA  A "C1'" 1 
ATOM   214 N N9    . DA  A 1 11 ? -13.822 -13.905 5.844   1.00 52.95 ? 12  DA  A N9    1 
ATOM   215 C C8    . DA  A 1 11 ? -13.406 -13.225 6.967   1.00 52.52 ? 12  DA  A C8    1 
ATOM   216 N N7    . DA  A 1 11 ? -12.278 -12.575 6.808   1.00 51.73 ? 12  DA  A N7    1 
ATOM   217 C C5    . DA  A 1 11 ? -11.913 -12.857 5.496   1.00 50.04 ? 12  DA  A C5    1 
ATOM   218 C C6    . DA  A 1 11 ? -10.819 -12.447 4.709   1.00 48.30 ? 12  DA  A C6    1 
ATOM   219 N N6    . DA  A 1 11 ? -9.861  -11.629 5.140   1.00 46.54 ? 12  DA  A N6    1 
ATOM   220 N N1    . DA  A 1 11 ? -10.746 -12.911 3.445   1.00 47.82 ? 12  DA  A N1    1 
ATOM   221 C C2    . DA  A 1 11 ? -11.714 -13.730 3.007   1.00 49.60 ? 12  DA  A C2    1 
ATOM   222 N N3    . DA  A 1 11 ? -12.798 -14.181 3.647   1.00 50.21 ? 12  DA  A N3    1 
ATOM   223 C C4    . DA  A 1 11 ? -12.842 -13.698 4.900   1.00 51.28 ? 12  DA  A C4    1 
ATOM   224 P P     . DA  A 1 12 ? -17.096 -18.227 5.699   1.00 69.97 ? 13  DA  A P     1 
ATOM   225 O OP1   . DA  A 1 12 ? -18.212 -18.947 5.029   1.00 69.84 ? 13  DA  A OP1   1 
ATOM   226 O OP2   . DA  A 1 12 ? -16.736 -18.566 7.101   1.00 69.65 ? 13  DA  A OP2   1 
ATOM   227 O "O5'" . DA  A 1 12 ? -15.831 -18.410 4.760   1.00 69.86 ? 13  DA  A "O5'" 1 
ATOM   228 C "C5'" . DA  A 1 12 ? -15.883 -17.984 3.403   1.00 72.39 ? 13  DA  A "C5'" 1 
ATOM   229 C "C4'" . DA  A 1 12 ? -14.630 -18.422 2.683   1.00 75.73 ? 13  DA  A "C4'" 1 
ATOM   230 O "O4'" . DA  A 1 12 ? -13.525 -17.557 3.047   1.00 76.08 ? 13  DA  A "O4'" 1 
ATOM   231 C "C3'" . DA  A 1 12 ? -14.190 -19.843 3.038   1.00 77.07 ? 13  DA  A "C3'" 1 
ATOM   232 O "O3'" . DA  A 1 12 ? -13.722 -20.508 1.865   1.00 81.50 ? 13  DA  A "O3'" 1 
ATOM   233 C "C2'" . DA  A 1 12 ? -13.068 -19.628 4.045   1.00 74.90 ? 13  DA  A "C2'" 1 
ATOM   234 C "C1'" . DA  A 1 12 ? -12.445 -18.333 3.553   1.00 73.53 ? 13  DA  A "C1'" 1 
ATOM   235 N N9    . DA  A 1 12 ? -11.768 -17.528 4.567   1.00 70.48 ? 13  DA  A N9    1 
ATOM   236 C C8    . DA  A 1 12 ? -12.095 -17.360 5.897   1.00 70.41 ? 13  DA  A C8    1 
ATOM   237 N N7    . DA  A 1 12 ? -11.308 -16.523 6.537   1.00 68.92 ? 13  DA  A N7    1 
ATOM   238 C C5    . DA  A 1 12 ? -10.391 -16.124 5.568   1.00 66.98 ? 13  DA  A C5    1 
ATOM   239 C C6    . DA  A 1 12 ? -9.295  -15.246 5.608   1.00 65.00 ? 13  DA  A C6    1 
ATOM   240 N N6    . DA  A 1 12 ? -8.923  -14.578 6.697   1.00 63.37 ? 13  DA  A N6    1 
ATOM   241 N N1    . DA  A 1 12 ? -8.589  -15.076 4.470   1.00 63.75 ? 13  DA  A N1    1 
ATOM   242 C C2    . DA  A 1 12 ? -8.965  -15.747 3.369   1.00 63.24 ? 13  DA  A C2    1 
ATOM   243 N N3    . DA  A 1 12 ? -9.974  -16.597 3.203   1.00 65.04 ? 13  DA  A N3    1 
ATOM   244 C C4    . DA  A 1 12 ? -10.658 -16.744 4.353   1.00 68.07 ? 13  DA  A C4    1 
ATOM   245 P P     . DG  A 1 13 ? -13.070 -21.973 1.989   1.00 87.09 ? 14  DG  A P     1 
ATOM   246 O OP1   . DG  A 1 13 ? -13.583 -22.816 0.865   1.00 85.85 ? 14  DG  A OP1   1 
ATOM   247 O OP2   . DG  A 1 13 ? -13.238 -22.433 3.396   1.00 85.17 ? 14  DG  A OP2   1 
ATOM   248 O "O5'" . DG  A 1 13 ? -11.521 -21.703 1.737   1.00 88.49 ? 14  DG  A "O5'" 1 
ATOM   249 C "C5'" . DG  A 1 13 ? -11.084 -20.997 0.570   1.00 90.05 ? 14  DG  A "C5'" 1 
ATOM   250 C "C4'" . DG  A 1 13 ? -9.575  -20.997 0.501   1.00 89.90 ? 14  DG  A "C4'" 1 
ATOM   251 O "O4'" . DG  A 1 13 ? -9.021  -20.074 1.472   1.00 88.41 ? 14  DG  A "O4'" 1 
ATOM   252 C "C3'" . DG  A 1 13 ? -8.952  -22.360 0.806   1.00 90.44 ? 14  DG  A "C3'" 1 
ATOM   253 O "O3'" . DG  A 1 13 ? -7.782  -22.521 0.001   1.00 94.47 ? 14  DG  A "O3'" 1 
ATOM   254 C "C2'" . DG  A 1 13 ? -8.571  -22.240 2.272   1.00 86.92 ? 14  DG  A "C2'" 1 
ATOM   255 C "C1'" . DG  A 1 13 ? -8.159  -20.774 2.359   1.00 84.25 ? 14  DG  A "C1'" 1 
ATOM   256 N N9    . DG  A 1 13 ? -8.261  -20.149 3.677   1.00 78.94 ? 14  DG  A N9    1 
ATOM   257 C C8    . DG  A 1 13 ? -9.127  -20.468 4.700   1.00 76.83 ? 14  DG  A C8    1 
ATOM   258 N N7    . DG  A 1 13 ? -8.948  -19.737 5.768   1.00 75.39 ? 14  DG  A N7    1 
ATOM   259 C C5    . DG  A 1 13 ? -7.905  -18.882 5.430   1.00 75.13 ? 14  DG  A C5    1 
ATOM   260 C C6    . DG  A 1 13 ? -7.254  -17.866 6.188   1.00 73.70 ? 14  DG  A C6    1 
ATOM   261 O O6    . DG  A 1 13 ? -7.466  -17.517 7.355   1.00 73.22 ? 14  DG  A O6    1 
ATOM   262 N N1    . DG  A 1 13 ? -6.255  -17.239 5.450   1.00 73.13 ? 14  DG  A N1    1 
ATOM   263 C C2    . DG  A 1 13 ? -5.917  -17.544 4.156   1.00 73.49 ? 14  DG  A C2    1 
ATOM   264 N N2    . DG  A 1 13 ? -4.927  -16.817 3.613   1.00 72.66 ? 14  DG  A N2    1 
ATOM   265 N N3    . DG  A 1 13 ? -6.504  -18.490 3.444   1.00 74.33 ? 14  DG  A N3    1 
ATOM   266 C C4    . DG  A 1 13 ? -7.481  -19.115 4.139   1.00 75.92 ? 14  DG  A C4    1 
ATOM   267 P P     . DA  A 1 14 ? -7.888  -23.237 -1.437  1.00 95.85 ? 15  DA  A P     1 
ATOM   268 O OP1   . DA  A 1 14 ? -6.967  -22.526 -2.379  1.00 94.58 ? 15  DA  A OP1   1 
ATOM   269 O OP2   . DA  A 1 14 ? -9.339  -23.331 -1.768  1.00 94.33 ? 15  DA  A OP2   1 
ATOM   270 O "O5'" . DA  A 1 14 ? -7.316  -24.704 -1.165  1.00 92.93 ? 15  DA  A "O5'" 1 
ATOM   271 C "C5'" . DA  A 1 14 ? -6.102  -24.898 -0.436  1.00 88.23 ? 15  DA  A "C5'" 1 
ATOM   272 O "O5'" . DA  B 2 1  ? -2.191  -18.651 17.628  1.00 64.51 ? 16  DA  B "O5'" 1 
ATOM   273 C "C5'" . DA  B 2 1  ? -0.774  -18.527 17.853  1.00 64.21 ? 16  DA  B "C5'" 1 
ATOM   274 C "C4'" . DA  B 2 1  ? -0.160  -17.733 16.723  1.00 63.31 ? 16  DA  B "C4'" 1 
ATOM   275 O "O4'" . DA  B 2 1  ? -0.438  -18.405 15.471  1.00 61.18 ? 16  DA  B "O4'" 1 
ATOM   276 C "C3'" . DA  B 2 1  ? -0.760  -16.338 16.569  1.00 64.26 ? 16  DA  B "C3'" 1 
ATOM   277 O "O3'" . DA  B 2 1  ? 0.228   -15.465 16.006  1.00 66.75 ? 16  DA  B "O3'" 1 
ATOM   278 C "C2'" . DA  B 2 1  ? -1.898  -16.573 15.591  1.00 60.48 ? 16  DA  B "C2'" 1 
ATOM   279 C "C1'" . DA  B 2 1  ? -1.267  -17.585 14.659  1.00 57.19 ? 16  DA  B "C1'" 1 
ATOM   280 N N9    . DA  B 2 1  ? -2.213  -18.453 13.968  1.00 52.62 ? 16  DA  B N9    1 
ATOM   281 C C8    . DA  B 2 1  ? -3.443  -18.893 14.393  1.00 51.13 ? 16  DA  B C8    1 
ATOM   282 N N7    . DA  B 2 1  ? -4.035  -19.699 13.540  1.00 50.32 ? 16  DA  B N7    1 
ATOM   283 C C5    . DA  B 2 1  ? -3.135  -19.789 12.483  1.00 48.23 ? 16  DA  B C5    1 
ATOM   284 C C6    . DA  B 2 1  ? -3.157  -20.507 11.276  1.00 45.70 ? 16  DA  B C6    1 
ATOM   285 N N6    . DA  B 2 1  ? -4.150  -21.310 10.917  1.00 44.60 ? 16  DA  B N6    1 
ATOM   286 N N1    . DA  B 2 1  ? -2.104  -20.373 10.444  1.00 44.50 ? 16  DA  B N1    1 
ATOM   287 C C2    . DA  B 2 1  ? -1.099  -19.572 10.810  1.00 46.10 ? 16  DA  B C2    1 
ATOM   288 N N3    . DA  B 2 1  ? -0.955  -18.855 11.919  1.00 47.83 ? 16  DA  B N3    1 
ATOM   289 C C4    . DA  B 2 1  ? -2.018  -19.013 12.726  1.00 49.50 ? 16  DA  B C4    1 
ATOM   290 P P     . DT  B 2 2  ? -0.123  -13.917 15.752  1.00 68.97 ? 17  DT  B P     1 
ATOM   291 O OP1   . DT  B 2 2  ? 1.086   -13.265 15.148  1.00 65.96 ? 17  DT  B OP1   1 
ATOM   292 O OP2   . DT  B 2 2  ? -0.686  -13.396 17.035  1.00 67.73 ? 17  DT  B OP2   1 
ATOM   293 O "O5'" . DT  B 2 2  ? -1.313  -13.974 14.688  1.00 66.16 ? 17  DT  B "O5'" 1 
ATOM   294 C "C5'" . DT  B 2 2  ? -1.268  -13.204 13.496  1.00 63.15 ? 17  DT  B "C5'" 1 
ATOM   295 C "C4'" . DT  B 2 2  ? -0.143  -13.683 12.601  1.00 57.40 ? 17  DT  B "C4'" 1 
ATOM   296 O "O4'" . DT  B 2 2  ? -0.347  -15.060 12.203  1.00 53.66 ? 17  DT  B "O4'" 1 
ATOM   297 C "C3'" . DT  B 2 2  ? -0.063  -12.879 11.308  1.00 54.76 ? 17  DT  B "C3'" 1 
ATOM   298 O "O3'" . DT  B 2 2  ? 1.280   -12.644 10.923  1.00 53.35 ? 17  DT  B "O3'" 1 
ATOM   299 C "C2'" . DT  B 2 2  ? -0.799  -13.723 10.288  1.00 52.74 ? 17  DT  B "C2'" 1 
ATOM   300 C "C1'" . DT  B 2 2  ? -0.711  -15.143 10.827  1.00 51.50 ? 17  DT  B "C1'" 1 
ATOM   301 N N1    . DT  B 2 2  ? -2.025  -15.802 10.755  1.00 47.96 ? 17  DT  B N1    1 
ATOM   302 C C2    . DT  B 2 2  ? -2.296  -16.599 9.672   1.00 46.79 ? 17  DT  B C2    1 
ATOM   303 O O2    . DT  B 2 2  ? -1.506  -16.772 8.763   1.00 48.69 ? 17  DT  B O2    1 
ATOM   304 N N3    . DT  B 2 2  ? -3.533  -17.182 9.685   1.00 44.16 ? 17  DT  B N3    1 
ATOM   305 C C4    . DT  B 2 2  ? -4.503  -17.047 10.646  1.00 43.37 ? 17  DT  B C4    1 
ATOM   306 O O4    . DT  B 2 2  ? -5.559  -17.642 10.524  1.00 40.98 ? 17  DT  B O4    1 
ATOM   307 C C5    . DT  B 2 2  ? -4.158  -16.185 11.753  1.00 44.55 ? 17  DT  B C5    1 
ATOM   308 C C7    . DT  B 2 2  ? -5.151  -15.974 12.852  1.00 45.16 ? 17  DT  B C7    1 
ATOM   309 C C6    . DT  B 2 2  ? -2.951  -15.612 11.749  1.00 46.21 ? 17  DT  B C6    1 
ATOM   310 P P     . DC  B 2 3  ? 1.608   -11.378 10.006  1.00 54.01 ? 18  DC  B P     1 
ATOM   311 O OP1   . DC  B 2 3  ? 3.089   -11.210 10.023  1.00 54.50 ? 18  DC  B OP1   1 
ATOM   312 O OP2   . DC  B 2 3  ? 0.718   -10.250 10.418  1.00 50.15 ? 18  DC  B OP2   1 
ATOM   313 O "O5'" . DC  B 2 3  ? 1.191   -11.872 8.556   1.00 49.47 ? 18  DC  B "O5'" 1 
ATOM   314 C "C5'" . DC  B 2 3  ? 1.997   -12.827 7.904   1.00 46.56 ? 18  DC  B "C5'" 1 
ATOM   315 C "C4'" . DC  B 2 3  ? 1.384   -13.243 6.590   1.00 44.28 ? 18  DC  B "C4'" 1 
ATOM   316 O "O4'" . DC  B 2 3  ? 0.211   -14.068 6.786   1.00 44.04 ? 18  DC  B "O4'" 1 
ATOM   317 C "C3'" . DC  B 2 3  ? 0.978   -12.119 5.652   1.00 41.46 ? 18  DC  B "C3'" 1 
ATOM   318 O "O3'" . DC  B 2 3  ? 1.527   -12.414 4.383   1.00 40.60 ? 18  DC  B "O3'" 1 
ATOM   319 C "C2'" . DC  B 2 3  ? -0.538  -12.209 5.623   1.00 42.35 ? 18  DC  B "C2'" 1 
ATOM   320 C "C1'" . DC  B 2 3  ? -0.801  -13.676 5.895   1.00 43.32 ? 18  DC  B "C1'" 1 
ATOM   321 N N1    . DC  B 2 3  ? -2.079  -13.943 6.557   1.00 44.24 ? 18  DC  B N1    1 
ATOM   322 C C2    . DC  B 2 3  ? -2.914  -14.933 6.040   1.00 45.49 ? 18  DC  B C2    1 
ATOM   323 O O2    . DC  B 2 3  ? -2.527  -15.596 5.060   1.00 48.25 ? 18  DC  B O2    1 
ATOM   324 N N3    . DC  B 2 3  ? -4.116  -15.155 6.621   1.00 44.61 ? 18  DC  B N3    1 
ATOM   325 C C4    . DC  B 2 3  ? -4.477  -14.444 7.690   1.00 43.65 ? 18  DC  B C4    1 
ATOM   326 N N4    . DC  B 2 3  ? -5.677  -14.694 8.239   1.00 43.18 ? 18  DC  B N4    1 
ATOM   327 C C5    . DC  B 2 3  ? -3.629  -13.446 8.252   1.00 42.95 ? 18  DC  B C5    1 
ATOM   328 C C6    . DC  B 2 3  ? -2.452  -13.231 7.659   1.00 43.52 ? 18  DC  B C6    1 
ATOM   329 P P     . DT  B 2 4  ? 1.372   -11.368 3.187   1.00 45.57 ? 19  DT  B P     1 
ATOM   330 O OP1   . DT  B 2 4  ? 2.725   -11.052 2.646   1.00 47.81 ? 19  DT  B OP1   1 
ATOM   331 O OP2   . DT  B 2 4  ? 0.472   -10.270 3.624   1.00 42.44 ? 19  DT  B OP2   1 
ATOM   332 O "O5'" . DT  B 2 4  ? 0.616   -12.237 2.098   1.00 42.91 ? 19  DT  B "O5'" 1 
ATOM   333 C "C5'" . DT  B 2 4  ? -0.496  -12.992 2.506   1.00 39.31 ? 19  DT  B "C5'" 1 
ATOM   334 C "C4'" . DT  B 2 4  ? -1.295  -13.429 1.313   1.00 35.64 ? 19  DT  B "C4'" 1 
ATOM   335 O "O4'" . DT  B 2 4  ? -2.506  -13.968 1.879   1.00 33.56 ? 19  DT  B "O4'" 1 
ATOM   336 C "C3'" . DT  B 2 4  ? -1.715  -12.307 0.369   1.00 36.04 ? 19  DT  B "C3'" 1 
ATOM   337 O "O3'" . DT  B 2 4  ? -1.595  -12.772 -0.974  1.00 36.21 ? 19  DT  B "O3'" 1 
ATOM   338 C "C2'" . DT  B 2 4  ? -3.137  -11.977 0.796   1.00 35.74 ? 19  DT  B "C2'" 1 
ATOM   339 C "C1'" . DT  B 2 4  ? -3.639  -13.231 1.488   1.00 34.00 ? 19  DT  B "C1'" 1 
ATOM   340 N N1    . DT  B 2 4  ? -4.418  -12.988 2.705   1.00 34.53 ? 19  DT  B N1    1 
ATOM   341 C C2    . DT  B 2 4  ? -5.578  -13.704 2.886   1.00 33.59 ? 19  DT  B C2    1 
ATOM   342 O O2    . DT  B 2 4  ? -5.985  -14.517 2.073   1.00 33.30 ? 19  DT  B O2    1 
ATOM   343 N N3    . DT  B 2 4  ? -6.248  -13.427 4.061   1.00 31.55 ? 19  DT  B N3    1 
ATOM   344 C C4    . DT  B 2 4  ? -5.886  -12.514 5.033   1.00 30.86 ? 19  DT  B C4    1 
ATOM   345 O O4    . DT  B 2 4  ? -6.581  -12.363 6.024   1.00 28.63 ? 19  DT  B O4    1 
ATOM   346 C C5    . DT  B 2 4  ? -4.671  -11.792 4.777   1.00 32.07 ? 19  DT  B C5    1 
ATOM   347 C C7    . DT  B 2 4  ? -4.220  -10.764 5.767   1.00 30.14 ? 19  DT  B C7    1 
ATOM   348 C C6    . DT  B 2 4  ? -3.994  -12.069 3.643   1.00 34.17 ? 19  DT  B C6    1 
ATOM   349 P P     . DT  B 2 5  ? -2.306  -11.985 -2.180  1.00 35.77 ? 20  DT  B P     1 
ATOM   350 O OP1   . DT  B 2 5  ? -1.687  -12.490 -3.430  1.00 35.40 ? 20  DT  B OP1   1 
ATOM   351 O OP2   . DT  B 2 5  ? -2.341  -10.523 -1.928  1.00 35.46 ? 20  DT  B OP2   1 
ATOM   352 O "O5'" . DT  B 2 5  ? -3.776  -12.586 -2.136  1.00 36.59 ? 20  DT  B "O5'" 1 
ATOM   353 C "C5'" . DT  B 2 5  ? -3.959  -13.985 -2.247  1.00 37.40 ? 20  DT  B "C5'" 1 
ATOM   354 C "C4'" . DT  B 2 5  ? -5.408  -14.307 -2.504  1.00 38.41 ? 20  DT  B "C4'" 1 
ATOM   355 O "O4'" . DT  B 2 5  ? -6.147  -14.191 -1.271  1.00 35.37 ? 20  DT  B "O4'" 1 
ATOM   356 C "C3'" . DT  B 2 5  ? -6.112  -13.421 -3.526  1.00 41.29 ? 20  DT  B "C3'" 1 
ATOM   357 O "O3'" . DT  B 2 5  ? -6.951  -14.235 -4.363  1.00 48.11 ? 20  DT  B "O3'" 1 
ATOM   358 C "C2'" . DT  B 2 5  ? -6.925  -12.474 -2.661  1.00 37.95 ? 20  DT  B "C2'" 1 
ATOM   359 C "C1'" . DT  B 2 5  ? -7.260  -13.338 -1.455  1.00 38.59 ? 20  DT  B "C1'" 1 
ATOM   360 N N1    . DT  B 2 5  ? -7.473  -12.611 -0.188  1.00 41.38 ? 20  DT  B N1    1 
ATOM   361 C C2    . DT  B 2 5  ? -8.452  -13.070 0.663   1.00 42.66 ? 20  DT  B C2    1 
ATOM   362 O O2    . DT  B 2 5  ? -9.149  -14.039 0.412   1.00 45.05 ? 20  DT  B O2    1 
ATOM   363 N N3    . DT  B 2 5  ? -8.581  -12.358 1.828   1.00 42.07 ? 20  DT  B N3    1 
ATOM   364 C C4    . DT  B 2 5  ? -7.835  -11.269 2.226   1.00 41.95 ? 20  DT  B C4    1 
ATOM   365 O O4    . DT  B 2 5  ? -8.032  -10.764 3.335   1.00 40.98 ? 20  DT  B O4    1 
ATOM   366 C C5    . DT  B 2 5  ? -6.834  -10.827 1.267   1.00 41.96 ? 20  DT  B C5    1 
ATOM   367 C C7    . DT  B 2 5  ? -5.998  -9.631  1.581   1.00 41.63 ? 20  DT  B C7    1 
ATOM   368 C C6    . DT  B 2 5  ? -6.706  -11.513 0.131   1.00 42.11 ? 20  DT  B C6    1 
ATOM   369 P P     . DA  B 2 6  ? -7.669  -13.599 -5.665  1.00 50.66 ? 21  DA  B P     1 
ATOM   370 O OP1   . DA  B 2 6  ? -7.308  -14.448 -6.830  1.00 48.08 ? 21  DA  B OP1   1 
ATOM   371 O OP2   . DA  B 2 6  ? -7.415  -12.130 -5.720  1.00 50.74 ? 21  DA  B OP2   1 
ATOM   372 O "O5'" . DA  B 2 6  ? -9.212  -13.790 -5.343  1.00 48.35 ? 21  DA  B "O5'" 1 
ATOM   373 C "C5'" . DA  B 2 6  ? -9.650  -14.897 -4.569  1.00 48.63 ? 21  DA  B "C5'" 1 
ATOM   374 C "C4'" . DA  B 2 6  ? -11.077 -14.686 -4.125  1.00 47.62 ? 21  DA  B "C4'" 1 
ATOM   375 O "O4'" . DA  B 2 6  ? -11.135 -13.962 -2.872  1.00 43.04 ? 21  DA  B "O4'" 1 
ATOM   376 C "C3'" . DA  B 2 6  ? -11.921 -13.899 -5.126  1.00 49.38 ? 21  DA  B "C3'" 1 
ATOM   377 O "O3'" . DA  B 2 6  ? -13.207 -14.518 -5.257  1.00 56.09 ? 21  DA  B "O3'" 1 
ATOM   378 C "C2'" . DA  B 2 6  ? -11.990 -12.510 -4.514  1.00 43.66 ? 21  DA  B "C2'" 1 
ATOM   379 C "C1'" . DA  B 2 6  ? -11.929 -12.794 -3.016  1.00 40.95 ? 21  DA  B "C1'" 1 
ATOM   380 N N9    . DA  B 2 6  ? -11.300 -11.736 -2.224  1.00 38.56 ? 21  DA  B N9    1 
ATOM   381 C C8    . DA  B 2 6  ? -10.224 -10.957 -2.579  1.00 37.23 ? 21  DA  B C8    1 
ATOM   382 N N7    . DA  B 2 6  ? -9.863  -10.100 -1.655  1.00 36.06 ? 21  DA  B N7    1 
ATOM   383 C C5    . DA  B 2 6  ? -10.755 -10.329 -0.621  1.00 36.50 ? 21  DA  B C5    1 
ATOM   384 C C6    . DA  B 2 6  ? -10.880 -9.758  0.656   1.00 36.65 ? 21  DA  B C6    1 
ATOM   385 N N6    . DA  B 2 6  ? -10.049 -8.827  1.135   1.00 36.21 ? 21  DA  B N6    1 
ATOM   386 N N1    . DA  B 2 6  ? -11.891 -10.193 1.443   1.00 36.89 ? 21  DA  B N1    1 
ATOM   387 C C2    . DA  B 2 6  ? -12.691 -11.164 0.977   1.00 37.26 ? 21  DA  B C2    1 
ATOM   388 N N3    . DA  B 2 6  ? -12.655 -11.800 -0.201  1.00 37.71 ? 21  DA  B N3    1 
ATOM   389 C C4    . DA  B 2 6  ? -11.654 -11.325 -0.962  1.00 37.39 ? 21  DA  B C4    1 
ATOM   390 P P     . DT  B 2 7  ? -14.370 -13.788 -6.092  1.00 60.45 ? 22  DT  B P     1 
ATOM   391 O OP1   . DT  B 2 7  ? -15.185 -14.851 -6.752  1.00 60.50 ? 22  DT  B OP1   1 
ATOM   392 O OP2   . DT  B 2 7  ? -13.730 -12.726 -6.928  1.00 59.50 ? 22  DT  B OP2   1 
ATOM   393 O "O5'" . DT  B 2 7  ? -15.250 -13.126 -4.934  1.00 57.57 ? 22  DT  B "O5'" 1 
ATOM   394 C "C5'" . DT  B 2 7  ? -15.448 -13.834 -3.722  1.00 54.18 ? 22  DT  B "C5'" 1 
ATOM   395 C "C4'" . DT  B 2 7  ? -16.253 -13.017 -2.744  1.00 55.42 ? 22  DT  B "C4'" 1 
ATOM   396 O "O4'" . DT  B 2 7  ? -15.426 -12.120 -1.958  1.00 55.10 ? 22  DT  B "O4'" 1 
ATOM   397 C "C3'" . DT  B 2 7  ? -17.382 -12.176 -3.333  1.00 57.29 ? 22  DT  B "C3'" 1 
ATOM   398 O "O3'" . DT  B 2 7  ? -18.573 -12.441 -2.578  1.00 60.32 ? 22  DT  B "O3'" 1 
ATOM   399 C "C2'" . DT  B 2 7  ? -16.905 -10.746 -3.116  1.00 55.93 ? 22  DT  B "C2'" 1 
ATOM   400 C "C1'" . DT  B 2 7  ? -16.084 -10.869 -1.835  1.00 54.00 ? 22  DT  B "C1'" 1 
ATOM   401 N N1    . DT  B 2 7  ? -15.050 -9.821  -1.606  1.00 51.21 ? 22  DT  B N1    1 
ATOM   402 C C2    . DT  B 2 7  ? -14.996 -9.166  -0.378  1.00 50.21 ? 22  DT  B C2    1 
ATOM   403 O O2    . DT  B 2 7  ? -15.755 -9.392  0.550   1.00 48.98 ? 22  DT  B O2    1 
ATOM   404 N N3    . DT  B 2 7  ? -14.003 -8.230  -0.276  1.00 49.83 ? 22  DT  B N3    1 
ATOM   405 C C4    . DT  B 2 7  ? -13.072 -7.888  -1.239  1.00 49.26 ? 22  DT  B C4    1 
ATOM   406 O O4    . DT  B 2 7  ? -12.227 -7.024  -0.992  1.00 50.35 ? 22  DT  B O4    1 
ATOM   407 C C5    . DT  B 2 7  ? -13.184 -8.607  -2.490  1.00 48.39 ? 22  DT  B C5    1 
ATOM   408 C C7    . DT  B 2 7  ? -12.214 -8.315  -3.586  1.00 45.06 ? 22  DT  B C7    1 
ATOM   409 C C6    . DT  B 2 7  ? -14.156 -9.516  -2.609  1.00 49.32 ? 22  DT  B C6    1 
ATOM   410 P P     . DC  B 2 8  ? -20.016 -12.048 -3.180  1.00 61.92 ? 23  DC  B P     1 
ATOM   411 O OP1   . DC  B 2 8  ? -20.975 -13.107 -2.764  1.00 61.83 ? 23  DC  B OP1   1 
ATOM   412 O OP2   . DC  B 2 8  ? -19.878 -11.699 -4.628  1.00 58.55 ? 23  DC  B OP2   1 
ATOM   413 O "O5'" . DC  B 2 8  ? -20.384 -10.728 -2.374  1.00 59.57 ? 23  DC  B "O5'" 1 
ATOM   414 C "C5'" . DC  B 2 8  ? -20.310 -10.692 -0.952  1.00 57.30 ? 23  DC  B "C5'" 1 
ATOM   415 C "C4'" . DC  B 2 8  ? -20.532 -9.278  -0.470  1.00 56.25 ? 23  DC  B "C4'" 1 
ATOM   416 O "O4'" . DC  B 2 8  ? -19.317 -8.490  -0.542  1.00 55.50 ? 23  DC  B "O4'" 1 
ATOM   417 C "C3'" . DC  B 2 8  ? -21.570 -8.516  -1.295  1.00 56.49 ? 23  DC  B "C3'" 1 
ATOM   418 O "O3'" . DC  B 2 8  ? -22.331 -7.676  -0.432  1.00 56.90 ? 23  DC  B "O3'" 1 
ATOM   419 C "C2'" . DC  B 2 8  ? -20.718 -7.665  -2.221  1.00 55.62 ? 23  DC  B "C2'" 1 
ATOM   420 C "C1'" . DC  B 2 8  ? -19.576 -7.311  -1.290  1.00 53.33 ? 23  DC  B "C1'" 1 
ATOM   421 N N1    . DC  B 2 8  ? -18.321 -6.893  -1.926  1.00 51.72 ? 23  DC  B N1    1 
ATOM   422 C C2    . DC  B 2 8  ? -17.368 -6.272  -1.124  1.00 51.78 ? 23  DC  B C2    1 
ATOM   423 O O2    . DC  B 2 8  ? -17.618 -6.130  0.088   1.00 52.64 ? 23  DC  B O2    1 
ATOM   424 N N3    . DC  B 2 8  ? -16.198 -5.850  -1.678  1.00 50.45 ? 23  DC  B N3    1 
ATOM   425 C C4    . DC  B 2 8  ? -15.977 -6.042  -2.982  1.00 48.68 ? 23  DC  B C4    1 
ATOM   426 N N4    . DC  B 2 8  ? -14.824 -5.605  -3.487  1.00 47.62 ? 23  DC  B N4    1 
ATOM   427 C C5    . DC  B 2 8  ? -16.933 -6.688  -3.822  1.00 48.15 ? 23  DC  B C5    1 
ATOM   428 C C6    . DC  B 2 8  ? -18.081 -7.093  -3.257  1.00 49.64 ? 23  DC  B C6    1 
ATOM   429 P P     . DA  B 2 9  ? -23.924 -7.586  -0.614  1.00 58.50 ? 24  DA  B P     1 
ATOM   430 O OP1   . DA  B 2 9  ? -24.482 -8.913  -0.214  1.00 57.61 ? 24  DA  B OP1   1 
ATOM   431 O OP2   . DA  B 2 9  ? -24.241 -7.021  -1.961  1.00 54.47 ? 24  DA  B OP2   1 
ATOM   432 O "O5'" . DA  B 2 9  ? -24.331 -6.529  0.505   1.00 56.80 ? 24  DA  B "O5'" 1 
ATOM   433 C "C5'" . DA  B 2 9  ? -24.092 -6.821  1.874   1.00 55.82 ? 24  DA  B "C5'" 1 
ATOM   434 C "C4'" . DA  B 2 9  ? -23.512 -5.615  2.570   1.00 54.86 ? 24  DA  B "C4'" 1 
ATOM   435 O "O4'" . DA  B 2 9  ? -22.260 -5.272  1.936   1.00 54.17 ? 24  DA  B "O4'" 1 
ATOM   436 C "C3'" . DA  B 2 9  ? -24.361 -4.343  2.529   1.00 55.77 ? 24  DA  B "C3'" 1 
ATOM   437 O "O3'" . DA  B 2 9  ? -24.193 -3.662  3.770   1.00 59.30 ? 24  DA  B "O3'" 1 
ATOM   438 C "C2'" . DA  B 2 9  ? -23.737 -3.535  1.404   1.00 52.12 ? 24  DA  B "C2'" 1 
ATOM   439 C "C1'" . DA  B 2 9  ? -22.273 -3.904  1.551   1.00 51.41 ? 24  DA  B "C1'" 1 
ATOM   440 N N9    . DA  B 2 9  ? -21.464 -3.781  0.341   1.00 46.96 ? 24  DA  B N9    1 
ATOM   441 C C8    . DA  B 2 9  ? -21.774 -4.197  -0.928  1.00 45.72 ? 24  DA  B C8    1 
ATOM   442 N N7    . DA  B 2 9  ? -20.830 -3.963  -1.806  1.00 44.51 ? 24  DA  B N7    1 
ATOM   443 C C5    . DA  B 2 9  ? -19.832 -3.347  -1.067  1.00 43.35 ? 24  DA  B C5    1 
ATOM   444 C C6    . DA  B 2 9  ? -18.566 -2.856  -1.422  1.00 41.77 ? 24  DA  B C6    1 
ATOM   445 N N6    . DA  B 2 9  ? -18.078 -2.919  -2.659  1.00 39.10 ? 24  DA  B N6    1 
ATOM   446 N N1    . DA  B 2 9  ? -17.809 -2.297  -0.449  1.00 41.96 ? 24  DA  B N1    1 
ATOM   447 C C2    . DA  B 2 9  ? -18.310 -2.245  0.804   1.00 42.44 ? 24  DA  B C2    1 
ATOM   448 N N3    . DA  B 2 9  ? -19.491 -2.676  1.259   1.00 42.32 ? 24  DA  B N3    1 
ATOM   449 C C4    . DA  B 2 9  ? -20.210 -3.224  0.258   1.00 43.89 ? 24  DA  B C4    1 
ATOM   450 P P     . DA  B 2 10 ? -24.950 -2.272  4.024   1.00 62.36 ? 25  DA  B P     1 
ATOM   451 O OP1   . DA  B 2 10 ? -25.108 -2.088  5.506   1.00 60.37 ? 25  DA  B OP1   1 
ATOM   452 O OP2   . DA  B 2 10 ? -26.141 -2.242  3.122   1.00 60.76 ? 25  DA  B OP2   1 
ATOM   453 O "O5'" . DA  B 2 10 ? -23.917 -1.171  3.516   1.00 60.83 ? 25  DA  B "O5'" 1 
ATOM   454 C "C5'" . DA  B 2 10 ? -22.799 -0.800  4.318   1.00 57.84 ? 25  DA  B "C5'" 1 
ATOM   455 C "C4'" . DA  B 2 10 ? -22.072 0.357   3.682   1.00 55.30 ? 25  DA  B "C4'" 1 
ATOM   456 O "O4'" . DA  B 2 10 ? -21.445 -0.059  2.441   1.00 54.60 ? 25  DA  B "O4'" 1 
ATOM   457 C "C3'" . DA  B 2 10 ? -22.993 1.518   3.305   1.00 55.82 ? 25  DA  B "C3'" 1 
ATOM   458 O "O3'" . DA  B 2 10 ? -22.269 2.730   3.439   1.00 57.92 ? 25  DA  B "O3'" 1 
ATOM   459 C "C2'" . DA  B 2 10 ? -23.208 1.314   1.819   1.00 53.37 ? 25  DA  B "C2'" 1 
ATOM   460 C "C1'" . DA  B 2 10 ? -21.815 0.885   1.452   1.00 52.14 ? 25  DA  B "C1'" 1 
ATOM   461 N N9    . DA  B 2 10 ? -21.641 0.303   0.125   1.00 48.03 ? 25  DA  B N9    1 
ATOM   462 C C8    . DA  B 2 10 ? -22.540 -0.353  -0.684  1.00 46.55 ? 25  DA  B C8    1 
ATOM   463 N N7    . DA  B 2 10 ? -22.066 -0.637  -1.873  1.00 44.28 ? 25  DA  B N7    1 
ATOM   464 C C5    . DA  B 2 10 ? -20.766 -0.148  -1.835  1.00 45.12 ? 25  DA  B C5    1 
ATOM   465 C C6    . DA  B 2 10 ? -19.749 -0.110  -2.789  1.00 45.52 ? 25  DA  B C6    1 
ATOM   466 N N6    . DA  B 2 10 ? -19.909 -0.524  -4.050  1.00 46.62 ? 25  DA  B N6    1 
ATOM   467 N N1    . DA  B 2 10 ? -18.548 0.397   -2.410  1.00 45.65 ? 25  DA  B N1    1 
ATOM   468 C C2    . DA  B 2 10 ? -18.409 0.858   -1.160  1.00 44.51 ? 25  DA  B C2    1 
ATOM   469 N N3    . DA  B 2 10 ? -19.304 0.910   -0.185  1.00 44.38 ? 25  DA  B N3    1 
ATOM   470 C C4    . DA  B 2 10 ? -20.478 0.388   -0.595  1.00 46.18 ? 25  DA  B C4    1 
ATOM   471 P P     . DA  B 2 11 ? -22.699 3.803   4.546   1.00 59.01 ? 26  DA  B P     1 
ATOM   472 O OP1   . DA  B 2 11 ? -22.791 3.068   5.840   1.00 59.49 ? 26  DA  B OP1   1 
ATOM   473 O OP2   . DA  B 2 11 ? -23.872 4.595   4.059   1.00 58.96 ? 26  DA  B OP2   1 
ATOM   474 O "O5'" . DA  B 2 11 ? -21.408 4.726   4.580   1.00 53.01 ? 26  DA  B "O5'" 1 
ATOM   475 C "C5'" . DA  B 2 11 ? -20.128 4.134   4.695   1.00 45.34 ? 26  DA  B "C5'" 1 
ATOM   476 C "C4'" . DA  B 2 11 ? -19.199 4.677   3.638   1.00 42.43 ? 26  DA  B "C4'" 1 
ATOM   477 O "O4'" . DA  B 2 11 ? -19.405 4.049   2.351   1.00 40.98 ? 26  DA  B "O4'" 1 
ATOM   478 C "C3'" . DA  B 2 11 ? -19.302 6.176   3.404   1.00 42.44 ? 26  DA  B "C3'" 1 
ATOM   479 O "O3'" . DA  B 2 11 ? -17.992 6.707   3.395   1.00 41.82 ? 26  DA  B "O3'" 1 
ATOM   480 C "C2'" . DA  B 2 11 ? -19.935 6.279   2.024   1.00 42.14 ? 26  DA  B "C2'" 1 
ATOM   481 C "C1'" . DA  B 2 11 ? -19.412 5.035   1.339   1.00 40.14 ? 26  DA  B "C1'" 1 
ATOM   482 N N9    . DA  B 2 11 ? -20.209 4.525   0.221   1.00 38.09 ? 26  DA  B N9    1 
ATOM   483 C C8    . DA  B 2 11 ? -21.533 4.191   0.245   1.00 37.20 ? 26  DA  B C8    1 
ATOM   484 N N7    . DA  B 2 11 ? -21.973 3.694   -0.888  1.00 36.24 ? 26  DA  B N7    1 
ATOM   485 C C5    . DA  B 2 11 ? -20.865 3.716   -1.721  1.00 35.54 ? 26  DA  B C5    1 
ATOM   486 C C6    . DA  B 2 11 ? -20.669 3.303   -3.066  1.00 35.72 ? 26  DA  B C6    1 
ATOM   487 N N6    . DA  B 2 11 ? -21.623 2.755   -3.820  1.00 33.43 ? 26  DA  B N6    1 
ATOM   488 N N1    . DA  B 2 11 ? -19.438 3.469   -3.607  1.00 36.13 ? 26  DA  B N1    1 
ATOM   489 C C2    . DA  B 2 11 ? -18.478 3.998   -2.841  1.00 36.57 ? 26  DA  B C2    1 
ATOM   490 N N3    . DA  B 2 11 ? -18.537 4.413   -1.569  1.00 37.46 ? 26  DA  B N3    1 
ATOM   491 C C4    . DA  B 2 11 ? -19.773 4.242   -1.059  1.00 37.95 ? 26  DA  B C4    1 
ATOM   492 P P     . DA  B 2 12 ? -17.777 8.279   3.558   1.00 46.01 ? 27  DA  B P     1 
ATOM   493 O OP1   . DA  B 2 12 ? -16.527 8.513   4.333   1.00 47.89 ? 27  DA  B OP1   1 
ATOM   494 O OP2   . DA  B 2 12 ? -19.055 8.890   4.004   1.00 46.83 ? 27  DA  B OP2   1 
ATOM   495 O "O5'" . DA  B 2 12 ? -17.513 8.774   2.078   1.00 42.98 ? 27  DA  B "O5'" 1 
ATOM   496 C "C5'" . DA  B 2 12 ? -16.419 8.274   1.339   1.00 39.46 ? 27  DA  B "C5'" 1 
ATOM   497 C "C4'" . DA  B 2 12 ? -16.498 8.779   -0.078  1.00 38.34 ? 27  DA  B "C4'" 1 
ATOM   498 O "O4'" . DA  B 2 12 ? -17.442 8.024   -0.881  1.00 37.87 ? 27  DA  B "O4'" 1 
ATOM   499 C "C3'" . DA  B 2 12 ? -16.957 10.229  -0.146  1.00 37.46 ? 27  DA  B "C3'" 1 
ATOM   500 O "O3'" . DA  B 2 12 ? -16.142 10.908  -1.076  1.00 37.46 ? 27  DA  B "O3'" 1 
ATOM   501 C "C2'" . DA  B 2 12 ? -18.387 10.133  -0.646  1.00 36.08 ? 27  DA  B "C2'" 1 
ATOM   502 C "C1'" . DA  B 2 12 ? -18.288 8.932   -1.560  1.00 35.30 ? 27  DA  B "C1'" 1 
ATOM   503 N N9    . DA  B 2 12 ? -19.533 8.241   -1.878  1.00 31.43 ? 27  DA  B N9    1 
ATOM   504 C C8    . DA  B 2 12 ? -20.632 8.082   -1.084  1.00 29.50 ? 27  DA  B C8    1 
ATOM   505 N N7    . DA  B 2 12 ? -21.583 7.362   -1.635  1.00 29.55 ? 27  DA  B N7    1 
ATOM   506 C C5    . DA  B 2 12 ? -21.072 7.026   -2.882  1.00 29.29 ? 27  DA  B C5    1 
ATOM   507 C C6    . DA  B 2 12 ? -21.587 6.254   -3.952  1.00 28.45 ? 27  DA  B C6    1 
ATOM   508 N N6    . DA  B 2 12 ? -22.767 5.624   -3.917  1.00 26.60 ? 27  DA  B N6    1 
ATOM   509 N N1    . DA  B 2 12 ? -20.830 6.151   -5.070  1.00 29.33 ? 27  DA  B N1    1 
ATOM   510 C C2    . DA  B 2 12 ? -19.640 6.770   -5.101  1.00 28.87 ? 27  DA  B C2    1 
ATOM   511 N N3    . DA  B 2 12 ? -19.045 7.500   -4.158  1.00 28.43 ? 27  DA  B N3    1 
ATOM   512 C C4    . DA  B 2 12 ? -19.819 7.588   -3.058  1.00 29.01 ? 27  DA  B C4    1 
ATOM   513 P P     . DA  B 2 13 ? -15.921 12.477  -0.919  1.00 37.57 ? 28  DA  B P     1 
ATOM   514 O OP1   . DA  B 2 13 ? -14.485 12.695  -0.616  1.00 35.80 ? 28  DA  B OP1   1 
ATOM   515 O OP2   . DA  B 2 13 ? -16.968 12.957  0.017   1.00 36.42 ? 28  DA  B OP2   1 
ATOM   516 O "O5'" . DA  B 2 13 ? -16.257 12.990  -2.385  1.00 41.35 ? 28  DA  B "O5'" 1 
ATOM   517 C "C5'" . DA  B 2 13 ? -15.635 12.362  -3.499  1.00 43.49 ? 28  DA  B "C5'" 1 
ATOM   518 C "C4'" . DA  B 2 13 ? -16.564 12.338  -4.687  1.00 41.98 ? 28  DA  B "C4'" 1 
ATOM   519 O "O4'" . DA  B 2 13 ? -17.515 11.240  -4.628  1.00 43.49 ? 28  DA  B "O4'" 1 
ATOM   520 C "C3'" . DA  B 2 13 ? -17.380 13.614  -4.858  1.00 40.86 ? 28  DA  B "C3'" 1 
ATOM   521 O "O3'" . DA  B 2 13 ? -17.275 14.086  -6.193  1.00 45.22 ? 28  DA  B "O3'" 1 
ATOM   522 C "C2'" . DA  B 2 13 ? -18.795 13.130  -4.638  1.00 42.62 ? 28  DA  B "C2'" 1 
ATOM   523 C "C1'" . DA  B 2 13 ? -18.709 11.718  -5.171  1.00 40.48 ? 28  DA  B "C1'" 1 
ATOM   524 N N9    . DA  B 2 13 ? -19.829 10.883  -4.740  1.00 38.56 ? 28  DA  B N9    1 
ATOM   525 C C8    . DA  B 2 13 ? -20.415 10.826  -3.501  1.00 37.57 ? 28  DA  B C8    1 
ATOM   526 N N7    . DA  B 2 13 ? -21.528 10.131  -3.471  1.00 36.68 ? 28  DA  B N7    1 
ATOM   527 C C5    . DA  B 2 13 ? -21.662 9.662   -4.773  1.00 37.13 ? 28  DA  B C5    1 
ATOM   528 C C6    . DA  B 2 13 ? -22.657 8.875   -5.411  1.00 37.04 ? 28  DA  B C6    1 
ATOM   529 N N6    . DA  B 2 13 ? -23.783 8.442   -4.810  1.00 35.87 ? 28  DA  B N6    1 
ATOM   530 N N1    . DA  B 2 13 ? -22.459 8.561   -6.710  1.00 37.13 ? 28  DA  B N1    1 
ATOM   531 C C2    . DA  B 2 13 ? -21.364 9.033   -7.326  1.00 36.41 ? 28  DA  B C2    1 
ATOM   532 N N3    . DA  B 2 13 ? -20.389 9.799   -6.847  1.00 36.32 ? 28  DA  B N3    1 
ATOM   533 C C4    . DA  B 2 13 ? -20.594 10.078  -5.551  1.00 37.63 ? 28  DA  B C4    1 
ATOM   534 P P     . DC  B 2 14 ? -18.161 15.341  -6.669  1.00 47.94 ? 29  DC  B P     1 
ATOM   535 O OP1   . DC  B 2 14 ? -17.233 16.400  -7.126  1.00 50.42 ? 29  DC  B OP1   1 
ATOM   536 O OP2   . DC  B 2 14 ? -19.200 15.668  -5.645  1.00 47.06 ? 29  DC  B OP2   1 
ATOM   537 O "O5'" . DC  B 2 14 ? -18.884 14.766  -7.963  1.00 47.76 ? 29  DC  B "O5'" 1 
ATOM   538 C "C5'" . DC  B 2 14 ? -18.160 13.955  -8.879  1.00 46.50 ? 29  DC  B "C5'" 1 
ATOM   539 C "C4'" . DC  B 2 14 ? -19.100 13.293  -9.858  1.00 46.79 ? 29  DC  B "C4'" 1 
ATOM   540 O "O4'" . DC  B 2 14 ? -19.945 12.339  -9.161  1.00 44.82 ? 29  DC  B "O4'" 1 
ATOM   541 C "C3'" . DC  B 2 14 ? -20.035 14.258  -10.593 1.00 46.82 ? 29  DC  B "C3'" 1 
ATOM   542 O "O3'" . DC  B 2 14 ? -20.244 13.870  -11.950 1.00 48.36 ? 29  DC  B "O3'" 1 
ATOM   543 C "C2'" . DC  B 2 14 ? -21.361 14.058  -9.889  1.00 46.64 ? 29  DC  B "C2'" 1 
ATOM   544 C "C1'" . DC  B 2 14 ? -21.303 12.594  -9.474  1.00 44.08 ? 29  DC  B "C1'" 1 
ATOM   545 N N1    . DC  B 2 14 ? -22.117 12.314  -8.283  1.00 43.80 ? 29  DC  B N1    1 
ATOM   546 C C2    . DC  B 2 14 ? -23.156 11.405  -8.394  1.00 43.42 ? 29  DC  B C2    1 
ATOM   547 O O2    . DC  B 2 14 ? -23.278 10.774  -9.452  1.00 43.28 ? 29  DC  B O2    1 
ATOM   548 N N3    . DC  B 2 14 ? -24.003 11.232  -7.341  1.00 42.49 ? 29  DC  B N3    1 
ATOM   549 C C4    . DC  B 2 14 ? -23.813 11.922  -6.206  1.00 41.94 ? 29  DC  B C4    1 
ATOM   550 N N4    . DC  B 2 14 ? -24.699 11.769  -5.215  1.00 40.18 ? 29  DC  B N4    1 
ATOM   551 C C5    . DC  B 2 14 ? -22.714 12.809  -6.048  1.00 42.71 ? 29  DC  B C5    1 
ATOM   552 C C6    . DC  B 2 14 ? -21.894 12.970  -7.102  1.00 43.70 ? 29  DC  B C6    1 
ATOM   553 N N     . GLY C 3 1  ? -18.528 8.654   -9.077  1.00 44.05 ? 139 GLY C N     1 
ATOM   554 C CA    . GLY C 3 1  ? -17.562 7.690   -8.453  1.00 44.75 ? 139 GLY C CA    1 
ATOM   555 C C     . GLY C 3 1  ? -16.708 8.209   -7.298  1.00 44.42 ? 139 GLY C C     1 
ATOM   556 O O     . GLY C 3 1  ? -16.239 9.347   -7.299  1.00 46.50 ? 139 GLY C O     1 
ATOM   557 N N     . ARG C 3 2  ? -16.500 7.353   -6.308  1.00 42.48 ? 140 ARG C N     1 
ATOM   558 C CA    . ARG C 3 2  ? -15.695 7.671   -5.137  1.00 41.35 ? 140 ARG C CA    1 
ATOM   559 C C     . ARG C 3 2  ? -14.224 7.971   -5.488  1.00 40.78 ? 140 ARG C C     1 
ATOM   560 O O     . ARG C 3 2  ? -13.723 7.557   -6.525  1.00 40.33 ? 140 ARG C O     1 
ATOM   561 C CB    . ARG C 3 2  ? -15.777 6.481   -4.184  1.00 40.97 ? 140 ARG C CB    1 
ATOM   562 C CG    . ARG C 3 2  ? -14.994 6.609   -2.912  1.00 40.16 ? 140 ARG C CG    1 
ATOM   563 C CD    . ARG C 3 2  ? -15.504 5.609   -1.902  1.00 38.57 ? 140 ARG C CD    1 
ATOM   564 N NE    . ARG C 3 2  ? -14.698 5.628   -0.693  1.00 37.55 ? 140 ARG C NE    1 
ATOM   565 C CZ    . ARG C 3 2  ? -15.002 4.978   0.416   1.00 34.76 ? 140 ARG C CZ    1 
ATOM   566 N NH1   . ARG C 3 2  ? -16.103 4.255   0.492   1.00 32.62 ? 140 ARG C NH1   1 
ATOM   567 N NH2   . ARG C 3 2  ? -14.190 5.044   1.448   1.00 34.53 ? 140 ARG C NH2   1 
ATOM   568 N N     . PRO C 3 3  ? -13.513 8.712   -4.630  1.00 40.26 ? 141 PRO C N     1 
ATOM   569 C CA    . PRO C 3 3  ? -12.114 8.989   -4.967  1.00 40.08 ? 141 PRO C CA    1 
ATOM   570 C C     . PRO C 3 3  ? -11.097 7.970   -4.463  1.00 39.74 ? 141 PRO C C     1 
ATOM   571 O O     . PRO C 3 3  ? -11.219 7.419   -3.359  1.00 41.19 ? 141 PRO C O     1 
ATOM   572 C CB    . PRO C 3 3  ? -11.878 10.364  -4.358  1.00 37.44 ? 141 PRO C CB    1 
ATOM   573 C CG    . PRO C 3 3  ? -12.706 10.334  -3.175  1.00 39.67 ? 141 PRO C CG    1 
ATOM   574 C CD    . PRO C 3 3  ? -14.002 9.700   -3.656  1.00 40.27 ? 141 PRO C CD    1 
ATOM   575 N N     . ARG C 3 4  ? -10.086 7.725   -5.288  1.00 38.20 ? 142 ARG C N     1 
ATOM   576 C CA    . ARG C 3 4  ? -9.035  6.812   -4.925  1.00 36.29 ? 142 ARG C CA    1 
ATOM   577 C C     . ARG C 3 4  ? -8.456  7.289   -3.604  1.00 36.12 ? 142 ARG C C     1 
ATOM   578 O O     . ARG C 3 4  ? -8.393  8.485   -3.347  1.00 34.04 ? 142 ARG C O     1 
ATOM   579 C CB    . ARG C 3 4  ? -7.985  6.787   -6.026  1.00 36.31 ? 142 ARG C CB    1 
ATOM   580 C CG    . ARG C 3 4  ? -8.414  5.960   -7.221  1.00 38.30 ? 142 ARG C CG    1 
ATOM   581 C CD    . ARG C 3 4  ? -7.263  5.749   -8.198  1.00 46.49 ? 142 ARG C CD    1 
ATOM   582 N NE    . ARG C 3 4  ? -7.452  4.589   -9.080  1.00 49.29 ? 142 ARG C NE    1 
ATOM   583 C CZ    . ARG C 3 4  ? -7.357  3.322   -8.679  1.00 48.64 ? 142 ARG C CZ    1 
ATOM   584 N NH1   . ARG C 3 4  ? -7.072  3.063   -7.411  1.00 50.16 ? 142 ARG C NH1   1 
ATOM   585 N NH2   . ARG C 3 4  ? -7.551  2.316   -9.536  1.00 47.69 ? 142 ARG C NH2   1 
ATOM   586 N N     . ALA C 3 5  ? -8.051  6.346   -2.752  1.00 38.73 ? 143 ALA C N     1 
ATOM   587 C CA    . ALA C 3 5  ? -7.495  6.680   -1.436  1.00 41.62 ? 143 ALA C CA    1 
ATOM   588 C C     . ALA C 3 5  ? -6.021  7.010   -1.483  1.00 45.51 ? 143 ALA C C     1 
ATOM   589 O O     . ALA C 3 5  ? -5.456  7.375   -0.461  1.00 46.35 ? 143 ALA C O     1 
ATOM   590 C CB    . ALA C 3 5  ? -7.717  5.546   -0.468  1.00 36.97 ? 143 ALA C CB    1 
ATOM   591 N N     . ILE C 3 6  ? -5.395  6.872   -2.651  1.00 49.32 ? 144 ILE C N     1 
ATOM   592 C CA    . ILE C 3 6  ? -3.975  7.167   -2.778  1.00 51.37 ? 144 ILE C CA    1 
ATOM   593 C C     . ILE C 3 6  ? -3.502  7.585   -4.169  1.00 53.49 ? 144 ILE C C     1 
ATOM   594 O O     . ILE C 3 6  ? -3.721  6.891   -5.169  1.00 51.55 ? 144 ILE C O     1 
ATOM   595 C CB    . ILE C 3 6  ? -3.075  5.970   -2.297  1.00 50.30 ? 144 ILE C CB    1 
ATOM   596 C CG1   . ILE C 3 6  ? -3.611  4.643   -2.812  1.00 48.20 ? 144 ILE C CG1   1 
ATOM   597 C CG2   . ILE C 3 6  ? -3.003  5.927   -0.787  1.00 51.30 ? 144 ILE C CG2   1 
ATOM   598 C CD1   . ILE C 3 6  ? -2.756  3.457   -2.385  1.00 46.33 ? 144 ILE C CD1   1 
ATOM   599 N N     . ASN C 3 7  ? -2.836  8.735   -4.204  1.00 56.60 ? 145 ASN C N     1 
ATOM   600 C CA    . ASN C 3 7  ? -2.286  9.283   -5.433  1.00 60.39 ? 145 ASN C CA    1 
ATOM   601 C C     . ASN C 3 7  ? -1.062  8.466   -5.858  1.00 63.28 ? 145 ASN C C     1 
ATOM   602 O O     . ASN C 3 7  ? -0.668  7.515   -5.177  1.00 64.45 ? 145 ASN C O     1 
ATOM   603 C CB    . ASN C 3 7  ? -1.893  10.756  -5.238  1.00 58.22 ? 145 ASN C CB    1 
ATOM   604 C CG    . ASN C 3 7  ? -1.080  10.985  -3.978  1.00 58.83 ? 145 ASN C CG    1 
ATOM   605 O OD1   . ASN C 3 7  ? -0.288  10.132  -3.572  1.00 59.15 ? 145 ASN C OD1   1 
ATOM   606 N ND2   . ASN C 3 7  ? -1.262  12.146  -3.357  1.00 57.14 ? 145 ASN C ND2   1 
ATOM   607 N N     . LYS C 3 8  ? -0.472  8.852   -6.987  1.00 65.96 ? 146 LYS C N     1 
ATOM   608 C CA    . LYS C 3 8  ? 0.698   8.181   -7.550  1.00 67.66 ? 146 LYS C CA    1 
ATOM   609 C C     . LYS C 3 8  ? 1.899   8.188   -6.607  1.00 67.03 ? 146 LYS C C     1 
ATOM   610 O O     . LYS C 3 8  ? 2.509   7.150   -6.362  1.00 66.15 ? 146 LYS C O     1 
ATOM   611 N N     . HIS C 3 9  ? 2.238   9.366   -6.095  1.00 66.78 ? 147 HIS C N     1 
ATOM   612 C CA    . HIS C 3 9  ? 3.375   9.518   -5.194  1.00 66.75 ? 147 HIS C CA    1 
ATOM   613 C C     . HIS C 3 9  ? 3.337   8.543   -4.038  1.00 64.91 ? 147 HIS C C     1 
ATOM   614 O O     . HIS C 3 9  ? 4.350   7.932   -3.707  1.00 63.17 ? 147 HIS C O     1 
ATOM   615 C CB    . HIS C 3 9  ? 3.436   10.938  -4.634  1.00 70.01 ? 147 HIS C CB    1 
ATOM   616 C CG    . HIS C 3 9  ? 4.538   11.151  -3.642  1.00 72.54 ? 147 HIS C CG    1 
ATOM   617 N ND1   . HIS C 3 9  ? 4.301   11.501  -2.330  1.00 72.62 ? 147 HIS C ND1   1 
ATOM   618 C CD2   . HIS C 3 9  ? 5.886   11.095  -3.779  1.00 73.07 ? 147 HIS C CD2   1 
ATOM   619 C CE1   . HIS C 3 9  ? 5.453   11.659  -1.703  1.00 71.73 ? 147 HIS C CE1   1 
ATOM   620 N NE2   . HIS C 3 9  ? 6.431   11.418  -2.559  1.00 72.33 ? 147 HIS C NE2   1 
ATOM   621 N N     . GLU C 3 10 ? 2.168   8.418   -3.418  1.00 63.79 ? 148 GLU C N     1 
ATOM   622 C CA    . GLU C 3 10 ? 1.984   7.519   -2.291  1.00 63.09 ? 148 GLU C CA    1 
ATOM   623 C C     . GLU C 3 10 ? 2.175   6.069   -2.702  1.00 62.41 ? 148 GLU C C     1 
ATOM   624 O O     . GLU C 3 10 ? 2.814   5.300   -1.991  1.00 61.81 ? 148 GLU C O     1 
ATOM   625 C CB    . GLU C 3 10 ? 0.587   7.692   -1.701  1.00 63.81 ? 148 GLU C CB    1 
ATOM   626 C CG    . GLU C 3 10 ? 0.485   8.740   -0.626  1.00 66.90 ? 148 GLU C CG    1 
ATOM   627 C CD    . GLU C 3 10 ? -0.943  8.939   -0.157  1.00 69.08 ? 148 GLU C CD    1 
ATOM   628 O OE1   . GLU C 3 10 ? -1.780  9.381   -0.980  1.00 69.37 ? 148 GLU C OE1   1 
ATOM   629 O OE2   . GLU C 3 10 ? -1.234  8.654   1.031   1.00 69.72 ? 148 GLU C OE2   1 
ATOM   630 N N     . GLN C 3 11 ? 1.631   5.695   -3.854  1.00 61.47 ? 149 GLN C N     1 
ATOM   631 C CA    . GLN C 3 11 ? 1.742   4.319   -4.316  1.00 61.20 ? 149 GLN C CA    1 
ATOM   632 C C     . GLN C 3 11 ? 3.160   3.769   -4.403  1.00 60.86 ? 149 GLN C C     1 
ATOM   633 O O     . GLN C 3 11 ? 3.508   2.856   -3.663  1.00 60.05 ? 149 GLN C O     1 
ATOM   634 C CB    . GLN C 3 11 ? 1.030   4.149   -5.656  1.00 61.78 ? 149 GLN C CB    1 
ATOM   635 C CG    . GLN C 3 11 ? -0.475  4.034   -5.516  1.00 61.89 ? 149 GLN C CG    1 
ATOM   636 C CD    . GLN C 3 11 ? -1.165  3.851   -6.841  1.00 61.35 ? 149 GLN C CD    1 
ATOM   637 O OE1   . GLN C 3 11 ? -0.753  3.021   -7.645  1.00 61.58 ? 149 GLN C OE1   1 
ATOM   638 N NE2   . GLN C 3 11 ? -2.229  4.620   -7.078  1.00 59.58 ? 149 GLN C NE2   1 
ATOM   639 N N     . GLU C 3 12 ? 3.977   4.316   -5.299  1.00 61.17 ? 150 GLU C N     1 
ATOM   640 C CA    . GLU C 3 12 ? 5.353   3.841   -5.459  1.00 60.49 ? 150 GLU C CA    1 
ATOM   641 C C     . GLU C 3 12 ? 6.108   3.967   -4.148  1.00 58.23 ? 150 GLU C C     1 
ATOM   642 O O     . GLU C 3 12 ? 7.029   3.204   -3.874  1.00 56.29 ? 150 GLU C O     1 
ATOM   643 C CB    . GLU C 3 12 ? 6.074   4.618   -6.569  1.00 63.46 ? 150 GLU C CB    1 
ATOM   644 N N     . GLN C 3 13 ? 5.694   4.925   -3.329  1.00 56.85 ? 151 GLN C N     1 
ATOM   645 C CA    . GLN C 3 13 ? 6.318   5.150   -2.029  1.00 55.60 ? 151 GLN C CA    1 
ATOM   646 C C     . GLN C 3 13 ? 5.982   3.969   -1.131  1.00 53.55 ? 151 GLN C C     1 
ATOM   647 O O     . GLN C 3 13 ? 6.866   3.365   -0.536  1.00 54.42 ? 151 GLN C O     1 
ATOM   648 C CB    . GLN C 3 13 ? 5.779   6.436   -1.419  1.00 55.72 ? 151 GLN C CB    1 
ATOM   649 C CG    . GLN C 3 13 ? 6.630   7.031   -0.335  1.00 58.58 ? 151 GLN C CG    1 
ATOM   650 C CD    . GLN C 3 13 ? 6.106   8.403   0.091   1.00 61.58 ? 151 GLN C CD    1 
ATOM   651 O OE1   . GLN C 3 13 ? 5.670   9.192   -0.755  1.00 61.88 ? 151 GLN C OE1   1 
ATOM   652 N NE2   . GLN C 3 13 ? 6.151   8.696   1.399   1.00 58.66 ? 151 GLN C NE2   1 
ATOM   653 N N     . ILE C 3 14 ? 4.689   3.648   -1.046  1.00 50.48 ? 152 ILE C N     1 
ATOM   654 C CA    . ILE C 3 14 ? 4.203   2.533   -0.234  1.00 46.71 ? 152 ILE C CA    1 
ATOM   655 C C     . ILE C 3 14 ? 4.761   1.269   -0.831  1.00 45.80 ? 152 ILE C C     1 
ATOM   656 O O     . ILE C 3 14 ? 5.124   0.344   -0.127  1.00 45.85 ? 152 ILE C O     1 
ATOM   657 C CB    . ILE C 3 14 ? 2.677   2.431   -0.267  1.00 44.60 ? 152 ILE C CB    1 
ATOM   658 C CG1   . ILE C 3 14 ? 2.052   3.580   0.504   1.00 43.67 ? 152 ILE C CG1   1 
ATOM   659 C CG2   . ILE C 3 14 ? 2.237   1.130   0.332   1.00 45.87 ? 152 ILE C CG2   1 
ATOM   660 C CD1   . ILE C 3 14 ? 0.549   3.504   0.571   1.00 40.79 ? 152 ILE C CD1   1 
ATOM   661 N N     . SER C 3 15 ? 4.814   1.250   -2.154  1.00 45.67 ? 153 SER C N     1 
ATOM   662 C CA    . SER C 3 15 ? 5.333   0.123   -2.917  1.00 44.90 ? 153 SER C CA    1 
ATOM   663 C C     . SER C 3 15 ? 6.749   -0.240  -2.465  1.00 44.91 ? 153 SER C C     1 
ATOM   664 O O     . SER C 3 15 ? 7.064   -1.410  -2.245  1.00 42.29 ? 153 SER C O     1 
ATOM   665 C CB    . SER C 3 15 ? 5.337   0.494   -4.397  1.00 44.40 ? 153 SER C CB    1 
ATOM   666 O OG    . SER C 3 15 ? 5.976   -0.500  -5.166  1.00 48.28 ? 153 SER C OG    1 
ATOM   667 N N     . ARG C 3 16 ? 7.593   0.780   -2.330  1.00 46.06 ? 154 ARG C N     1 
ATOM   668 C CA    . ARG C 3 16 ? 8.974   0.603   -1.903  1.00 47.39 ? 154 ARG C CA    1 
ATOM   669 C C     . ARG C 3 16 ? 9.049   0.184   -0.442  1.00 45.76 ? 154 ARG C C     1 
ATOM   670 O O     . ARG C 3 16 ? 9.906   -0.610  -0.050  1.00 42.84 ? 154 ARG C O     1 
ATOM   671 C CB    . ARG C 3 16 ? 9.740   1.900   -2.122  1.00 52.71 ? 154 ARG C CB    1 
ATOM   672 C CG    . ARG C 3 16 ? 9.799   2.280   -3.590  1.00 56.71 ? 154 ARG C CG    1 
ATOM   673 N N     . LEU C 3 17 ? 8.151   0.719   0.372   1.00 44.98 ? 155 LEU C N     1 
ATOM   674 C CA    . LEU C 3 17 ? 8.128   0.352   1.773   1.00 45.07 ? 155 LEU C CA    1 
ATOM   675 C C     . LEU C 3 17 ? 7.781   -1.127  1.893   1.00 44.81 ? 155 LEU C C     1 
ATOM   676 O O     . LEU C 3 17 ? 8.427   -1.855  2.632   1.00 46.63 ? 155 LEU C O     1 
ATOM   677 C CB    . LEU C 3 17 ? 7.110   1.207   2.521   1.00 44.92 ? 155 LEU C CB    1 
ATOM   678 C CG    . LEU C 3 17 ? 7.550   2.674   2.599   1.00 44.89 ? 155 LEU C CG    1 
ATOM   679 C CD1   . LEU C 3 17 ? 6.455   3.558   3.227   1.00 43.94 ? 155 LEU C CD1   1 
ATOM   680 C CD2   . LEU C 3 17 ? 8.852   2.730   3.401   1.00 43.84 ? 155 LEU C CD2   1 
ATOM   681 N N     . LEU C 3 18 ? 6.779   -1.584  1.154   1.00 43.68 ? 156 LEU C N     1 
ATOM   682 C CA    . LEU C 3 18 ? 6.398   -2.983  1.224   1.00 43.71 ? 156 LEU C CA    1 
ATOM   683 C C     . LEU C 3 18 ? 7.536   -3.918  0.838   1.00 45.46 ? 156 LEU C C     1 
ATOM   684 O O     . LEU C 3 18 ? 7.540   -5.089  1.214   1.00 46.54 ? 156 LEU C O     1 
ATOM   685 C CB    . LEU C 3 18 ? 5.169   -3.237  0.358   1.00 42.47 ? 156 LEU C CB    1 
ATOM   686 C CG    . LEU C 3 18 ? 3.862   -2.941  1.104   1.00 43.78 ? 156 LEU C CG    1 
ATOM   687 C CD1   . LEU C 3 18 ? 2.729   -2.759  0.105   1.00 44.03 ? 156 LEU C CD1   1 
ATOM   688 C CD2   . LEU C 3 18 ? 3.562   -4.066  2.108   1.00 39.21 ? 156 LEU C CD2   1 
ATOM   689 N N     . GLU C 3 19 ? 8.508   -3.401  0.095   1.00 48.26 ? 157 GLU C N     1 
ATOM   690 C CA    . GLU C 3 19 ? 9.651   -4.213  -0.305  1.00 50.27 ? 157 GLU C CA    1 
ATOM   691 C C     . GLU C 3 19 ? 10.804  -3.802  0.577   1.00 50.03 ? 157 GLU C C     1 
ATOM   692 O O     . GLU C 3 19 ? 11.795  -3.252  0.111   1.00 50.44 ? 157 GLU C O     1 
ATOM   693 C CB    . GLU C 3 19 ? 10.023  -3.966  -1.756  1.00 52.62 ? 157 GLU C CB    1 
ATOM   694 C CG    . GLU C 3 19 ? 8.864   -3.521  -2.609  1.00 57.59 ? 157 GLU C CG    1 
ATOM   695 C CD    . GLU C 3 19 ? 9.208   -3.537  -4.080  1.00 60.49 ? 157 GLU C CD    1 
ATOM   696 O OE1   . GLU C 3 19 ? 9.278   -4.659  -4.642  1.00 60.98 ? 157 GLU C OE1   1 
ATOM   697 O OE2   . GLU C 3 19 ? 9.422   -2.440  -4.661  1.00 61.28 ? 157 GLU C OE2   1 
ATOM   698 N N     . LYS C 3 20 ? 10.640  -4.043  1.867   1.00 49.78 ? 158 LYS C N     1 
ATOM   699 C CA    . LYS C 3 20 ? 11.640  -3.725  2.861   1.00 51.28 ? 158 LYS C CA    1 
ATOM   700 C C     . LYS C 3 20 ? 11.083  -4.445  4.083   1.00 52.28 ? 158 LYS C C     1 
ATOM   701 O O     . LYS C 3 20 ? 11.669  -4.455  5.182   1.00 54.53 ? 158 LYS C O     1 
ATOM   702 C CB    . LYS C 3 20 ? 11.722  -2.208  3.082   1.00 50.58 ? 158 LYS C CB    1 
ATOM   703 N N     . GLY C 3 21 ? 9.920   -5.052  3.865   1.00 51.94 ? 159 GLY C N     1 
ATOM   704 C CA    . GLY C 3 21 ? 9.278   -5.816  4.912   1.00 50.07 ? 159 GLY C CA    1 
ATOM   705 C C     . GLY C 3 21 ? 8.370   -5.015  5.806   1.00 48.38 ? 159 GLY C C     1 
ATOM   706 O O     . GLY C 3 21 ? 8.003   -5.496  6.882   1.00 50.99 ? 159 GLY C O     1 
ATOM   707 N N     . HIS C 3 22 ? 8.008   -3.804  5.385   1.00 44.76 ? 160 HIS C N     1 
ATOM   708 C CA    . HIS C 3 22 ? 7.126   -2.980  6.202   1.00 40.55 ? 160 HIS C CA    1 
ATOM   709 C C     . HIS C 3 22 ? 5.756   -3.615  6.217   1.00 39.08 ? 160 HIS C C     1 
ATOM   710 O O     . HIS C 3 22 ? 5.148   -3.817  5.166   1.00 39.90 ? 160 HIS C O     1 
ATOM   711 C CB    . HIS C 3 22 ? 7.025   -1.559  5.655   1.00 38.46 ? 160 HIS C CB    1 
ATOM   712 C CG    . HIS C 3 22 ? 8.070   -0.632  6.186   1.00 35.42 ? 160 HIS C CG    1 
ATOM   713 N ND1   . HIS C 3 22 ? 9.008   -0.028  5.379   1.00 35.20 ? 160 HIS C ND1   1 
ATOM   714 C CD2   . HIS C 3 22 ? 8.307   -0.180  7.439   1.00 33.86 ? 160 HIS C CD2   1 
ATOM   715 C CE1   . HIS C 3 22 ? 9.775   0.758   6.112   1.00 31.27 ? 160 HIS C CE1   1 
ATOM   716 N NE2   . HIS C 3 22 ? 9.370   0.683   7.365   1.00 32.69 ? 160 HIS C NE2   1 
ATOM   717 N N     . PRO C 3 23 ? 5.261   -3.958  7.416   1.00 37.98 ? 161 PRO C N     1 
ATOM   718 C CA    . PRO C 3 23 ? 3.947   -4.583  7.584   1.00 37.46 ? 161 PRO C CA    1 
ATOM   719 C C     . PRO C 3 23 ? 2.843   -3.717  7.012   1.00 37.31 ? 161 PRO C C     1 
ATOM   720 O O     . PRO C 3 23 ? 2.836   -2.508  7.230   1.00 37.66 ? 161 PRO C O     1 
ATOM   721 C CB    . PRO C 3 23 ? 3.840   -4.748  9.097   1.00 37.80 ? 161 PRO C CB    1 
ATOM   722 C CG    . PRO C 3 23 ? 4.724   -3.645  9.635   1.00 38.95 ? 161 PRO C CG    1 
ATOM   723 C CD    . PRO C 3 23 ? 5.905   -3.723  8.719   1.00 37.88 ? 161 PRO C CD    1 
ATOM   724 N N     . ARG C 3 24 ? 1.914   -4.313  6.273   1.00 38.12 ? 162 ARG C N     1 
ATOM   725 C CA    . ARG C 3 24 ? 0.820   -3.524  5.702   1.00 39.10 ? 162 ARG C CA    1 
ATOM   726 C C     . ARG C 3 24 ? 0.012   -2.849  6.822   1.00 40.23 ? 162 ARG C C     1 
ATOM   727 O O     . ARG C 3 24 ? -0.531  -1.758  6.640   1.00 39.39 ? 162 ARG C O     1 
ATOM   728 C CB    . ARG C 3 24 ? -0.095  -4.407  4.832   1.00 39.28 ? 162 ARG C CB    1 
ATOM   729 C CG    . ARG C 3 24 ? 0.577   -4.977  3.568   1.00 36.33 ? 162 ARG C CG    1 
ATOM   730 C CD    . ARG C 3 24 ? -0.466  -5.367  2.520   1.00 36.64 ? 162 ARG C CD    1 
ATOM   731 N NE    . ARG C 3 24 ? 0.061   -5.688  1.184   1.00 32.49 ? 162 ARG C NE    1 
ATOM   732 C CZ    . ARG C 3 24 ? 0.946   -6.651  0.938   1.00 34.91 ? 162 ARG C CZ    1 
ATOM   733 N NH1   . ARG C 3 24 ? 1.362   -6.890  -0.305  1.00 34.05 ? 162 ARG C NH1   1 
ATOM   734 N NH2   . ARG C 3 24 ? 1.432   -7.368  1.943   1.00 36.18 ? 162 ARG C NH2   1 
ATOM   735 N N     . GLN C 3 25 ? -0.053  -3.487  7.986   1.00 40.73 ? 163 GLN C N     1 
ATOM   736 C CA    . GLN C 3 25 ? -0.792  -2.917  9.107   1.00 41.14 ? 163 GLN C CA    1 
ATOM   737 C C     . GLN C 3 25 ? -0.210  -1.557  9.502   1.00 39.11 ? 163 GLN C C     1 
ATOM   738 O O     . GLN C 3 25 ? -0.949  -0.645  9.891   1.00 39.05 ? 163 GLN C O     1 
ATOM   739 C CB    . GLN C 3 25 ? -0.767  -3.891  10.298  1.00 44.54 ? 163 GLN C CB    1 
ATOM   740 C CG    . GLN C 3 25 ? -1.324  -3.328  11.622  1.00 47.55 ? 163 GLN C CG    1 
ATOM   741 C CD    . GLN C 3 25 ? -2.754  -2.868  11.501  1.00 49.36 ? 163 GLN C CD    1 
ATOM   742 O OE1   . GLN C 3 25 ? -3.640  -3.662  11.193  1.00 54.84 ? 163 GLN C OE1   1 
ATOM   743 N NE2   . GLN C 3 25 ? -2.995  -1.579  11.736  1.00 49.39 ? 163 GLN C NE2   1 
ATOM   744 N N     . GLN C 3 26 ? 1.111   -1.425  9.388   1.00 37.61 ? 164 GLN C N     1 
ATOM   745 C CA    . GLN C 3 26 ? 1.817   -0.181  9.720   1.00 37.00 ? 164 GLN C CA    1 
ATOM   746 C C     . GLN C 3 26 ? 1.576   0.930   8.728   1.00 34.91 ? 164 GLN C C     1 
ATOM   747 O O     . GLN C 3 26 ? 1.286   2.057   9.106   1.00 34.22 ? 164 GLN C O     1 
ATOM   748 C CB    . GLN C 3 26 ? 3.325   -0.412  9.788   1.00 39.70 ? 164 GLN C CB    1 
ATOM   749 C CG    . GLN C 3 26 ? 4.109   0.879   9.814   1.00 41.45 ? 164 GLN C CG    1 
ATOM   750 C CD    . GLN C 3 26 ? 5.605   0.665   9.753   1.00 43.34 ? 164 GLN C CD    1 
ATOM   751 O OE1   . GLN C 3 26 ? 6.114   0.079   8.810   1.00 44.34 ? 164 GLN C OE1   1 
ATOM   752 N NE2   . GLN C 3 26 ? 6.315   1.149   10.761  1.00 43.83 ? 164 GLN C NE2   1 
ATOM   753 N N     . LEU C 3 27 ? 1.720   0.606   7.452   1.00 34.19 ? 165 LEU C N     1 
ATOM   754 C CA    . LEU C 3 27 ? 1.529   1.581   6.382   1.00 36.48 ? 165 LEU C CA    1 
ATOM   755 C C     . LEU C 3 27 ? 0.075   2.046   6.182   1.00 37.37 ? 165 LEU C C     1 
ATOM   756 O O     . LEU C 3 27 ? -0.177  3.043   5.497   1.00 38.53 ? 165 LEU C O     1 
ATOM   757 C CB    . LEU C 3 27 ? 2.072   1.010   5.065   1.00 36.52 ? 165 LEU C CB    1 
ATOM   758 C CG    . LEU C 3 27 ? 3.566   0.726   4.981   1.00 34.99 ? 165 LEU C CG    1 
ATOM   759 C CD1   . LEU C 3 27 ? 3.919   0.005   3.685   1.00 32.20 ? 165 LEU C CD1   1 
ATOM   760 C CD2   . LEU C 3 27 ? 4.273   2.038   5.067   1.00 34.18 ? 165 LEU C CD2   1 
ATOM   761 N N     . ALA C 3 28 ? -0.881  1.318   6.747   1.00 37.93 ? 166 ALA C N     1 
ATOM   762 C CA    . ALA C 3 28 ? -2.279  1.711   6.624   1.00 36.93 ? 166 ALA C CA    1 
ATOM   763 C C     . ALA C 3 28 ? -2.448  2.892   7.568   1.00 35.92 ? 166 ALA C C     1 
ATOM   764 O O     . ALA C 3 28 ? -3.053  3.909   7.229   1.00 36.81 ? 166 ALA C O     1 
ATOM   765 C CB    . ALA C 3 28 ? -3.181  0.578   7.045   1.00 38.06 ? 166 ALA C CB    1 
ATOM   766 N N     . ILE C 3 29 ? -1.866  2.752   8.753   1.00 34.00 ? 167 ILE C N     1 
ATOM   767 C CA    . ILE C 3 29 ? -1.931  3.777   9.782   1.00 32.42 ? 167 ILE C CA    1 
ATOM   768 C C     . ILE C 3 29 ? -1.206  5.016   9.355   1.00 32.32 ? 167 ILE C C     1 
ATOM   769 O O     . ILE C 3 29 ? -1.781  6.093   9.392   1.00 36.35 ? 167 ILE C O     1 
ATOM   770 C CB    . ILE C 3 29 ? -1.289  3.299   11.063  1.00 31.98 ? 167 ILE C CB    1 
ATOM   771 C CG1   . ILE C 3 29 ? -1.613  1.824   11.259  1.00 32.97 ? 167 ILE C CG1   1 
ATOM   772 C CG2   . ILE C 3 29 ? -1.810  4.111   12.231  1.00 29.96 ? 167 ILE C CG2   1 
ATOM   773 C CD1   . ILE C 3 29 ? -1.180  1.329   12.547  1.00 38.51 ? 167 ILE C CD1   1 
ATOM   774 N N     . ILE C 3 30 ? 0.063   4.870   8.965   1.00 30.03 ? 168 ILE C N     1 
ATOM   775 C CA    . ILE C 3 30 ? 0.852   6.018   8.520   1.00 30.17 ? 168 ILE C CA    1 
ATOM   776 C C     . ILE C 3 30 ? 0.189   6.790   7.377   1.00 30.65 ? 168 ILE C C     1 
ATOM   777 O O     . ILE C 3 30 ? 0.173   8.008   7.369   1.00 34.08 ? 168 ILE C O     1 
ATOM   778 C CB    . ILE C 3 30 ? 2.242   5.598   8.014   1.00 30.28 ? 168 ILE C CB    1 
ATOM   779 C CG1   . ILE C 3 30 ? 3.037   4.926   9.121   1.00 33.21 ? 168 ILE C CG1   1 
ATOM   780 C CG2   . ILE C 3 30 ? 3.014   6.813   7.548   1.00 26.83 ? 168 ILE C CG2   1 
ATOM   781 C CD1   . ILE C 3 30 ? 4.474   4.637   8.722   1.00 36.21 ? 168 ILE C CD1   1 
ATOM   782 N N     . PHE C 3 31 ? -0.365  6.086   6.404   1.00 30.18 ? 169 PHE C N     1 
ATOM   783 C CA    . PHE C 3 31 ? -0.952  6.765   5.278   1.00 30.11 ? 169 PHE C CA    1 
ATOM   784 C C     . PHE C 3 31 ? -2.450  6.950   5.373   1.00 30.47 ? 169 PHE C C     1 
ATOM   785 O O     . PHE C 3 31 ? -3.054  7.629   4.528   1.00 33.37 ? 169 PHE C O     1 
ATOM   786 C CB    . PHE C 3 31 ? -0.588  6.027   3.998   1.00 31.71 ? 169 PHE C CB    1 
ATOM   787 C CG    . PHE C 3 31 ? 0.869   6.125   3.640   1.00 36.58 ? 169 PHE C CG    1 
ATOM   788 C CD1   . PHE C 3 31 ? 1.726   5.071   3.859   1.00 40.17 ? 169 PHE C CD1   1 
ATOM   789 C CD2   . PHE C 3 31 ? 1.386   7.285   3.090   1.00 37.98 ? 169 PHE C CD2   1 
ATOM   790 C CE1   . PHE C 3 31 ? 3.082   5.179   3.531   1.00 40.89 ? 169 PHE C CE1   1 
ATOM   791 C CE2   . PHE C 3 31 ? 2.741   7.391   2.761   1.00 35.84 ? 169 PHE C CE2   1 
ATOM   792 C CZ    . PHE C 3 31 ? 3.580   6.342   2.981   1.00 38.07 ? 169 PHE C CZ    1 
ATOM   793 N N     . GLY C 3 32 ? -3.059  6.364   6.398   1.00 29.92 ? 170 GLY C N     1 
ATOM   794 C CA    . GLY C 3 32 ? -4.496  6.505   6.546   1.00 28.37 ? 170 GLY C CA    1 
ATOM   795 C C     . GLY C 3 32 ? -5.328  5.791   5.485   1.00 28.65 ? 170 GLY C C     1 
ATOM   796 O O     . GLY C 3 32 ? -6.151  6.424   4.824   1.00 29.54 ? 170 GLY C O     1 
ATOM   797 N N     . ILE C 3 33 ? -5.109  4.490   5.300   1.00 27.47 ? 171 ILE C N     1 
ATOM   798 C CA    . ILE C 3 33 ? -5.880  3.714   4.332   1.00 27.33 ? 171 ILE C CA    1 
ATOM   799 C C     . ILE C 3 33 ? -6.072  2.286   4.844   1.00 27.44 ? 171 ILE C C     1 
ATOM   800 O O     . ILE C 3 33 ? -5.223  1.748   5.549   1.00 26.85 ? 171 ILE C O     1 
ATOM   801 C CB    . ILE C 3 33 ? -5.199  3.664   2.966   1.00 27.09 ? 171 ILE C CB    1 
ATOM   802 C CG1   . ILE C 3 33 ? -4.004  2.731   3.008   1.00 29.00 ? 171 ILE C CG1   1 
ATOM   803 C CG2   . ILE C 3 33 ? -4.685  5.024   2.606   1.00 29.77 ? 171 ILE C CG2   1 
ATOM   804 C CD1   . ILE C 3 33 ? -3.269  2.676   1.706   1.00 27.11 ? 171 ILE C CD1   1 
ATOM   805 N N     . GLY C 3 34 ? -7.188  1.667   4.484   1.00 29.25 ? 172 GLY C N     1 
ATOM   806 C CA    . GLY C 3 34 ? -7.462  0.327   4.965   1.00 31.09 ? 172 GLY C CA    1 
ATOM   807 C C     . GLY C 3 34 ? -6.443  -0.712  4.571   1.00 31.49 ? 172 GLY C C     1 
ATOM   808 O O     . GLY C 3 34 ? -5.913  -0.664  3.493   1.00 31.79 ? 172 GLY C O     1 
ATOM   809 N N     . VAL C 3 35 ? -6.162  -1.665  5.444   1.00 31.52 ? 173 VAL C N     1 
ATOM   810 C CA    . VAL C 3 35 ? -5.210  -2.701  5.100   1.00 29.98 ? 173 VAL C CA    1 
ATOM   811 C C     . VAL C 3 35 ? -5.671  -3.430  3.857   1.00 30.06 ? 173 VAL C C     1 
ATOM   812 O O     . VAL C 3 35 ? -4.874  -3.615  2.934   1.00 31.05 ? 173 VAL C O     1 
ATOM   813 C CB    . VAL C 3 35 ? -5.054  -3.769  6.220   1.00 30.27 ? 173 VAL C CB    1 
ATOM   814 C CG1   . VAL C 3 35 ? -4.193  -4.931  5.721   1.00 31.39 ? 173 VAL C CG1   1 
ATOM   815 C CG2   . VAL C 3 35 ? -4.422  -3.151  7.457   1.00 28.97 ? 173 VAL C CG2   1 
ATOM   816 N N     . SER C 3 36 ? -6.951  -3.831  3.815   1.00 28.27 ? 174 SER C N     1 
ATOM   817 C CA    . SER C 3 36 ? -7.440  -4.602  2.663   1.00 26.03 ? 174 SER C CA    1 
ATOM   818 C C     . SER C 3 36 ? -7.167  -3.878  1.365   1.00 25.17 ? 174 SER C C     1 
ATOM   819 O O     . SER C 3 36 ? -6.846  -4.515  0.365   1.00 24.85 ? 174 SER C O     1 
ATOM   820 C CB    . SER C 3 36 ? -8.924  -4.996  2.811   1.00 23.67 ? 174 SER C CB    1 
ATOM   821 O OG    . SER C 3 36 ? -9.815  -3.966  2.477   1.00 26.92 ? 174 SER C OG    1 
ATOM   822 N N     . THR C 3 37 ? -7.244  -2.548  1.410   1.00 26.28 ? 175 THR C N     1 
ATOM   823 C CA    . THR C 3 37 ? -6.965  -1.658  0.269   1.00 26.17 ? 175 THR C CA    1 
ATOM   824 C C     . THR C 3 37 ? -5.517  -1.762  -0.161  1.00 26.99 ? 175 THR C C     1 
ATOM   825 O O     . THR C 3 37 ? -5.198  -1.504  -1.307  1.00 28.51 ? 175 THR C O     1 
ATOM   826 C CB    . THR C 3 37 ? -7.201  -0.211  0.643   1.00 24.50 ? 175 THR C CB    1 
ATOM   827 O OG1   . THR C 3 37 ? -8.562  -0.060  1.008   1.00 25.80 ? 175 THR C OG1   1 
ATOM   828 C CG2   . THR C 3 37 ? -6.893  0.707   -0.488  1.00 26.79 ? 175 THR C CG2   1 
ATOM   829 N N     . LEU C 3 38 ? -4.646  -2.120  0.773   1.00 28.32 ? 176 LEU C N     1 
ATOM   830 C CA    . LEU C 3 38 ? -3.236  -2.265  0.482   1.00 31.93 ? 176 LEU C CA    1 
ATOM   831 C C     . LEU C 3 38 ? -2.985  -3.568  -0.257  1.00 34.01 ? 176 LEU C C     1 
ATOM   832 O O     . LEU C 3 38 ? -2.093  -3.653  -1.120  1.00 35.50 ? 176 LEU C O     1 
ATOM   833 C CB    . LEU C 3 38 ? -2.418  -2.230  1.766   1.00 33.12 ? 176 LEU C CB    1 
ATOM   834 C CG    . LEU C 3 38 ? -2.296  -0.826  2.359   1.00 33.83 ? 176 LEU C CG    1 
ATOM   835 C CD1   . LEU C 3 38 ? -1.221  -0.766  3.479   1.00 32.00 ? 176 LEU C CD1   1 
ATOM   836 C CD2   . LEU C 3 38 ? -1.948  0.094   1.221   1.00 30.75 ? 176 LEU C CD2   1 
ATOM   837 N N     . TYR C 3 39 ? -3.765  -4.594  0.079   1.00 34.23 ? 177 TYR C N     1 
ATOM   838 C CA    . TYR C 3 39 ? -3.616  -5.867  -0.622  1.00 31.91 ? 177 TYR C CA    1 
ATOM   839 C C     . TYR C 3 39 ? -4.161  -5.772  -2.056  1.00 31.06 ? 177 TYR C C     1 
ATOM   840 O O     . TYR C 3 39 ? -3.662  -6.445  -2.947  1.00 32.15 ? 177 TYR C O     1 
ATOM   841 C CB    . TYR C 3 39 ? -4.326  -6.971  0.128   1.00 29.98 ? 177 TYR C CB    1 
ATOM   842 C CG    . TYR C 3 39 ? -3.545  -7.510  1.287   1.00 28.09 ? 177 TYR C CG    1 
ATOM   843 C CD1   . TYR C 3 39 ? -2.406  -8.290  1.096   1.00 24.74 ? 177 TYR C CD1   1 
ATOM   844 C CD2   . TYR C 3 39 ? -3.979  -7.291  2.569   1.00 27.18 ? 177 TYR C CD2   1 
ATOM   845 C CE1   . TYR C 3 39 ? -1.731  -8.840  2.166   1.00 25.89 ? 177 TYR C CE1   1 
ATOM   846 C CE2   . TYR C 3 39 ? -3.317  -7.829  3.640   1.00 27.71 ? 177 TYR C CE2   1 
ATOM   847 C CZ    . TYR C 3 39 ? -2.197  -8.600  3.443   1.00 25.79 ? 177 TYR C CZ    1 
ATOM   848 O OH    . TYR C 3 39 ? -1.568  -9.095  4.565   1.00 29.37 ? 177 TYR C OH    1 
ATOM   849 N N     . ARG C 3 40 ? -5.177  -4.939  -2.278  1.00 28.30 ? 178 ARG C N     1 
ATOM   850 C CA    . ARG C 3 40 ? -5.714  -4.778  -3.608  1.00 29.00 ? 178 ARG C CA    1 
ATOM   851 C C     . ARG C 3 40 ? -4.756  -4.019  -4.486  1.00 32.03 ? 178 ARG C C     1 
ATOM   852 O O     . ARG C 3 40 ? -4.468  -4.451  -5.581  1.00 37.44 ? 178 ARG C O     1 
ATOM   853 C CB    . ARG C 3 40 ? -7.011  -4.025  -3.571  1.00 27.68 ? 178 ARG C CB    1 
ATOM   854 C CG    . ARG C 3 40 ? -7.534  -3.679  -4.944  1.00 29.08 ? 178 ARG C CG    1 
ATOM   855 C CD    . ARG C 3 40 ? -9.028  -3.762  -4.903  1.00 30.66 ? 178 ARG C CD    1 
ATOM   856 N NE    . ARG C 3 40 ? -9.492  -3.305  -3.599  1.00 28.74 ? 178 ARG C NE    1 
ATOM   857 C CZ    . ARG C 3 40 ? -9.490  -2.034  -3.237  1.00 24.36 ? 178 ARG C CZ    1 
ATOM   858 N NH1   . ARG C 3 40 ? -9.916  -1.689  -2.032  1.00 23.18 ? 178 ARG C NH1   1 
ATOM   859 N NH2   . ARG C 3 40 ? -9.082  -1.119  -4.102  1.00 22.65 ? 178 ARG C NH2   1 
ATOM   860 N N     . TYR C 3 41 ? -4.280  -2.869  -4.028  1.00 32.95 ? 179 TYR C N     1 
ATOM   861 C CA    . TYR C 3 41 ? -3.330  -2.103  -4.814  1.00 33.29 ? 179 TYR C CA    1 
ATOM   862 C C     . TYR C 3 41 ? -2.020  -2.882  -4.972  1.00 33.91 ? 179 TYR C C     1 
ATOM   863 O O     . TYR C 3 41 ? -1.464  -2.962  -6.071  1.00 33.87 ? 179 TYR C O     1 
ATOM   864 C CB    . TYR C 3 41 ? -2.988  -0.780  -4.127  1.00 34.37 ? 179 TYR C CB    1 
ATOM   865 C CG    . TYR C 3 41 ? -3.894  0.395   -4.410  1.00 35.52 ? 179 TYR C CG    1 
ATOM   866 C CD1   . TYR C 3 41 ? -5.068  0.576   -3.698  1.00 35.76 ? 179 TYR C CD1   1 
ATOM   867 C CD2   . TYR C 3 41 ? -3.538  1.354   -5.361  1.00 34.55 ? 179 TYR C CD2   1 
ATOM   868 C CE1   . TYR C 3 41 ? -5.872  1.693   -3.916  1.00 35.29 ? 179 TYR C CE1   1 
ATOM   869 C CE2   . TYR C 3 41 ? -4.325  2.471   -5.591  1.00 33.65 ? 179 TYR C CE2   1 
ATOM   870 C CZ    . TYR C 3 41 ? -5.492  2.645   -4.864  1.00 34.61 ? 179 TYR C CZ    1 
ATOM   871 O OH    . TYR C 3 41 ? -6.257  3.792   -5.034  1.00 33.50 ? 179 TYR C OH    1 
ATOM   872 N N     . PHE C 3 42 ? -1.528  -3.443  -3.863  1.00 33.08 ? 180 PHE C N     1 
ATOM   873 C CA    . PHE C 3 42 ? -0.258  -4.176  -3.874  1.00 34.06 ? 180 PHE C CA    1 
ATOM   874 C C     . PHE C 3 42 ? -0.328  -5.617  -3.388  1.00 35.18 ? 180 PHE C C     1 
ATOM   875 O O     . PHE C 3 42 ? 0.180   -5.935  -2.305  1.00 36.29 ? 180 PHE C O     1 
ATOM   876 C CB    . PHE C 3 42 ? 0.788   -3.439  -3.027  1.00 32.97 ? 180 PHE C CB    1 
ATOM   877 C CG    . PHE C 3 42 ? 0.846   -1.964  -3.289  1.00 33.77 ? 180 PHE C CG    1 
ATOM   878 C CD1   . PHE C 3 42 ? 0.189   -1.076  -2.464  1.00 36.55 ? 180 PHE C CD1   1 
ATOM   879 C CD2   . PHE C 3 42 ? 1.541   -1.466  -4.372  1.00 33.83 ? 180 PHE C CD2   1 
ATOM   880 C CE1   . PHE C 3 42 ? 0.227   0.286   -2.714  1.00 37.44 ? 180 PHE C CE1   1 
ATOM   881 C CE2   . PHE C 3 42 ? 1.578   -0.117  -4.622  1.00 34.28 ? 180 PHE C CE2   1 
ATOM   882 C CZ    . PHE C 3 42 ? 0.918   0.759   -3.790  1.00 35.88 ? 180 PHE C CZ    1 
ATOM   883 N N     . PRO C 3 43 ? -0.912  -6.517  -4.198  1.00 36.74 ? 181 PRO C N     1 
ATOM   884 C CA    . PRO C 3 43 ? -1.042  -7.934  -3.843  1.00 38.33 ? 181 PRO C CA    1 
ATOM   885 C C     . PRO C 3 43 ? 0.286   -8.477  -3.344  1.00 41.35 ? 181 PRO C C     1 
ATOM   886 O O     . PRO C 3 43 ? 1.342   -8.005  -3.771  1.00 41.59 ? 181 PRO C O     1 
ATOM   887 C CB    . PRO C 3 43 ? -1.469  -8.568  -5.149  1.00 37.66 ? 181 PRO C CB    1 
ATOM   888 C CG    . PRO C 3 43 ? -2.263  -7.470  -5.809  1.00 36.61 ? 181 PRO C CG    1 
ATOM   889 C CD    . PRO C 3 43 ? -1.363  -6.288  -5.579  1.00 34.96 ? 181 PRO C CD    1 
ATOM   890 N N     . ALA C 3 44 ? 0.240   -9.455  -2.440  1.00 43.71 ? 182 ALA C N     1 
ATOM   891 C CA    . ALA C 3 44 ? 1.462   -10.041 -1.875  1.00 45.00 ? 182 ALA C CA    1 
ATOM   892 C C     . ALA C 3 44 ? 2.222   -10.775 -2.958  1.00 45.72 ? 182 ALA C C     1 
ATOM   893 O O     . ALA C 3 44 ? 3.433   -10.950 -2.865  1.00 46.57 ? 182 ALA C O     1 
ATOM   894 C CB    . ALA C 3 44 ? 1.123   -11.002 -0.740  1.00 43.23 ? 182 ALA C CB    1 
ATOM   895 N N     . SER C 3 45 ? 1.485   -11.192 -3.986  1.00 46.84 ? 183 SER C N     1 
ATOM   896 C CA    . SER C 3 45 ? 2.025   -11.921 -5.129  1.00 47.71 ? 183 SER C CA    1 
ATOM   897 C C     . SER C 3 45 ? 2.858   -11.029 -6.029  1.00 47.66 ? 183 SER C C     1 
ATOM   898 O O     . SER C 3 45 ? 3.687   -11.518 -6.794  1.00 48.47 ? 183 SER C O     1 
ATOM   899 C CB    . SER C 3 45 ? 0.892   -12.472 -5.975  1.00 48.59 ? 183 SER C CB    1 
ATOM   900 O OG    . SER C 3 45 ? 0.291   -11.414 -6.706  1.00 49.67 ? 183 SER C OG    1 
ATOM   901 N N     . SER C 3 46 ? 2.611   -9.723  -5.971  1.00 47.77 ? 184 SER C N     1 
ATOM   902 C CA    . SER C 3 46 ? 3.351   -8.791  -6.813  1.00 47.57 ? 184 SER C CA    1 
ATOM   903 C C     . SER C 3 46 ? 4.425   -8.069  -6.039  1.00 47.56 ? 184 SER C C     1 
ATOM   904 O O     . SER C 3 46 ? 4.950   -7.074  -6.504  1.00 48.62 ? 184 SER C O     1 
ATOM   905 C CB    . SER C 3 46 ? 2.409   -7.763  -7.447  1.00 48.28 ? 184 SER C CB    1 
ATOM   906 O OG    . SER C 3 46 ? 1.968   -6.805  -6.506  1.00 46.91 ? 184 SER C OG    1 
ATOM   907 N N     . ILE C 3 47 ? 4.743   -8.568  -4.852  1.00 48.39 ? 185 ILE C N     1 
ATOM   908 C CA    . ILE C 3 47 ? 5.774   -7.953  -4.032  1.00 50.98 ? 185 ILE C CA    1 
ATOM   909 C C     . ILE C 3 47 ? 6.930   -8.914  -3.792  1.00 55.68 ? 185 ILE C C     1 
ATOM   910 O O     . ILE C 3 47 ? 8.090   -8.490  -3.732  1.00 58.69 ? 185 ILE C O     1 
ATOM   911 C CB    . ILE C 3 47 ? 5.189   -7.436  -2.700  1.00 48.67 ? 185 ILE C CB    1 
ATOM   912 C CG1   . ILE C 3 47 ? 4.895   -5.945  -2.840  1.00 46.84 ? 185 ILE C CG1   1 
ATOM   913 C CG2   . ILE C 3 47 ? 6.149   -7.658  -1.556  1.00 46.86 ? 185 ILE C CG2   1 
ATOM   914 C CD1   . ILE C 3 47 ? 3.546   -5.527  -2.315  1.00 50.44 ? 185 ILE C CD1   1 
ATOM   915 N N     . LYS C 3 48 ? 6.623   -10.205 -3.680  1.00 59.87 ? 186 LYS C N     1 
ATOM   916 C CA    . LYS C 3 48 ? 7.648   -11.239 -3.478  1.00 62.63 ? 186 LYS C CA    1 
ATOM   917 C C     . LYS C 3 48 ? 8.718   -11.103 -4.581  1.00 62.96 ? 186 LYS C C     1 
ATOM   918 O O     . LYS C 3 48 ? 9.752   -11.799 -4.586  1.00 60.78 ? 186 LYS C O     1 
ATOM   919 C CB    . LYS C 3 48 ? 6.983   -12.626 -3.519  1.00 64.61 ? 186 LYS C CB    1 
ATOM   920 C CG    . LYS C 3 48 ? 5.810   -12.711 -2.540  1.00 65.33 ? 186 LYS C CG    1 
ATOM   921 C CD    . LYS C 3 48 ? 5.163   -14.079 -2.468  1.00 65.41 ? 186 LYS C CD    1 
ATOM   922 C CE    . LYS C 3 48 ? 3.959   -14.035 -1.527  1.00 66.23 ? 186 LYS C CE    1 
ATOM   923 N NZ    . LYS C 3 48 ? 3.374   -15.381 -1.266  1.00 66.87 ? 186 LYS C NZ    1 
ATOM   924 N N     . LYS C 3 49 ? 8.440   -10.187 -5.509  1.00 62.56 ? 187 LYS C N     1 
ATOM   925 C CA    . LYS C 3 49 ? 9.335   -9.876  -6.614  1.00 62.41 ? 187 LYS C CA    1 
ATOM   926 C C     . LYS C 3 49 ? 9.707   -8.387  -6.586  1.00 61.86 ? 187 LYS C C     1 
ATOM   927 O O     . LYS C 3 49 ? 10.047  -7.892  -5.489  1.00 62.97 ? 187 LYS C O     1 
HETATM 928 O O     . HOH D 4 .  ? -20.633 4.342   -17.603 1.00 48.27 ? 205 HOH A O     1 
HETATM 929 O O     . HOH D 4 .  ? -8.590  -3.638  6.387   1.00 28.76 ? 206 HOH A O     1 
HETATM 930 O O     . HOH E 4 .  ? -6.614  -12.673 10.712  1.00 19.94 ? 204 HOH B O     1 
HETATM 931 O O     . HOH E 4 .  ? -7.326  -18.121 -4.699  1.00 20.57 ? 207 HOH B O     1 
HETATM 932 O O     . HOH E 4 .  ? -18.424 17.036  -2.581  1.00 22.81 ? 208 HOH B O     1 
HETATM 933 O O     . HOH E 4 .  ? -19.683 -3.996  5.351   1.00 22.41 ? 210 HOH B O     1 
HETATM 934 O O     . HOH E 4 .  ? -5.497  -16.566 -0.040  1.00 33.54 ? 211 HOH B O     1 
HETATM 935 O O     . HOH E 4 .  ? 4.829   -14.798 6.536   0.50 10.00 ? 212 HOH B O     1 
HETATM 936 O O     . HOH F 4 .  ? -1.267  -6.557  -8.999  1.00 46.72 ? 201 HOH C O     1 
HETATM 937 O O     . HOH F 4 .  ? 1.276   -3.735  -7.607  1.00 34.60 ? 202 HOH C O     1 
HETATM 938 O O     . HOH F 4 .  ? -6.805  -1.541  8.297   1.00 30.89 ? 203 HOH C O     1 
HETATM 939 O O     . HOH F 4 .  ? 15.791  -3.765  3.719   1.00 34.65 ? 209 HOH C O     1 
# 
